data_1A1I
# 
_entry.id   1A1I 
# 
_audit_conform.dict_name       mmcif_pdbx.dic 
_audit_conform.dict_version    5.375 
_audit_conform.dict_location   http://mmcif.pdb.org/dictionaries/ascii/mmcif_pdbx.dic 
# 
loop_
_database_2.database_id 
_database_2.database_code 
_database_2.pdbx_database_accession 
_database_2.pdbx_DOI 
PDB   1A1I         pdb_00001a1i 10.2210/pdb1a1i/pdb 
RCSB  PDT059       ?            ?                   
WWPDB D_1000170276 ?            ?                   
# 
_pdbx_database_status.status_code                     REL 
_pdbx_database_status.entry_id                        1A1I 
_pdbx_database_status.recvd_initial_deposition_date   1997-12-10 
_pdbx_database_status.deposit_site                    BNL 
_pdbx_database_status.process_site                    NDB 
_pdbx_database_status.SG_entry                        . 
_pdbx_database_status.pdb_format_compatible           Y 
_pdbx_database_status.status_code_mr                  ? 
_pdbx_database_status.status_code_sf                  ? 
_pdbx_database_status.status_code_cs                  ? 
_pdbx_database_status.status_code_nmr_data            ? 
_pdbx_database_status.methods_development_category    ? 
# 
loop_
_audit_author.name 
_audit_author.pdbx_ordinal 
'Elrod-Erickson, M.' 1 
'Benson, T.E.'       2 
'Pabo, C.O.'         3 
# 
loop_
_citation.id 
_citation.title 
_citation.journal_abbrev 
_citation.journal_volume 
_citation.page_first 
_citation.page_last 
_citation.year 
_citation.journal_id_ASTM 
_citation.country 
_citation.journal_id_ISSN 
_citation.journal_id_CSD 
_citation.book_publisher 
_citation.pdbx_database_id_PubMed 
_citation.pdbx_database_id_DOI 
primary 'High-resolution structures of variant Zif268-DNA complexes: implications for understanding zinc finger-DNA recognition.' 
Structure 6   451  464  1998 STRUE6 UK 0969-2126 2005 ? 9562555 '10.1016/S0969-2126(98)00047-1' 
1       'Zif268 Protein-DNA Complex Refined at 1.6 A: A Model System for Understanding Zinc Finger-DNA Interactions'              
Structure 4   1171 1180 1996 STRUE6 UK 0969-2126 2005 ? ?       ?                               
2       'Zinc Finger Phage: Affinity Selection of Fingers with New DNA-Binding Specificities'                                     
Science   263 671  673  1994 SCIEAS US 0036-8075 0038 ? ?       ?                               
3       'Zinc Finger-DNA Recognition: Crystal Structure of a Zif268-DNA Complex at 2.1 A'                                         
Science   252 809  817  1991 SCIEAS US 0036-8075 0038 ? ?       ?                               
# 
loop_
_citation_author.citation_id 
_citation_author.name 
_citation_author.ordinal 
_citation_author.identifier_ORCID 
primary 'Elrod-Erickson, M.' 1  ? 
primary 'Benson, T.E.'       2  ? 
primary 'Pabo, C.O.'         3  ? 
1       'Elrod-Erickson, M.' 4  ? 
1       'Rould, M.A.'        5  ? 
1       'Nekludova, L.'      6  ? 
1       'Pabo, C.O.'         7  ? 
2       'Rebar, E.J.'        8  ? 
2       'Pabo, C.O.'         9  ? 
3       'Pavletich, N.P.'    10 ? 
3       'Pabo, C.O.'         11 ? 
# 
_cell.entry_id           1A1I 
_cell.length_a           43.200 
_cell.length_b           56.300 
_cell.length_c           133.800 
_cell.angle_alpha        90.00 
_cell.angle_beta         90.00 
_cell.angle_gamma        90.00 
_cell.Z_PDB              8 
_cell.pdbx_unique_axis   ? 
# 
_symmetry.entry_id                         1A1I 
_symmetry.space_group_name_H-M             'C 2 2 21' 
_symmetry.pdbx_full_space_group_name_H-M   ? 
_symmetry.cell_setting                     orthorhombic 
_symmetry.Int_Tables_number                20 
# 
loop_
_entity.id 
_entity.type 
_entity.src_method 
_entity.pdbx_description 
_entity.formula_weight 
_entity.pdbx_number_of_molecules 
_entity.pdbx_ec 
_entity.pdbx_mutation 
_entity.pdbx_fragment 
_entity.details 
1 polymer     syn 
;DNA (5'-D(*AP*GP*CP*GP*TP*GP*GP*GP*CP*AP*C)-3')
;
3399.223  1   ? ? ? ? 
2 polymer     syn 
;DNA (5'-D(*TP*GP*TP*GP*CP*CP*CP*AP*CP*GP*C)-3')
;
3310.161  1   ? ? ? ? 
3 polymer     man 'RADR ZIF268 ZINC FINGER PEPTIDE'                 10795.463 1   ? ? ? ? 
4 non-polymer syn 'ZINC ION'                                        65.409    3   ? ? ? ? 
5 water       nat water                                             18.015    255 ? ? ? ? 
# 
_entity_name_com.entity_id   5 
_entity_name_com.name        WATER 
# 
loop_
_entity_poly.entity_id 
_entity_poly.type 
_entity_poly.nstd_linkage 
_entity_poly.nstd_monomer 
_entity_poly.pdbx_seq_one_letter_code 
_entity_poly.pdbx_seq_one_letter_code_can 
_entity_poly.pdbx_strand_id 
_entity_poly.pdbx_target_identifier 
1 polydeoxyribonucleotide no no '(DA)(DG)(DC)(DG)(DT)(DG)(DG)(DG)(DC)(DA)(DC)'                                                
AGCGTGGGCAC                                                                                   B ? 
2 polydeoxyribonucleotide no no '(DT)(DG)(DT)(DG)(DC)(DC)(DC)(DA)(DC)(DG)(DC)'                                                
TGTGCCCACGC                                                                                   C ? 
3 'polypeptide(L)'        no no 
;MERPYACPVESCDRRFSRSADLTRHIRIHTGQKPFQCRICMRNFSRSDHLTTHIRTHTGEKPFACDICGRKFARSDERKR
HTKIHLRQKD
;
;MERPYACPVESCDRRFSRSADLTRHIRIHTGQKPFQCRICMRNFSRSDHLTTHIRTHTGEKPFACDICGRKFARSDERKR
HTKIHLRQKD
;
A ? 
# 
loop_
_entity_poly_seq.entity_id 
_entity_poly_seq.num 
_entity_poly_seq.mon_id 
_entity_poly_seq.hetero 
1 1  DA  n 
1 2  DG  n 
1 3  DC  n 
1 4  DG  n 
1 5  DT  n 
1 6  DG  n 
1 7  DG  n 
1 8  DG  n 
1 9  DC  n 
1 10 DA  n 
1 11 DC  n 
2 1  DT  n 
2 2  DG  n 
2 3  DT  n 
2 4  DG  n 
2 5  DC  n 
2 6  DC  n 
2 7  DC  n 
2 8  DA  n 
2 9  DC  n 
2 10 DG  n 
2 11 DC  n 
3 1  MET n 
3 2  GLU n 
3 3  ARG n 
3 4  PRO n 
3 5  TYR n 
3 6  ALA n 
3 7  CYS n 
3 8  PRO n 
3 9  VAL n 
3 10 GLU n 
3 11 SER n 
3 12 CYS n 
3 13 ASP n 
3 14 ARG n 
3 15 ARG n 
3 16 PHE n 
3 17 SER n 
3 18 ARG n 
3 19 SER n 
3 20 ALA n 
3 21 ASP n 
3 22 LEU n 
3 23 THR n 
3 24 ARG n 
3 25 HIS n 
3 26 ILE n 
3 27 ARG n 
3 28 ILE n 
3 29 HIS n 
3 30 THR n 
3 31 GLY n 
3 32 GLN n 
3 33 LYS n 
3 34 PRO n 
3 35 PHE n 
3 36 GLN n 
3 37 CYS n 
3 38 ARG n 
3 39 ILE n 
3 40 CYS n 
3 41 MET n 
3 42 ARG n 
3 43 ASN n 
3 44 PHE n 
3 45 SER n 
3 46 ARG n 
3 47 SER n 
3 48 ASP n 
3 49 HIS n 
3 50 LEU n 
3 51 THR n 
3 52 THR n 
3 53 HIS n 
3 54 ILE n 
3 55 ARG n 
3 56 THR n 
3 57 HIS n 
3 58 THR n 
3 59 GLY n 
3 60 GLU n 
3 61 LYS n 
3 62 PRO n 
3 63 PHE n 
3 64 ALA n 
3 65 CYS n 
3 66 ASP n 
3 67 ILE n 
3 68 CYS n 
3 69 GLY n 
3 70 ARG n 
3 71 LYS n 
3 72 PHE n 
3 73 ALA n 
3 74 ARG n 
3 75 SER n 
3 76 ASP n 
3 77 GLU n 
3 78 ARG n 
3 79 LYS n 
3 80 ARG n 
3 81 HIS n 
3 82 THR n 
3 83 LYS n 
3 84 ILE n 
3 85 HIS n 
3 86 LEU n 
3 87 ARG n 
3 88 GLN n 
3 89 LYS n 
3 90 ASP n 
# 
_entity_src_gen.entity_id                          3 
_entity_src_gen.pdbx_src_id                        1 
_entity_src_gen.pdbx_alt_source_flag               sample 
_entity_src_gen.pdbx_seq_type                      ? 
_entity_src_gen.pdbx_beg_seq_num                   ? 
_entity_src_gen.pdbx_end_seq_num                   ? 
_entity_src_gen.gene_src_common_name               'house mouse' 
_entity_src_gen.gene_src_genus                     Mus 
_entity_src_gen.pdbx_gene_src_gene                 ? 
_entity_src_gen.gene_src_species                   ? 
_entity_src_gen.gene_src_strain                    ? 
_entity_src_gen.gene_src_tissue                    ? 
_entity_src_gen.gene_src_tissue_fraction           ? 
_entity_src_gen.gene_src_details                   ? 
_entity_src_gen.pdbx_gene_src_fragment             ? 
_entity_src_gen.pdbx_gene_src_scientific_name      'Mus musculus' 
_entity_src_gen.pdbx_gene_src_ncbi_taxonomy_id     10090 
_entity_src_gen.pdbx_gene_src_variant              ? 
_entity_src_gen.pdbx_gene_src_cell_line            ? 
_entity_src_gen.pdbx_gene_src_atcc                 ? 
_entity_src_gen.pdbx_gene_src_organ                ? 
_entity_src_gen.pdbx_gene_src_organelle            ? 
_entity_src_gen.pdbx_gene_src_cell                 ? 
_entity_src_gen.pdbx_gene_src_cellular_location    ? 
_entity_src_gen.host_org_common_name               ? 
_entity_src_gen.pdbx_host_org_scientific_name      'Escherichia coli BL21(DE3)' 
_entity_src_gen.pdbx_host_org_ncbi_taxonomy_id     469008 
_entity_src_gen.host_org_genus                     Escherichia 
_entity_src_gen.pdbx_host_org_gene                 ? 
_entity_src_gen.pdbx_host_org_organ                ? 
_entity_src_gen.host_org_species                   'Escherichia coli' 
_entity_src_gen.pdbx_host_org_tissue               ? 
_entity_src_gen.pdbx_host_org_tissue_fraction      ? 
_entity_src_gen.pdbx_host_org_strain               'BL21 (DE3)' 
_entity_src_gen.pdbx_host_org_variant              ? 
_entity_src_gen.pdbx_host_org_cell_line            ? 
_entity_src_gen.pdbx_host_org_atcc                 ? 
_entity_src_gen.pdbx_host_org_culture_collection   ? 
_entity_src_gen.pdbx_host_org_cell                 ? 
_entity_src_gen.pdbx_host_org_organelle            ? 
_entity_src_gen.pdbx_host_org_cellular_location    ? 
_entity_src_gen.pdbx_host_org_vector_type          ? 
_entity_src_gen.pdbx_host_org_vector               ? 
_entity_src_gen.host_org_details                   ? 
_entity_src_gen.expression_system_id               ? 
_entity_src_gen.plasmid_name                       PRADR 
_entity_src_gen.plasmid_details                    ? 
_entity_src_gen.pdbx_description                   ? 
# 
loop_
_struct_ref.id 
_struct_ref.db_name 
_struct_ref.db_code 
_struct_ref.entity_id 
_struct_ref.pdbx_seq_one_letter_code 
_struct_ref.pdbx_align_begin 
_struct_ref.pdbx_db_accession 
_struct_ref.pdbx_db_isoform 
1 UNP EGR1_MOUSE 3 ? ? P08046 ? 
2 PDB 1A1I       1 ? ? 1A1I   ? 
3 PDB 1A1I       2 ? ? 1A1I   ? 
# 
loop_
_struct_ref_seq.align_id 
_struct_ref_seq.ref_id 
_struct_ref_seq.pdbx_PDB_id_code 
_struct_ref_seq.pdbx_strand_id 
_struct_ref_seq.seq_align_beg 
_struct_ref_seq.pdbx_seq_align_beg_ins_code 
_struct_ref_seq.seq_align_end 
_struct_ref_seq.pdbx_seq_align_end_ins_code 
_struct_ref_seq.pdbx_db_accession 
_struct_ref_seq.db_align_beg 
_struct_ref_seq.pdbx_db_align_beg_ins_code 
_struct_ref_seq.db_align_end 
_struct_ref_seq.pdbx_db_align_end_ins_code 
_struct_ref_seq.pdbx_auth_seq_align_beg 
_struct_ref_seq.pdbx_auth_seq_align_end 
1 1 1A1I A 2 ? 90 ? P08046 308 ? 396 ? 102 190 
2 2 1A1I B 1 ? 11 ? 1A1I   1   ? 11  ? 1   11  
3 3 1A1I C 1 ? 11 ? 1A1I   51  ? 61  ? 51  61  
# 
loop_
_struct_ref_seq_dif.align_id 
_struct_ref_seq_dif.pdbx_pdb_id_code 
_struct_ref_seq_dif.mon_id 
_struct_ref_seq_dif.pdbx_pdb_strand_id 
_struct_ref_seq_dif.seq_num 
_struct_ref_seq_dif.pdbx_pdb_ins_code 
_struct_ref_seq_dif.pdbx_seq_db_name 
_struct_ref_seq_dif.pdbx_seq_db_accession_code 
_struct_ref_seq_dif.db_mon_id 
_struct_ref_seq_dif.pdbx_seq_db_seq_num 
_struct_ref_seq_dif.details 
_struct_ref_seq_dif.pdbx_auth_seq_num 
_struct_ref_seq_dif.pdbx_ordinal 
1 1A1I ALA A 20 ? UNP P08046 ASP 326 variant 120 1 
1 1A1I ASP A 21 ? UNP P08046 GLU 327 variant 121 2 
# 
loop_
_chem_comp.id 
_chem_comp.type 
_chem_comp.mon_nstd_flag 
_chem_comp.name 
_chem_comp.pdbx_synonyms 
_chem_comp.formula 
_chem_comp.formula_weight 
ALA 'L-peptide linking' y ALANINE                              ? 'C3 H7 N O2'      89.093  
ARG 'L-peptide linking' y ARGININE                             ? 'C6 H15 N4 O2 1'  175.209 
ASN 'L-peptide linking' y ASPARAGINE                           ? 'C4 H8 N2 O3'     132.118 
ASP 'L-peptide linking' y 'ASPARTIC ACID'                      ? 'C4 H7 N O4'      133.103 
CYS 'L-peptide linking' y CYSTEINE                             ? 'C3 H7 N O2 S'    121.158 
DA  'DNA linking'       y "2'-DEOXYADENOSINE-5'-MONOPHOSPHATE" ? 'C10 H14 N5 O6 P' 331.222 
DC  'DNA linking'       y "2'-DEOXYCYTIDINE-5'-MONOPHOSPHATE"  ? 'C9 H14 N3 O7 P'  307.197 
DG  'DNA linking'       y "2'-DEOXYGUANOSINE-5'-MONOPHOSPHATE" ? 'C10 H14 N5 O7 P' 347.221 
DT  'DNA linking'       y "THYMIDINE-5'-MONOPHOSPHATE"         ? 'C10 H15 N2 O8 P' 322.208 
GLN 'L-peptide linking' y GLUTAMINE                            ? 'C5 H10 N2 O3'    146.144 
GLU 'L-peptide linking' y 'GLUTAMIC ACID'                      ? 'C5 H9 N O4'      147.129 
GLY 'peptide linking'   y GLYCINE                              ? 'C2 H5 N O2'      75.067  
HIS 'L-peptide linking' y HISTIDINE                            ? 'C6 H10 N3 O2 1'  156.162 
HOH non-polymer         . WATER                                ? 'H2 O'            18.015  
ILE 'L-peptide linking' y ISOLEUCINE                           ? 'C6 H13 N O2'     131.173 
LEU 'L-peptide linking' y LEUCINE                              ? 'C6 H13 N O2'     131.173 
LYS 'L-peptide linking' y LYSINE                               ? 'C6 H15 N2 O2 1'  147.195 
MET 'L-peptide linking' y METHIONINE                           ? 'C5 H11 N O2 S'   149.211 
PHE 'L-peptide linking' y PHENYLALANINE                        ? 'C9 H11 N O2'     165.189 
PRO 'L-peptide linking' y PROLINE                              ? 'C5 H9 N O2'      115.130 
SER 'L-peptide linking' y SERINE                               ? 'C3 H7 N O3'      105.093 
THR 'L-peptide linking' y THREONINE                            ? 'C4 H9 N O3'      119.119 
TYR 'L-peptide linking' y TYROSINE                             ? 'C9 H11 N O3'     181.189 
VAL 'L-peptide linking' y VALINE                               ? 'C5 H11 N O2'     117.146 
ZN  non-polymer         . 'ZINC ION'                           ? 'Zn 2'            65.409  
# 
_exptl.entry_id          1A1I 
_exptl.method            'X-RAY DIFFRACTION' 
_exptl.crystals_number   1 
# 
_exptl_crystal.id                    1 
_exptl_crystal.density_meas          ? 
_exptl_crystal.density_Matthews      2.32 
_exptl_crystal.density_percent_sol   47.07 
_exptl_crystal.description           ? 
# 
_exptl_crystal_grow.crystal_id      1 
_exptl_crystal_grow.method          'VAPOR DIFFUSION, HANGING DROP' 
_exptl_crystal_grow.temp            ? 
_exptl_crystal_grow.temp_details    ? 
_exptl_crystal_grow.pH              6.2 
_exptl_crystal_grow.pdbx_details    '22.5% PEG 3350, 500MM NACL, 25 MM MES PH 6.2, VAPOR DIFFUSION, HANGING DROP' 
_exptl_crystal_grow.pdbx_pH_range   ? 
# 
loop_
_exptl_crystal_grow_comp.crystal_id 
_exptl_crystal_grow_comp.id 
_exptl_crystal_grow_comp.sol_id 
_exptl_crystal_grow_comp.name 
_exptl_crystal_grow_comp.volume 
_exptl_crystal_grow_comp.conc 
_exptl_crystal_grow_comp.details 
1 1 1 NACL       ? ? ? 
1 2 1 MES        ? ? ? 
1 3 1 'PEG 3350' ? ? ? 
1 4 2 NACL       ? ? ? 
1 5 2 MES        ? ? ? 
1 6 2 'PEG 3350' ? ? ? 
# 
_diffrn.id                     1 
_diffrn.ambient_temp           130.00 
_diffrn.ambient_temp_details   ? 
_diffrn.crystal_id             1 
# 
_diffrn_detector.diffrn_id              1 
_diffrn_detector.detector               'IMAGE PLATE' 
_diffrn_detector.type                   'RIGAKU RAXIS IIC' 
_diffrn_detector.pdbx_collection_date   1995-07-15 
_diffrn_detector.details                'YALE MIRRORS' 
# 
_diffrn_radiation.diffrn_id                        1 
_diffrn_radiation.wavelength_id                    1 
_diffrn_radiation.pdbx_monochromatic_or_laue_m_l   M 
_diffrn_radiation.monochromator                    'YALE MIRRORS' 
_diffrn_radiation.pdbx_diffrn_protocol             ? 
_diffrn_radiation.pdbx_scattering_type             x-ray 
# 
_diffrn_radiation_wavelength.id           1 
_diffrn_radiation_wavelength.wavelength   . 
_diffrn_radiation_wavelength.wt           1.0 
# 
_diffrn_source.diffrn_id                   1 
_diffrn_source.source                      'ROTATING ANODE' 
_diffrn_source.type                        'RIGAKU RU200' 
_diffrn_source.pdbx_synchrotron_site       ? 
_diffrn_source.pdbx_synchrotron_beamline   ? 
_diffrn_source.pdbx_wavelength             ? 
_diffrn_source.pdbx_wavelength_list        ? 
# 
_reflns.entry_id                     1A1I 
_reflns.observed_criterion_sigma_I   -2.000 
_reflns.observed_criterion_sigma_F   ? 
_reflns.d_resolution_low             20.000 
_reflns.d_resolution_high            1.600 
_reflns.number_obs                   21212 
_reflns.number_all                   ? 
_reflns.percent_possible_obs         96.400 
_reflns.pdbx_Rmerge_I_obs            ? 
_reflns.pdbx_Rsym_value              0.0490000 
_reflns.pdbx_netI_over_sigmaI        27.8000 
_reflns.B_iso_Wilson_estimate        ? 
_reflns.pdbx_redundancy              2.100 
_reflns.pdbx_diffrn_id               1 
_reflns.pdbx_ordinal                 1 
# 
_reflns_shell.d_res_high             1.600 
_reflns_shell.d_res_low              1.660 
_reflns_shell.percent_possible_all   89.90 
_reflns_shell.Rmerge_I_obs           ? 
_reflns_shell.pdbx_Rsym_value        0.1090000 
_reflns_shell.meanI_over_sigI_obs    9.200 
_reflns_shell.pdbx_redundancy        1.700 
_reflns_shell.pdbx_diffrn_id         ? 
_reflns_shell.pdbx_ordinal           1 
# 
_refine.entry_id                                 1A1I 
_refine.ls_number_reflns_obs                     21186 
_refine.ls_number_reflns_all                     ? 
_refine.pdbx_ls_sigma_I                          ? 
_refine.pdbx_ls_sigma_F                          0.000 
_refine.pdbx_data_cutoff_high_absF               100000.000 
_refine.pdbx_data_cutoff_low_absF                0.0000 
_refine.pdbx_data_cutoff_high_rms_absF           ? 
_refine.ls_d_res_low                             20.000 
_refine.ls_d_res_high                            1.600 
_refine.ls_percent_reflns_obs                    96.400 
_refine.ls_R_factor_obs                          0.1910000 
_refine.ls_R_factor_all                          ? 
_refine.ls_R_factor_R_work                       0.1910000 
_refine.ls_R_factor_R_free                       0.2160000 
_refine.ls_R_factor_R_free_error                 0.004 
_refine.ls_R_factor_R_free_error_details         ? 
_refine.ls_percent_reflns_R_free                 11.400 
_refine.ls_number_reflns_R_free                  2418 
_refine.ls_number_parameters                     ? 
_refine.ls_number_restraints                     ? 
_refine.occupancy_min                            ? 
_refine.occupancy_max                            ? 
_refine.B_iso_mean                               14.80 
_refine.aniso_B[1][1]                            -2.530 
_refine.aniso_B[2][2]                            2.0000 
_refine.aniso_B[3][3]                            2.3720 
_refine.aniso_B[1][2]                            0.0000 
_refine.aniso_B[1][3]                            0.0000 
_refine.aniso_B[2][3]                            0.0000 
_refine.solvent_model_details                    ? 
_refine.solvent_model_param_ksol                 ? 
_refine.solvent_model_param_bsol                 ? 
_refine.pdbx_ls_cross_valid_method               THROUGHOUT 
_refine.details                                  ? 
_refine.pdbx_starting_model                      'PDB ENTRY 1AAY, WITHOUT WATERS AND WITHOUT SIDE CHAINS FOR RESIDUES 18 - 24' 
_refine.pdbx_method_to_determine_struct          'ISOMORPHOUS MOLECULAR REPLACEMENT' 
_refine.pdbx_isotropic_thermal_model             'RESTRAINED INDIVIDUAL' 
_refine.pdbx_stereochemistry_target_values       ? 
_refine.pdbx_stereochem_target_val_spec_case     ? 
_refine.pdbx_R_Free_selection_details            RANDOM 
_refine.pdbx_overall_ESU_R                       ? 
_refine.pdbx_overall_ESU_R_Free                  ? 
_refine.overall_SU_ML                            ? 
_refine.overall_SU_B                             ? 
_refine.pdbx_refine_id                           'X-RAY DIFFRACTION' 
_refine.pdbx_diffrn_id                           1 
_refine.pdbx_TLS_residual_ADP_flag               ? 
_refine.correlation_coeff_Fo_to_Fc               ? 
_refine.correlation_coeff_Fo_to_Fc_free          ? 
_refine.pdbx_solvent_vdw_probe_radii             ? 
_refine.pdbx_solvent_ion_probe_radii             ? 
_refine.pdbx_solvent_shrinkage_radii             ? 
_refine.pdbx_overall_phase_error                 ? 
_refine.overall_SU_R_Cruickshank_DPI             ? 
_refine.pdbx_overall_SU_R_free_Cruickshank_DPI   ? 
_refine.pdbx_overall_SU_R_Blow_DPI               ? 
_refine.pdbx_overall_SU_R_free_Blow_DPI          ? 
# 
_refine_hist.pdbx_refine_id                   'X-RAY DIFFRACTION' 
_refine_hist.cycle_id                         LAST 
_refine_hist.pdbx_number_atoms_protein        712 
_refine_hist.pdbx_number_atoms_nucleic_acid   445 
_refine_hist.pdbx_number_atoms_ligand         3 
_refine_hist.number_atoms_solvent             255 
_refine_hist.number_atoms_total               1415 
_refine_hist.d_res_high                       1.600 
_refine_hist.d_res_low                        20.000 
# 
loop_
_refine_ls_restr.type 
_refine_ls_restr.dev_ideal 
_refine_ls_restr.dev_ideal_target 
_refine_ls_restr.weight 
_refine_ls_restr.number 
_refine_ls_restr.pdbx_refine_id 
_refine_ls_restr.pdbx_restraint_function 
x_bond_d                0.004 ?     ? ? 'X-RAY DIFFRACTION' ? 
x_bond_d_na             ?     ?     ? ? 'X-RAY DIFFRACTION' ? 
x_bond_d_prot           ?     ?     ? ? 'X-RAY DIFFRACTION' ? 
x_angle_d               ?     ?     ? ? 'X-RAY DIFFRACTION' ? 
x_angle_d_na            ?     ?     ? ? 'X-RAY DIFFRACTION' ? 
x_angle_d_prot          ?     ?     ? ? 'X-RAY DIFFRACTION' ? 
x_angle_deg             1.06  ?     ? ? 'X-RAY DIFFRACTION' ? 
x_angle_deg_na          ?     ?     ? ? 'X-RAY DIFFRACTION' ? 
x_angle_deg_prot        ?     ?     ? ? 'X-RAY DIFFRACTION' ? 
x_dihedral_angle_d      18.8  ?     ? ? 'X-RAY DIFFRACTION' ? 
x_dihedral_angle_d_na   ?     ?     ? ? 'X-RAY DIFFRACTION' ? 
x_dihedral_angle_d_prot ?     ?     ? ? 'X-RAY DIFFRACTION' ? 
x_improper_angle_d      1.45  ?     ? ? 'X-RAY DIFFRACTION' ? 
x_improper_angle_d_na   ?     ?     ? ? 'X-RAY DIFFRACTION' ? 
x_improper_angle_d_prot ?     ?     ? ? 'X-RAY DIFFRACTION' ? 
x_mcbond_it             0.826 1.500 ? ? 'X-RAY DIFFRACTION' ? 
x_mcangle_it            1.294 2.000 ? ? 'X-RAY DIFFRACTION' ? 
x_scbond_it             1.468 2.000 ? ? 'X-RAY DIFFRACTION' ? 
x_scangle_it            2.167 2.500 ? ? 'X-RAY DIFFRACTION' ? 
# 
_refine_ls_shell.pdbx_total_number_of_bins_used   8 
_refine_ls_shell.d_res_high                       1.60 
_refine_ls_shell.d_res_low                        1.67 
_refine_ls_shell.number_reflns_R_work             2146 
_refine_ls_shell.R_factor_R_work                  0.2150000 
_refine_ls_shell.percent_reflns_obs               90.40 
_refine_ls_shell.R_factor_R_free                  0.2150000 
_refine_ls_shell.R_factor_R_free_error            0.01 
_refine_ls_shell.percent_reflns_R_free            12.00 
_refine_ls_shell.number_reflns_R_free             295 
_refine_ls_shell.pdbx_refine_id                   'X-RAY DIFFRACTION' 
_refine_ls_shell.number_reflns_all                ? 
_refine_ls_shell.R_factor_all                     ? 
# 
loop_
_pdbx_xplor_file.serial_no 
_pdbx_xplor_file.param_file 
_pdbx_xplor_file.topol_file 
_pdbx_xplor_file.pdbx_refine_id 
1 PARHCSDX.PRO TOPHCSDX.PRO 'X-RAY DIFFRACTION' 
2 PARNDBX.DNA  TOPNDBX.DNA  'X-RAY DIFFRACTION' 
# 
_struct.entry_id                  1A1I 
_struct.title                     'RADR (ZIF268 VARIANT) ZINC FINGER-DNA COMPLEX (GCAC SITE)' 
_struct.pdbx_model_details        ? 
_struct.pdbx_CASP_flag            ? 
_struct.pdbx_model_type_details   ? 
# 
_struct_keywords.entry_id        1A1I 
_struct_keywords.pdbx_keywords   TRANSCRIPTION/DNA 
_struct_keywords.text            'ZINC FINGER-DNA COMPLEX, ZINC FINGER, DNA-BINDING PROTEIN, TRANSCRIPTION-DNA COMPLEX' 
# 
loop_
_struct_asym.id 
_struct_asym.pdbx_blank_PDB_chainid_flag 
_struct_asym.pdbx_modified 
_struct_asym.entity_id 
_struct_asym.details 
A N N 1 ? 
B N N 2 ? 
C N N 3 ? 
D N N 4 ? 
E N N 4 ? 
F N N 4 ? 
G N N 5 ? 
H N N 5 ? 
I N N 5 ? 
# 
_struct_biol.id   1 
# 
loop_
_struct_conf.conf_type_id 
_struct_conf.id 
_struct_conf.pdbx_PDB_helix_id 
_struct_conf.beg_label_comp_id 
_struct_conf.beg_label_asym_id 
_struct_conf.beg_label_seq_id 
_struct_conf.pdbx_beg_PDB_ins_code 
_struct_conf.end_label_comp_id 
_struct_conf.end_label_asym_id 
_struct_conf.end_label_seq_id 
_struct_conf.pdbx_end_PDB_ins_code 
_struct_conf.beg_auth_comp_id 
_struct_conf.beg_auth_asym_id 
_struct_conf.beg_auth_seq_id 
_struct_conf.end_auth_comp_id 
_struct_conf.end_auth_asym_id 
_struct_conf.end_auth_seq_id 
_struct_conf.pdbx_PDB_helix_class 
_struct_conf.details 
_struct_conf.pdbx_PDB_helix_length 
HELX_P HELX_P1 1 SER C 19 ? THR C 30 ? SER A 119 THR A 130 1 ? 12 
HELX_P HELX_P2 2 SER C 47 ? THR C 58 ? SER A 147 THR A 158 1 ? 12 
HELX_P HELX_P3 3 SER C 75 ? HIS C 85 ? SER A 175 HIS A 185 1 ? 11 
# 
_struct_conf_type.id          HELX_P 
_struct_conf_type.criteria    ? 
_struct_conf_type.reference   ? 
# 
loop_
_struct_conn.id 
_struct_conn.conn_type_id 
_struct_conn.pdbx_leaving_atom_flag 
_struct_conn.pdbx_PDB_id 
_struct_conn.ptnr1_label_asym_id 
_struct_conn.ptnr1_label_comp_id 
_struct_conn.ptnr1_label_seq_id 
_struct_conn.ptnr1_label_atom_id 
_struct_conn.pdbx_ptnr1_label_alt_id 
_struct_conn.pdbx_ptnr1_PDB_ins_code 
_struct_conn.pdbx_ptnr1_standard_comp_id 
_struct_conn.ptnr1_symmetry 
_struct_conn.ptnr2_label_asym_id 
_struct_conn.ptnr2_label_comp_id 
_struct_conn.ptnr2_label_seq_id 
_struct_conn.ptnr2_label_atom_id 
_struct_conn.pdbx_ptnr2_label_alt_id 
_struct_conn.pdbx_ptnr2_PDB_ins_code 
_struct_conn.ptnr1_auth_asym_id 
_struct_conn.ptnr1_auth_comp_id 
_struct_conn.ptnr1_auth_seq_id 
_struct_conn.ptnr2_auth_asym_id 
_struct_conn.ptnr2_auth_comp_id 
_struct_conn.ptnr2_auth_seq_id 
_struct_conn.ptnr2_symmetry 
_struct_conn.pdbx_ptnr3_label_atom_id 
_struct_conn.pdbx_ptnr3_label_seq_id 
_struct_conn.pdbx_ptnr3_label_comp_id 
_struct_conn.pdbx_ptnr3_label_asym_id 
_struct_conn.pdbx_ptnr3_label_alt_id 
_struct_conn.pdbx_ptnr3_PDB_ins_code 
_struct_conn.details 
_struct_conn.pdbx_dist_value 
_struct_conn.pdbx_value_order 
_struct_conn.pdbx_role 
metalc1  metalc ? ? C CYS 7  SG  ? ? ? 1_555 D ZN .  ZN ? ? A CYS 107 A ZN 201 1_555 ? ? ? ? ? ? ?            2.281 ? ? 
metalc2  metalc ? ? C CYS 12 SG  ? ? ? 1_555 D ZN .  ZN ? ? A CYS 112 A ZN 201 1_555 ? ? ? ? ? ? ?            2.272 ? ? 
metalc3  metalc ? ? C HIS 25 NE2 ? ? ? 1_555 D ZN .  ZN ? ? A HIS 125 A ZN 201 1_555 ? ? ? ? ? ? ?            2.084 ? ? 
metalc4  metalc ? ? C HIS 29 NE2 ? ? ? 1_555 D ZN .  ZN ? ? A HIS 129 A ZN 201 1_555 ? ? ? ? ? ? ?            2.045 ? ? 
metalc5  metalc ? ? C CYS 37 SG  ? ? ? 1_555 E ZN .  ZN ? ? A CYS 137 A ZN 202 1_555 ? ? ? ? ? ? ?            2.289 ? ? 
metalc6  metalc ? ? C CYS 40 SG  ? ? ? 1_555 E ZN .  ZN ? ? A CYS 140 A ZN 202 1_555 ? ? ? ? ? ? ?            2.306 ? ? 
metalc7  metalc ? ? C HIS 53 NE2 ? ? ? 1_555 E ZN .  ZN ? ? A HIS 153 A ZN 202 1_555 ? ? ? ? ? ? ?            2.148 ? ? 
metalc8  metalc ? ? C HIS 57 NE2 ? ? ? 1_555 E ZN .  ZN ? ? A HIS 157 A ZN 202 1_555 ? ? ? ? ? ? ?            2.040 ? ? 
metalc9  metalc ? ? C CYS 65 SG  ? ? ? 1_555 F ZN .  ZN ? ? A CYS 165 A ZN 203 1_555 ? ? ? ? ? ? ?            2.320 ? ? 
metalc10 metalc ? ? C CYS 68 SG  ? ? ? 1_555 F ZN .  ZN ? ? A CYS 168 A ZN 203 1_555 ? ? ? ? ? ? ?            2.361 ? ? 
metalc11 metalc ? ? C HIS 81 NE2 ? ? ? 1_555 F ZN .  ZN ? ? A HIS 181 A ZN 203 1_555 ? ? ? ? ? ? ?            2.050 ? ? 
metalc12 metalc ? ? C HIS 85 NE2 ? ? ? 1_555 F ZN .  ZN ? ? A HIS 185 A ZN 203 1_555 ? ? ? ? ? ? ?            1.949 ? ? 
hydrog1  hydrog ? ? A DG  2  N1  ? ? ? 1_555 B DC 11 N3 ? ? B DG  2   C DC 61  1_555 ? ? ? ? ? ? WATSON-CRICK ?     ? ? 
hydrog2  hydrog ? ? A DG  2  N2  ? ? ? 1_555 B DC 11 O2 ? ? B DG  2   C DC 61  1_555 ? ? ? ? ? ? WATSON-CRICK ?     ? ? 
hydrog3  hydrog ? ? A DG  2  O6  ? ? ? 1_555 B DC 11 N4 ? ? B DG  2   C DC 61  1_555 ? ? ? ? ? ? WATSON-CRICK ?     ? ? 
hydrog4  hydrog ? ? A DC  3  N3  ? ? ? 1_555 B DG 10 N1 ? ? B DC  3   C DG 60  1_555 ? ? ? ? ? ? WATSON-CRICK ?     ? ? 
hydrog5  hydrog ? ? A DC  3  N4  ? ? ? 1_555 B DG 10 O6 ? ? B DC  3   C DG 60  1_555 ? ? ? ? ? ? WATSON-CRICK ?     ? ? 
hydrog6  hydrog ? ? A DC  3  O2  ? ? ? 1_555 B DG 10 N2 ? ? B DC  3   C DG 60  1_555 ? ? ? ? ? ? WATSON-CRICK ?     ? ? 
hydrog7  hydrog ? ? A DG  4  N1  ? ? ? 1_555 B DC 9  N3 ? ? B DG  4   C DC 59  1_555 ? ? ? ? ? ? WATSON-CRICK ?     ? ? 
hydrog8  hydrog ? ? A DG  4  N2  ? ? ? 1_555 B DC 9  O2 ? ? B DG  4   C DC 59  1_555 ? ? ? ? ? ? WATSON-CRICK ?     ? ? 
hydrog9  hydrog ? ? A DG  4  O6  ? ? ? 1_555 B DC 9  N4 ? ? B DG  4   C DC 59  1_555 ? ? ? ? ? ? WATSON-CRICK ?     ? ? 
hydrog10 hydrog ? ? A DT  5  N3  ? ? ? 1_555 B DA 8  N1 ? ? B DT  5   C DA 58  1_555 ? ? ? ? ? ? WATSON-CRICK ?     ? ? 
hydrog11 hydrog ? ? A DT  5  O4  ? ? ? 1_555 B DA 8  N6 ? ? B DT  5   C DA 58  1_555 ? ? ? ? ? ? WATSON-CRICK ?     ? ? 
hydrog12 hydrog ? ? A DG  6  N1  ? ? ? 1_555 B DC 7  N3 ? ? B DG  6   C DC 57  1_555 ? ? ? ? ? ? WATSON-CRICK ?     ? ? 
hydrog13 hydrog ? ? A DG  6  N2  ? ? ? 1_555 B DC 7  O2 ? ? B DG  6   C DC 57  1_555 ? ? ? ? ? ? WATSON-CRICK ?     ? ? 
hydrog14 hydrog ? ? A DG  6  O6  ? ? ? 1_555 B DC 7  N4 ? ? B DG  6   C DC 57  1_555 ? ? ? ? ? ? WATSON-CRICK ?     ? ? 
hydrog15 hydrog ? ? A DG  7  N1  ? ? ? 1_555 B DC 6  N3 ? ? B DG  7   C DC 56  1_555 ? ? ? ? ? ? WATSON-CRICK ?     ? ? 
hydrog16 hydrog ? ? A DG  7  N2  ? ? ? 1_555 B DC 6  O2 ? ? B DG  7   C DC 56  1_555 ? ? ? ? ? ? WATSON-CRICK ?     ? ? 
hydrog17 hydrog ? ? A DG  7  O6  ? ? ? 1_555 B DC 6  N4 ? ? B DG  7   C DC 56  1_555 ? ? ? ? ? ? WATSON-CRICK ?     ? ? 
hydrog18 hydrog ? ? A DG  8  N1  ? ? ? 1_555 B DC 5  N3 ? ? B DG  8   C DC 55  1_555 ? ? ? ? ? ? WATSON-CRICK ?     ? ? 
hydrog19 hydrog ? ? A DG  8  N2  ? ? ? 1_555 B DC 5  O2 ? ? B DG  8   C DC 55  1_555 ? ? ? ? ? ? WATSON-CRICK ?     ? ? 
hydrog20 hydrog ? ? A DG  8  O6  ? ? ? 1_555 B DC 5  N4 ? ? B DG  8   C DC 55  1_555 ? ? ? ? ? ? WATSON-CRICK ?     ? ? 
hydrog21 hydrog ? ? A DC  9  N3  ? ? ? 1_555 B DG 4  N1 ? ? B DC  9   C DG 54  1_555 ? ? ? ? ? ? WATSON-CRICK ?     ? ? 
hydrog22 hydrog ? ? A DC  9  N4  ? ? ? 1_555 B DG 4  O6 ? ? B DC  9   C DG 54  1_555 ? ? ? ? ? ? WATSON-CRICK ?     ? ? 
hydrog23 hydrog ? ? A DC  9  O2  ? ? ? 1_555 B DG 4  N2 ? ? B DC  9   C DG 54  1_555 ? ? ? ? ? ? WATSON-CRICK ?     ? ? 
hydrog24 hydrog ? ? A DA  10 N1  ? ? ? 1_555 B DT 3  N3 ? ? B DA  10  C DT 53  1_555 ? ? ? ? ? ? WATSON-CRICK ?     ? ? 
hydrog25 hydrog ? ? A DA  10 N6  ? ? ? 1_555 B DT 3  O4 ? ? B DA  10  C DT 53  1_555 ? ? ? ? ? ? WATSON-CRICK ?     ? ? 
hydrog26 hydrog ? ? A DC  11 N3  ? ? ? 1_555 B DG 2  N1 ? ? B DC  11  C DG 52  1_555 ? ? ? ? ? ? WATSON-CRICK ?     ? ? 
hydrog27 hydrog ? ? A DC  11 N4  ? ? ? 1_555 B DG 2  O6 ? ? B DC  11  C DG 52  1_555 ? ? ? ? ? ? WATSON-CRICK ?     ? ? 
hydrog28 hydrog ? ? A DC  11 O2  ? ? ? 1_555 B DG 2  N2 ? ? B DC  11  C DG 52  1_555 ? ? ? ? ? ? WATSON-CRICK ?     ? ? 
# 
loop_
_struct_conn_type.id 
_struct_conn_type.criteria 
_struct_conn_type.reference 
metalc ? ? 
hydrog ? ? 
# 
loop_
_struct_sheet.id 
_struct_sheet.type 
_struct_sheet.number_strands 
_struct_sheet.details 
A ? 2 ? 
B ? 2 ? 
C ? 2 ? 
# 
loop_
_struct_sheet_order.sheet_id 
_struct_sheet_order.range_id_1 
_struct_sheet_order.range_id_2 
_struct_sheet_order.offset 
_struct_sheet_order.sense 
A 1 2 ? anti-parallel 
B 1 2 ? anti-parallel 
C 1 2 ? anti-parallel 
# 
loop_
_struct_sheet_range.sheet_id 
_struct_sheet_range.id 
_struct_sheet_range.beg_label_comp_id 
_struct_sheet_range.beg_label_asym_id 
_struct_sheet_range.beg_label_seq_id 
_struct_sheet_range.pdbx_beg_PDB_ins_code 
_struct_sheet_range.end_label_comp_id 
_struct_sheet_range.end_label_asym_id 
_struct_sheet_range.end_label_seq_id 
_struct_sheet_range.pdbx_end_PDB_ins_code 
_struct_sheet_range.beg_auth_comp_id 
_struct_sheet_range.beg_auth_asym_id 
_struct_sheet_range.beg_auth_seq_id 
_struct_sheet_range.end_auth_comp_id 
_struct_sheet_range.end_auth_asym_id 
_struct_sheet_range.end_auth_seq_id 
A 1 TYR C 5  ? ALA C 6  ? TYR A 105 ALA A 106 
A 2 ARG C 15 ? PHE C 16 ? ARG A 115 PHE A 116 
B 1 PHE C 35 ? GLN C 36 ? PHE A 135 GLN A 136 
B 2 ASN C 43 ? PHE C 44 ? ASN A 143 PHE A 144 
C 1 PHE C 63 ? ALA C 64 ? PHE A 163 ALA A 164 
C 2 LYS C 71 ? PHE C 72 ? LYS A 171 PHE A 172 
# 
loop_
_pdbx_struct_sheet_hbond.sheet_id 
_pdbx_struct_sheet_hbond.range_id_1 
_pdbx_struct_sheet_hbond.range_id_2 
_pdbx_struct_sheet_hbond.range_1_label_atom_id 
_pdbx_struct_sheet_hbond.range_1_label_comp_id 
_pdbx_struct_sheet_hbond.range_1_label_asym_id 
_pdbx_struct_sheet_hbond.range_1_label_seq_id 
_pdbx_struct_sheet_hbond.range_1_PDB_ins_code 
_pdbx_struct_sheet_hbond.range_1_auth_atom_id 
_pdbx_struct_sheet_hbond.range_1_auth_comp_id 
_pdbx_struct_sheet_hbond.range_1_auth_asym_id 
_pdbx_struct_sheet_hbond.range_1_auth_seq_id 
_pdbx_struct_sheet_hbond.range_2_label_atom_id 
_pdbx_struct_sheet_hbond.range_2_label_comp_id 
_pdbx_struct_sheet_hbond.range_2_label_asym_id 
_pdbx_struct_sheet_hbond.range_2_label_seq_id 
_pdbx_struct_sheet_hbond.range_2_PDB_ins_code 
_pdbx_struct_sheet_hbond.range_2_auth_atom_id 
_pdbx_struct_sheet_hbond.range_2_auth_comp_id 
_pdbx_struct_sheet_hbond.range_2_auth_asym_id 
_pdbx_struct_sheet_hbond.range_2_auth_seq_id 
A 1 2 O TYR C 5  ? O TYR A 105 N PHE C 16 ? N PHE A 116 
B 1 2 O PHE C 35 ? O PHE A 135 N PHE C 44 ? N PHE A 144 
C 1 2 N PHE C 63 ? N PHE A 163 O PHE C 72 ? O PHE A 172 
# 
loop_
_struct_site.id 
_struct_site.pdbx_evidence_code 
_struct_site.pdbx_auth_asym_id 
_struct_site.pdbx_auth_comp_id 
_struct_site.pdbx_auth_seq_id 
_struct_site.pdbx_auth_ins_code 
_struct_site.pdbx_num_residues 
_struct_site.details 
AC1 Software A ZN 201 ? 4 'BINDING SITE FOR RESIDUE ZN A 201' 
AC2 Software A ZN 202 ? 4 'BINDING SITE FOR RESIDUE ZN A 202' 
AC3 Software A ZN 203 ? 4 'BINDING SITE FOR RESIDUE ZN A 203' 
# 
loop_
_struct_site_gen.id 
_struct_site_gen.site_id 
_struct_site_gen.pdbx_num_res 
_struct_site_gen.label_comp_id 
_struct_site_gen.label_asym_id 
_struct_site_gen.label_seq_id 
_struct_site_gen.pdbx_auth_ins_code 
_struct_site_gen.auth_comp_id 
_struct_site_gen.auth_asym_id 
_struct_site_gen.auth_seq_id 
_struct_site_gen.label_atom_id 
_struct_site_gen.label_alt_id 
_struct_site_gen.symmetry 
_struct_site_gen.details 
1  AC1 4 CYS C 7  ? CYS A 107 . ? 1_555 ? 
2  AC1 4 CYS C 12 ? CYS A 112 . ? 1_555 ? 
3  AC1 4 HIS C 25 ? HIS A 125 . ? 1_555 ? 
4  AC1 4 HIS C 29 ? HIS A 129 . ? 1_555 ? 
5  AC2 4 CYS C 37 ? CYS A 137 . ? 1_555 ? 
6  AC2 4 CYS C 40 ? CYS A 140 . ? 1_555 ? 
7  AC2 4 HIS C 53 ? HIS A 153 . ? 1_555 ? 
8  AC2 4 HIS C 57 ? HIS A 157 . ? 1_555 ? 
9  AC3 4 CYS C 65 ? CYS A 165 . ? 1_555 ? 
10 AC3 4 CYS C 68 ? CYS A 168 . ? 1_555 ? 
11 AC3 4 HIS C 81 ? HIS A 181 . ? 1_555 ? 
12 AC3 4 HIS C 85 ? HIS A 185 . ? 1_555 ? 
# 
_atom_sites.entry_id                    1A1I 
_atom_sites.fract_transf_matrix[1][1]   -0.00427224 
_atom_sites.fract_transf_matrix[1][2]   -0.02184540 
_atom_sites.fract_transf_matrix[1][3]   0.00635268 
_atom_sites.fract_transf_matrix[2][1]   -0.00665656 
_atom_sites.fract_transf_matrix[2][2]   0.00578533 
_atom_sites.fract_transf_matrix[2][3]   0.01541781 
_atom_sites.fract_transf_matrix[3][1]   -0.00679061 
_atom_sites.fract_transf_matrix[3][2]   0.00042867 
_atom_sites.fract_transf_matrix[3][3]   -0.00309266 
_atom_sites.fract_transf_vector[1]      0.110391 
_atom_sites.fract_transf_vector[2]      0.167500 
_atom_sites.fract_transf_vector[3]      0.366909 
# 
loop_
_atom_type.symbol 
C  
N  
O  
P  
S  
ZN 
# 
loop_
_atom_site.group_PDB 
_atom_site.id 
_atom_site.type_symbol 
_atom_site.label_atom_id 
_atom_site.label_alt_id 
_atom_site.label_comp_id 
_atom_site.label_asym_id 
_atom_site.label_entity_id 
_atom_site.label_seq_id 
_atom_site.pdbx_PDB_ins_code 
_atom_site.Cartn_x 
_atom_site.Cartn_y 
_atom_site.Cartn_z 
_atom_site.occupancy 
_atom_site.B_iso_or_equiv 
_atom_site.pdbx_formal_charge 
_atom_site.auth_seq_id 
_atom_site.auth_comp_id 
_atom_site.auth_asym_id 
_atom_site.auth_atom_id 
_atom_site.pdbx_PDB_model_num 
ATOM   1    O  "O5'" . DA  A 1 1  ? 0.384   -2.359  17.853  1.00 13.65 ? 1   DA  B "O5'" 1 
ATOM   2    C  "C5'" . DA  A 1 1  ? 0.422   -3.388  18.839  1.00 11.82 ? 1   DA  B "C5'" 1 
ATOM   3    C  "C4'" . DA  A 1 1  ? -0.083  -4.692  18.270  1.00 12.48 ? 1   DA  B "C4'" 1 
ATOM   4    O  "O4'" . DA  A 1 1  ? -1.512  -4.604  18.050  1.00 12.87 ? 1   DA  B "O4'" 1 
ATOM   5    C  "C3'" . DA  A 1 1  ? 0.532   -5.068  16.923  1.00 13.01 ? 1   DA  B "C3'" 1 
ATOM   6    O  "O3'" . DA  A 1 1  ? 0.794   -6.468  16.871  1.00 14.19 ? 1   DA  B "O3'" 1 
ATOM   7    C  "C2'" . DA  A 1 1  ? -0.539  -4.687  15.917  1.00 11.92 ? 1   DA  B "C2'" 1 
ATOM   8    C  "C1'" . DA  A 1 1  ? -1.823  -4.902  16.697  1.00 12.02 ? 1   DA  B "C1'" 1 
ATOM   9    N  N9    . DA  A 1 1  ? -2.909  -4.013  16.283  1.00 10.70 ? 1   DA  B N9    1 
ATOM   10   C  C8    . DA  A 1 1  ? -4.097  -4.369  15.702  1.00 10.59 ? 1   DA  B C8    1 
ATOM   11   N  N7    . DA  A 1 1  ? -4.878  -3.354  15.432  1.00 10.40 ? 1   DA  B N7    1 
ATOM   12   C  C5    . DA  A 1 1  ? -4.158  -2.252  15.865  1.00 9.39  ? 1   DA  B C5    1 
ATOM   13   C  C6    . DA  A 1 1  ? -4.436  -0.873  15.847  1.00 8.88  ? 1   DA  B C6    1 
ATOM   14   N  N6    . DA  A 1 1  ? -5.563  -0.352  15.357  1.00 8.18  ? 1   DA  B N6    1 
ATOM   15   N  N1    . DA  A 1 1  ? -3.503  -0.037  16.356  1.00 9.20  ? 1   DA  B N1    1 
ATOM   16   C  C2    . DA  A 1 1  ? -2.369  -0.563  16.841  1.00 9.70  ? 1   DA  B C2    1 
ATOM   17   N  N3    . DA  A 1 1  ? -1.992  -1.839  16.910  1.00 10.34 ? 1   DA  B N3    1 
ATOM   18   C  C4    . DA  A 1 1  ? -2.941  -2.643  16.397  1.00 10.76 ? 1   DA  B C4    1 
ATOM   19   P  P     . DG  A 1 2  ? 1.915   -7.022  15.864  1.00 18.95 ? 2   DG  B P     1 
ATOM   20   O  OP1   . DG  A 1 2  ? 2.388   -8.327  16.391  1.00 18.62 ? 2   DG  B OP1   1 
ATOM   21   O  OP2   . DG  A 1 2  ? 2.896   -5.932  15.605  1.00 18.26 ? 2   DG  B OP2   1 
ATOM   22   O  "O5'" . DG  A 1 2  ? 1.110   -7.285  14.517  1.00 16.52 ? 2   DG  B "O5'" 1 
ATOM   23   C  "C5'" . DG  A 1 2  ? 0.259   -8.430  14.394  1.00 15.32 ? 2   DG  B "C5'" 1 
ATOM   24   C  "C4'" . DG  A 1 2  ? -0.350  -8.491  13.015  1.00 14.44 ? 2   DG  B "C4'" 1 
ATOM   25   O  "O4'" . DG  A 1 2  ? -1.402  -7.508  12.876  1.00 14.21 ? 2   DG  B "O4'" 1 
ATOM   26   C  "C3'" . DG  A 1 2  ? 0.613   -8.250  11.853  1.00 14.49 ? 2   DG  B "C3'" 1 
ATOM   27   O  "O3'" . DG  A 1 2  ? 0.313   -9.201  10.832  1.00 16.29 ? 2   DG  B "O3'" 1 
ATOM   28   C  "C2'" . DG  A 1 2  ? 0.276   -6.836  11.400  1.00 13.41 ? 2   DG  B "C2'" 1 
ATOM   29   C  "C1'" . DG  A 1 2  ? -1.214  -6.768  11.682  1.00 11.95 ? 2   DG  B "C1'" 1 
ATOM   30   N  N9    . DG  A 1 2  ? -1.778  -5.439  11.896  1.00 10.15 ? 2   DG  B N9    1 
ATOM   31   C  C8    . DG  A 1 2  ? -1.188  -4.371  12.528  1.00 9.53  ? 2   DG  B C8    1 
ATOM   32   N  N7    . DG  A 1 2  ? -1.971  -3.329  12.607  1.00 9.19  ? 2   DG  B N7    1 
ATOM   33   C  C5    . DG  A 1 2  ? -3.144  -3.731  11.982  1.00 8.52  ? 2   DG  B C5    1 
ATOM   34   C  C6    . DG  A 1 2  ? -4.363  -3.032  11.770  1.00 7.73  ? 2   DG  B C6    1 
ATOM   35   O  O6    . DG  A 1 2  ? -4.659  -1.880  12.105  1.00 9.19  ? 2   DG  B O6    1 
ATOM   36   N  N1    . DG  A 1 2  ? -5.294  -3.816  11.095  1.00 8.96  ? 2   DG  B N1    1 
ATOM   37   C  C2    . DG  A 1 2  ? -5.082  -5.109  10.678  1.00 8.82  ? 2   DG  B C2    1 
ATOM   38   N  N2    . DG  A 1 2  ? -6.105  -5.706  10.044  1.00 8.48  ? 2   DG  B N2    1 
ATOM   39   N  N3    . DG  A 1 2  ? -3.952  -5.770  10.868  1.00 8.07  ? 2   DG  B N3    1 
ATOM   40   C  C4    . DG  A 1 2  ? -3.034  -5.026  11.525  1.00 9.13  ? 2   DG  B C4    1 
ATOM   41   P  P     . DC  A 1 3  ? 1.220   -9.284  9.515   1.00 16.63 ? 3   DC  B P     1 
ATOM   42   O  OP1   . DC  A 1 3  ? 1.209   -10.705 9.085   1.00 18.41 ? 3   DC  B OP1   1 
ATOM   43   O  OP2   . DC  A 1 3  ? 2.514   -8.596  9.752   1.00 16.95 ? 3   DC  B OP2   1 
ATOM   44   O  "O5'" . DC  A 1 3  ? 0.389   -8.427  8.465   1.00 12.00 ? 3   DC  B "O5'" 1 
ATOM   45   C  "C5'" . DC  A 1 3  ? -0.977  -8.752  8.202   1.00 11.37 ? 3   DC  B "C5'" 1 
ATOM   46   C  "C4'" . DC  A 1 3  ? -1.616  -7.682  7.349   1.00 10.34 ? 3   DC  B "C4'" 1 
ATOM   47   O  "O4'" . DC  A 1 3  ? -1.999  -6.514  8.121   1.00 10.38 ? 3   DC  B "O4'" 1 
ATOM   48   C  "C3'" . DC  A 1 3  ? -0.751  -7.164  6.194   1.00 9.64  ? 3   DC  B "C3'" 1 
ATOM   49   O  "O3'" . DC  A 1 3  ? -1.598  -6.982  5.063   1.00 8.81  ? 3   DC  B "O3'" 1 
ATOM   50   C  "C2'" . DC  A 1 3  ? -0.351  -5.780  6.674   1.00 10.62 ? 3   DC  B "C2'" 1 
ATOM   51   C  "C1'" . DC  A 1 3  ? -1.665  -5.404  7.314   1.00 10.05 ? 3   DC  B "C1'" 1 
ATOM   52   N  N1    . DC  A 1 3  ? -1.738  -4.171  8.115   1.00 10.07 ? 3   DC  B N1    1 
ATOM   53   C  C2    . DC  A 1 3  ? -2.994  -3.589  8.314   1.00 9.87  ? 3   DC  B C2    1 
ATOM   54   O  O2    . DC  A 1 3  ? -4.001  -4.189  7.903   1.00 10.33 ? 3   DC  B O2    1 
ATOM   55   N  N3    . DC  A 1 3  ? -3.079  -2.399  8.947   1.00 9.02  ? 3   DC  B N3    1 
ATOM   56   C  C4    . DC  A 1 3  ? -1.975  -1.800  9.393   1.00 9.91  ? 3   DC  B C4    1 
ATOM   57   N  N4    . DC  A 1 3  ? -2.108  -0.606  9.971   1.00 9.28  ? 3   DC  B N4    1 
ATOM   58   C  C5    . DC  A 1 3  ? -0.683  -2.395  9.253   1.00 9.59  ? 3   DC  B C5    1 
ATOM   59   C  C6    . DC  A 1 3  ? -0.612  -3.573  8.614   1.00 10.01 ? 3   DC  B C6    1 
ATOM   60   P  P     . DG  A 1 4  ? -1.108  -7.430  3.607   1.00 9.05  ? 4   DG  B P     1 
ATOM   61   O  OP1   . DG  A 1 4  ? -0.824  -8.883  3.624   1.00 10.49 ? 4   DG  B OP1   1 
ATOM   62   O  OP2   . DG  A 1 4  ? -0.061  -6.484  3.138   1.00 9.09  ? 4   DG  B OP2   1 
ATOM   63   O  "O5'" . DG  A 1 4  ? -2.417  -7.188  2.740   1.00 9.35  ? 4   DG  B "O5'" 1 
ATOM   64   C  "C5'" . DG  A 1 4  ? -3.661  -7.809  3.106   1.00 8.84  ? 4   DG  B "C5'" 1 
ATOM   65   C  "C4'" . DG  A 1 4  ? -4.814  -6.896  2.774   1.00 8.57  ? 4   DG  B "C4'" 1 
ATOM   66   O  "O4'" . DG  A 1 4  ? -4.916  -5.824  3.742   1.00 9.40  ? 4   DG  B "O4'" 1 
ATOM   67   C  "C3'" . DG  A 1 4  ? -4.689  -6.228  1.406   1.00 9.36  ? 4   DG  B "C3'" 1 
ATOM   68   O  "O3'" . DG  A 1 4  ? -5.957  -6.222  0.756   1.00 10.25 ? 4   DG  B "O3'" 1 
ATOM   69   C  "C2'" . DG  A 1 4  ? -4.232  -4.817  1.736   1.00 8.60  ? 4   DG  B "C2'" 1 
ATOM   70   C  "C1'" . DG  A 1 4  ? -4.881  -4.562  3.088   1.00 8.52  ? 4   DG  B "C1'" 1 
ATOM   71   N  N9    . DG  A 1 4  ? -4.148  -3.631  3.945   1.00 8.11  ? 4   DG  B N9    1 
ATOM   72   C  C8    . DG  A 1 4  ? -2.918  -3.837  4.524   1.00 7.03  ? 4   DG  B C8    1 
ATOM   73   N  N7    . DG  A 1 4  ? -2.511  -2.822  5.236   1.00 7.57  ? 4   DG  B N7    1 
ATOM   74   C  C5    . DG  A 1 4  ? -3.531  -1.888  5.122   1.00 7.45  ? 4   DG  B C5    1 
ATOM   75   C  C6    . DG  A 1 4  ? -3.650  -0.585  5.673   1.00 7.61  ? 4   DG  B C6    1 
ATOM   76   O  O6    . DG  A 1 4  ? -2.853  0.017   6.402   1.00 9.28  ? 4   DG  B O6    1 
ATOM   77   N  N1    . DG  A 1 4  ? -4.845  0.024   5.301   1.00 8.46  ? 4   DG  B N1    1 
ATOM   78   C  C2    . DG  A 1 4  ? -5.806  -0.549  4.502   1.00 9.49  ? 4   DG  B C2    1 
ATOM   79   N  N2    . DG  A 1 4  ? -6.895  0.196   4.256   1.00 9.46  ? 4   DG  B N2    1 
ATOM   80   N  N3    . DG  A 1 4  ? -5.708  -1.764  3.983   1.00 9.60  ? 4   DG  B N3    1 
ATOM   81   C  C4    . DG  A 1 4  ? -4.551  -2.371  4.330   1.00 8.29  ? 4   DG  B C4    1 
ATOM   82   P  P     . DT  A 1 5  ? -6.034  -5.969  -0.824  1.00 10.26 ? 5   DT  B P     1 
ATOM   83   O  OP1   . DT  A 1 5  ? -7.367  -6.437  -1.283  1.00 10.13 ? 5   DT  B OP1   1 
ATOM   84   O  OP2   . DT  A 1 5  ? -4.802  -6.517  -1.455  1.00 8.90  ? 5   DT  B OP2   1 
ATOM   85   O  "O5'" . DT  A 1 5  ? -5.966  -4.385  -0.937  1.00 9.96  ? 5   DT  B "O5'" 1 
ATOM   86   C  "C5'" . DT  A 1 5  ? -7.047  -3.568  -0.473  1.00 9.69  ? 5   DT  B "C5'" 1 
ATOM   87   C  "C4'" . DT  A 1 5  ? -6.700  -2.109  -0.645  1.00 10.24 ? 5   DT  B "C4'" 1 
ATOM   88   O  "O4'" . DT  A 1 5  ? -5.899  -1.612  0.456   1.00 10.17 ? 5   DT  B "O4'" 1 
ATOM   89   C  "C3'" . DT  A 1 5  ? -5.914  -1.787  -1.921  1.00 11.03 ? 5   DT  B "C3'" 1 
ATOM   90   O  "O3'" . DT  A 1 5  ? -6.451  -0.613  -2.522  1.00 13.54 ? 5   DT  B "O3'" 1 
ATOM   91   C  "C2'" . DT  A 1 5  ? -4.524  -1.464  -1.400  1.00 10.97 ? 5   DT  B "C2'" 1 
ATOM   92   C  "C1'" . DT  A 1 5  ? -4.897  -0.783  -0.101  1.00 10.70 ? 5   DT  B "C1'" 1 
ATOM   93   N  N1    . DT  A 1 5  ? -3.824  -0.596  0.893   1.00 10.54 ? 5   DT  B N1    1 
ATOM   94   C  C2    . DT  A 1 5  ? -3.892  0.526   1.696   1.00 9.98  ? 5   DT  B C2    1 
ATOM   95   O  O2    . DT  A 1 5  ? -4.813  1.327   1.646   1.00 10.84 ? 5   DT  B O2    1 
ATOM   96   N  N3    . DT  A 1 5  ? -2.840  0.675   2.563   1.00 9.46  ? 5   DT  B N3    1 
ATOM   97   C  C4    . DT  A 1 5  ? -1.755  -0.167  2.712   1.00 9.58  ? 5   DT  B C4    1 
ATOM   98   O  O4    . DT  A 1 5  ? -0.877  0.109   3.525   1.00 10.05 ? 5   DT  B O4    1 
ATOM   99   C  C5    . DT  A 1 5  ? -1.761  -1.337  1.858   1.00 9.15  ? 5   DT  B C5    1 
ATOM   100  C  C7    . DT  A 1 5  ? -0.637  -2.320  1.965   1.00 8.59  ? 5   DT  B C7    1 
ATOM   101  C  C6    . DT  A 1 5  ? -2.781  -1.490  1.004   1.00 9.18  ? 5   DT  B C6    1 
ATOM   102  P  P     . DG  A 1 6  ? -6.431  -0.451  -4.119  1.00 14.10 ? 6   DG  B P     1 
ATOM   103  O  OP1   . DG  A 1 6  ? -7.373  -1.453  -4.674  1.00 13.79 ? 6   DG  B OP1   1 
ATOM   104  O  OP2   . DG  A 1 6  ? -5.021  -0.423  -4.594  1.00 14.00 ? 6   DG  B OP2   1 
ATOM   105  O  "O5'" . DG  A 1 6  ? -7.052  0.999   -4.316  1.00 14.04 ? 6   DG  B "O5'" 1 
ATOM   106  C  "C5'" . DG  A 1 6  ? -8.228  1.386   -3.592  1.00 13.63 ? 6   DG  B "C5'" 1 
ATOM   107  C  "C4'" . DG  A 1 6  ? -8.072  2.781   -3.037  1.00 14.62 ? 6   DG  B "C4'" 1 
ATOM   108  O  "O4'" . DG  A 1 6  ? -7.123  2.791   -1.941  1.00 12.60 ? 6   DG  B "O4'" 1 
ATOM   109  C  "C3'" . DG  A 1 6  ? -7.576  3.815   -4.047  1.00 14.39 ? 6   DG  B "C3'" 1 
ATOM   110  O  "O3'" . DG  A 1 6  ? -8.349  5.007   -3.925  1.00 16.71 ? 6   DG  B "O3'" 1 
ATOM   111  C  "C2'" . DG  A 1 6  ? -6.137  4.065   -3.634  1.00 12.81 ? 6   DG  B "C2'" 1 
ATOM   112  C  "C1'" . DG  A 1 6  ? -6.175  3.828   -2.134  1.00 12.79 ? 6   DG  B "C1'" 1 
ATOM   113  N  N9    . DG  A 1 6  ? -4.904  3.386   -1.566  1.00 11.75 ? 6   DG  B N9    1 
ATOM   114  C  C8    . DG  A 1 6  ? -4.272  2.188   -1.796  1.00 12.70 ? 6   DG  B C8    1 
ATOM   115  N  N7    . DG  A 1 6  ? -3.134  2.078   -1.164  1.00 11.06 ? 6   DG  B N7    1 
ATOM   116  C  C5    . DG  A 1 6  ? -3.006  3.274   -0.470  1.00 11.77 ? 6   DG  B C5    1 
ATOM   117  C  C6    . DG  A 1 6  ? -1.972  3.733   0.387   1.00 11.76 ? 6   DG  B C6    1 
ATOM   118  O  O6    . DG  A 1 6  ? -0.925  3.151   0.715   1.00 12.09 ? 6   DG  B O6    1 
ATOM   119  N  N1    . DG  A 1 6  ? -2.242  5.007   0.879   1.00 10.71 ? 6   DG  B N1    1 
ATOM   120  C  C2    . DG  A 1 6  ? -3.363  5.745   0.586   1.00 11.28 ? 6   DG  B C2    1 
ATOM   121  N  N2    . DG  A 1 6  ? -3.437  6.960   1.152   1.00 12.31 ? 6   DG  B N2    1 
ATOM   122  N  N3    . DG  A 1 6  ? -4.339  5.325   -0.207  1.00 10.65 ? 6   DG  B N3    1 
ATOM   123  C  C4    . DG  A 1 6  ? -4.094  4.091   -0.701  1.00 11.06 ? 6   DG  B C4    1 
ATOM   124  P  P     . DG  A 1 7  ? -8.364  6.074   -5.124  1.00 18.09 ? 7   DG  B P     1 
ATOM   125  O  OP1   . DG  A 1 7  ? -9.741  6.627   -5.197  1.00 18.59 ? 7   DG  B OP1   1 
ATOM   126  O  OP2   . DG  A 1 7  ? -7.758  5.457   -6.327  1.00 17.14 ? 7   DG  B OP2   1 
ATOM   127  O  "O5'" . DG  A 1 7  ? -7.384  7.216   -4.607  1.00 17.17 ? 7   DG  B "O5'" 1 
ATOM   128  C  "C5'" . DG  A 1 7  ? -7.749  8.019   -3.474  1.00 15.12 ? 7   DG  B "C5'" 1 
ATOM   129  C  "C4'" . DG  A 1 7  ? -6.667  9.028   -3.166  1.00 14.64 ? 7   DG  B "C4'" 1 
ATOM   130  O  "O4'" . DG  A 1 7  ? -5.528  8.390   -2.543  1.00 12.40 ? 7   DG  B "O4'" 1 
ATOM   131  C  "C3'" . DG  A 1 7  ? -6.120  9.816   -4.356  1.00 13.63 ? 7   DG  B "C3'" 1 
ATOM   132  O  "O3'" . DG  A 1 7  ? -5.953  11.173  -3.937  1.00 14.10 ? 7   DG  B "O3'" 1 
ATOM   133  C  "C2'" . DG  A 1 7  ? -4.773  9.161   -4.616  1.00 12.55 ? 7   DG  B "C2'" 1 
ATOM   134  C  "C1'" . DG  A 1 7  ? -4.342  8.798   -3.205  1.00 11.36 ? 7   DG  B "C1'" 1 
ATOM   135  N  N9    . DG  A 1 7  ? -3.364  7.721   -3.070  1.00 11.94 ? 7   DG  B N9    1 
ATOM   136  C  C8    . DG  A 1 7  ? -3.406  6.473   -3.647  1.00 11.36 ? 7   DG  B C8    1 
ATOM   137  N  N7    . DG  A 1 7  ? -2.405  5.712   -3.291  1.00 10.84 ? 7   DG  B N7    1 
ATOM   138  C  C5    . DG  A 1 7  ? -1.653  6.509   -2.435  1.00 10.94 ? 7   DG  B C5    1 
ATOM   139  C  C6    . DG  A 1 7  ? -0.454  6.224   -1.724  1.00 10.90 ? 7   DG  B C6    1 
ATOM   140  O  O6    . DG  A 1 7  ? 0.197   5.176   -1.702  1.00 11.24 ? 7   DG  B O6    1 
ATOM   141  N  N1    . DG  A 1 7  ? -0.028  7.320   -0.977  1.00 10.79 ? 7   DG  B N1    1 
ATOM   142  C  C2    . DG  A 1 7  ? -0.672  8.535   -0.920  1.00 11.77 ? 7   DG  B C2    1 
ATOM   143  N  N2    . DG  A 1 7  ? -0.097  9.479   -0.154  1.00 11.20 ? 7   DG  B N2    1 
ATOM   144  N  N3    . DG  A 1 7  ? -1.794  8.807   -1.570  1.00 11.18 ? 7   DG  B N3    1 
ATOM   145  C  C4    . DG  A 1 7  ? -2.225  7.757   -2.303  1.00 11.60 ? 7   DG  B C4    1 
ATOM   146  P  P     . DG  A 1 8  ? -5.487  12.294  -4.984  1.00 12.78 ? 8   DG  B P     1 
ATOM   147  O  OP1   . DG  A 1 8  ? -6.273  13.518  -4.676  1.00 14.49 ? 8   DG  B OP1   1 
ATOM   148  O  OP2   . DG  A 1 8  ? -5.502  11.738  -6.360  1.00 12.86 ? 8   DG  B OP2   1 
ATOM   149  O  "O5'" . DG  A 1 8  ? -3.970  12.549  -4.580  1.00 13.64 ? 8   DG  B "O5'" 1 
ATOM   150  C  "C5'" . DG  A 1 8  ? -3.638  13.077  -3.286  1.00 13.26 ? 8   DG  B "C5'" 1 
ATOM   151  C  "C4'" . DG  A 1 8  ? -2.161  13.391  -3.216  1.00 13.36 ? 8   DG  B "C4'" 1 
ATOM   152  O  "O4'" . DG  A 1 8  ? -1.397  12.187  -2.952  1.00 11.97 ? 8   DG  B "O4'" 1 
ATOM   153  C  "C3'" . DG  A 1 8  ? -1.595  13.994  -4.501  1.00 13.10 ? 8   DG  B "C3'" 1 
ATOM   154  O  "O3'" . DG  A 1 8  ? -0.751  15.101  -4.191  1.00 15.21 ? 8   DG  B "O3'" 1 
ATOM   155  C  "C2'" . DG  A 1 8  ? -0.797  12.851  -5.112  1.00 11.67 ? 8   DG  B "C2'" 1 
ATOM   156  C  "C1'" . DG  A 1 8  ? -0.337  12.077  -3.888  1.00 10.34 ? 8   DG  B "C1'" 1 
ATOM   157  N  N9    . DG  A 1 8  ? -0.108  10.659  -4.143  1.00 10.33 ? 8   DG  B N9    1 
ATOM   158  C  C8    . DG  A 1 8  ? -0.917  9.813   -4.863  1.00 8.90  ? 8   DG  B C8    1 
ATOM   159  N  N7    . DG  A 1 8  ? -0.450  8.597   -4.940  1.00 10.11 ? 8   DG  B N7    1 
ATOM   160  C  C5    . DG  A 1 8  ? 0.744   8.638   -4.227  1.00 9.72  ? 8   DG  B C5    1 
ATOM   161  C  C6    . DG  A 1 8  ? 1.693   7.614   -3.972  1.00 8.86  ? 8   DG  B C6    1 
ATOM   162  O  O6    . DG  A 1 8  ? 1.674   6.434   -4.345  1.00 10.03 ? 8   DG  B O6    1 
ATOM   163  N  N1    . DG  A 1 8  ? 2.755   8.080   -3.201  1.00 8.76  ? 8   DG  B N1    1 
ATOM   164  C  C2    . DG  A 1 8  ? 2.886   9.365   -2.737  1.00 9.19  ? 8   DG  B C2    1 
ATOM   165  N  N2    . DG  A 1 8  ? 3.979   9.614   -2.002  1.00 7.29  ? 8   DG  B N2    1 
ATOM   166  N  N3    . DG  A 1 8  ? 2.008   10.335  -2.977  1.00 9.61  ? 8   DG  B N3    1 
ATOM   167  C  C4    . DG  A 1 8  ? 0.967   9.901   -3.722  1.00 9.70  ? 8   DG  B C4    1 
ATOM   168  P  P     . DC  A 1 9  ? -0.121  15.977  -5.377  1.00 13.67 ? 9   DC  B P     1 
ATOM   169  O  OP1   . DC  A 1 9  ? 0.127   17.338  -4.849  1.00 16.63 ? 9   DC  B OP1   1 
ATOM   170  O  OP2   . DC  A 1 9  ? -0.948  15.803  -6.597  1.00 15.32 ? 9   DC  B OP2   1 
ATOM   171  O  "O5'" . DC  A 1 9  ? 1.280   15.270  -5.637  1.00 14.49 ? 9   DC  B "O5'" 1 
ATOM   172  C  "C5'" . DC  A 1 9  ? 2.160   14.975  -4.542  1.00 13.65 ? 9   DC  B "C5'" 1 
ATOM   173  C  "C4'" . DC  A 1 9  ? 3.333   14.148  -5.012  1.00 15.24 ? 9   DC  B "C4'" 1 
ATOM   174  O  "O4'" . DC  A 1 9  ? 3.033   12.730  -5.063  1.00 13.54 ? 9   DC  B "O4'" 1 
ATOM   175  C  "C3'" . DC  A 1 9  ? 3.886   14.516  -6.393  1.00 14.95 ? 9   DC  B "C3'" 1 
ATOM   176  O  "O3'" . DC  A 1 9  ? 5.304   14.518  -6.327  1.00 18.85 ? 9   DC  B "O3'" 1 
ATOM   177  C  "C2'" . DC  A 1 9  ? 3.481   13.331  -7.250  1.00 14.73 ? 9   DC  B "C2'" 1 
ATOM   178  C  "C1'" . DC  A 1 9  ? 3.662   12.233  -6.226  1.00 13.00 ? 9   DC  B "C1'" 1 
ATOM   179  N  N1    . DC  A 1 9  ? 3.096   10.919  -6.559  1.00 10.78 ? 9   DC  B N1    1 
ATOM   180  C  C2    . DC  A 1 9  ? 3.801   9.775   -6.172  1.00 9.71  ? 9   DC  B C2    1 
ATOM   181  O  O2    . DC  A 1 9  ? 4.826   9.906   -5.487  1.00 8.63  ? 9   DC  B O2    1 
ATOM   182  N  N3    . DC  A 1 9  ? 3.349   8.561   -6.549  1.00 9.02  ? 9   DC  B N3    1 
ATOM   183  C  C4    . DC  A 1 9  ? 2.228   8.460   -7.265  1.00 9.86  ? 9   DC  B C4    1 
ATOM   184  N  N4    . DC  A 1 9  ? 1.837   7.240   -7.639  1.00 9.12  ? 9   DC  B N4    1 
ATOM   185  C  C5    . DC  A 1 9  ? 1.463   9.605   -7.634  1.00 9.50  ? 9   DC  B C5    1 
ATOM   186  C  C6    . DC  A 1 9  ? 1.928   10.804  -7.261  1.00 10.80 ? 9   DC  B C6    1 
ATOM   187  P  P     . DA  A 1 10 ? 6.112   15.860  -6.652  1.00 19.09 ? 10  DA  B P     1 
ATOM   188  O  OP1   . DA  A 1 10 ? 5.682   16.897  -5.679  1.00 21.58 ? 10  DA  B OP1   1 
ATOM   189  O  OP2   . DA  A 1 10 ? 5.994   16.121  -8.108  1.00 20.03 ? 10  DA  B OP2   1 
ATOM   190  O  "O5'" . DA  A 1 10 ? 7.609   15.442  -6.321  1.00 18.30 ? 10  DA  B "O5'" 1 
ATOM   191  C  "C5'" . DA  A 1 10 ? 7.974   15.029  -4.998  1.00 15.36 ? 10  DA  B "C5'" 1 
ATOM   192  C  "C4'" . DA  A 1 10 ? 9.017   13.940  -5.057  1.00 14.54 ? 10  DA  B "C4'" 1 
ATOM   193  O  "O4'" . DA  A 1 10 ? 8.425   12.675  -5.440  1.00 14.08 ? 10  DA  B "O4'" 1 
ATOM   194  C  "C3'" . DA  A 1 10 ? 10.152  14.197  -6.043  1.00 12.72 ? 10  DA  B "C3'" 1 
ATOM   195  O  "O3'" . DA  A 1 10 ? 11.382  13.821  -5.430  1.00 12.88 ? 10  DA  B "O3'" 1 
ATOM   196  C  "C2'" . DA  A 1 10 ? 9.812   13.302  -7.225  1.00 11.45 ? 10  DA  B "C2'" 1 
ATOM   197  C  "C1'" . DA  A 1 10 ? 9.101   12.131  -6.565  1.00 11.81 ? 10  DA  B "C1'" 1 
ATOM   198  N  N9    . DA  A 1 10 ? 8.099   11.453  -7.393  1.00 10.70 ? 10  DA  B N9    1 
ATOM   199  C  C8    . DA  A 1 10 ? 7.006   12.008  -8.015  1.00 10.90 ? 10  DA  B C8    1 
ATOM   200  N  N7    . DA  A 1 10 ? 6.257   11.135  -8.647  1.00 8.63  ? 10  DA  B N7    1 
ATOM   201  C  C5    . DA  A 1 10 ? 6.904   9.927   -8.438  1.00 9.40  ? 10  DA  B C5    1 
ATOM   202  C  C6    . DA  A 1 10 ? 6.609   8.611   -8.844  1.00 9.44  ? 10  DA  B C6    1 
ATOM   203  N  N6    . DA  A 1 10 ? 5.528   8.281   -9.558  1.00 9.25  ? 10  DA  B N6    1 
ATOM   204  N  N1    . DA  A 1 10 ? 7.469   7.633   -8.480  1.00 10.76 ? 10  DA  B N1    1 
ATOM   205  C  C2    . DA  A 1 10 ? 8.547   7.963   -7.751  1.00 9.94  ? 10  DA  B C2    1 
ATOM   206  N  N3    . DA  A 1 10 ? 8.926   9.159   -7.301  1.00 8.80  ? 10  DA  B N3    1 
ATOM   207  C  C4    . DA  A 1 10 ? 8.053   10.108  -7.682  1.00 9.77  ? 10  DA  B C4    1 
ATOM   208  P  P     . DC  A 1 11 ? 12.772  14.238  -6.108  1.00 12.55 ? 11  DC  B P     1 
ATOM   209  O  OP1   . DC  A 1 11 ? 13.786  14.254  -5.027  1.00 12.67 ? 11  DC  B OP1   1 
ATOM   210  O  OP2   . DC  A 1 11 ? 12.564  15.450  -6.942  1.00 12.12 ? 11  DC  B OP2   1 
ATOM   211  O  "O5'" . DC  A 1 11 ? 13.074  13.004  -7.065  1.00 11.38 ? 11  DC  B "O5'" 1 
ATOM   212  C  "C5'" . DC  A 1 11 ? 13.271  11.697  -6.507  1.00 11.01 ? 11  DC  B "C5'" 1 
ATOM   213  C  "C4'" . DC  A 1 11 ? 13.445  10.675  -7.605  1.00 11.78 ? 11  DC  B "C4'" 1 
ATOM   214  O  "O4'" . DC  A 1 11 ? 12.165  10.261  -8.147  1.00 13.06 ? 11  DC  B "O4'" 1 
ATOM   215  C  "C3'" . DC  A 1 11 ? 14.292  11.136  -8.794  1.00 11.39 ? 11  DC  B "C3'" 1 
ATOM   216  O  "O3'" . DC  A 1 11 ? 15.266  10.137  -9.086  1.00 12.41 ? 11  DC  B "O3'" 1 
ATOM   217  C  "C2'" . DC  A 1 11 ? 13.286  11.238  -9.930  1.00 11.56 ? 11  DC  B "C2'" 1 
ATOM   218  C  "C1'" . DC  A 1 11 ? 12.310  10.142  -9.549  1.00 11.72 ? 11  DC  B "C1'" 1 
ATOM   219  N  N1    . DC  A 1 11 ? 10.972  10.196  -10.165 1.00 10.28 ? 11  DC  B N1    1 
ATOM   220  C  C2    . DC  A 1 11 ? 10.341  8.988   -10.490 1.00 8.90  ? 11  DC  B C2    1 
ATOM   221  O  O2    . DC  A 1 11 ? 10.904  7.919   -10.214 1.00 11.22 ? 11  DC  B O2    1 
ATOM   222  N  N3    . DC  A 1 11 ? 9.133   9.012   -11.092 1.00 10.04 ? 11  DC  B N3    1 
ATOM   223  C  C4    . DC  A 1 11 ? 8.545   10.178  -11.359 1.00 9.59  ? 11  DC  B C4    1 
ATOM   224  N  N4    . DC  A 1 11 ? 7.353   10.145  -11.961 1.00 9.86  ? 11  DC  B N4    1 
ATOM   225  C  C5    . DC  A 1 11 ? 9.153   11.427  -11.021 1.00 8.34  ? 11  DC  B C5    1 
ATOM   226  C  C6    . DC  A 1 11 ? 10.357  11.389  -10.431 1.00 9.33  ? 11  DC  B C6    1 
ATOM   227  O  "O5'" . DT  B 2 1  ? 1.817   4.899   -17.720 1.00 21.68 ? 51  DT  C "O5'" 1 
ATOM   228  C  "C5'" . DT  B 2 1  ? 2.289   4.437   -19.004 1.00 22.24 ? 51  DT  C "C5'" 1 
ATOM   229  C  "C4'" . DT  B 2 1  ? 3.563   3.633   -18.882 1.00 20.53 ? 51  DT  C "C4'" 1 
ATOM   230  O  "O4'" . DT  B 2 1  ? 4.702   4.531   -18.937 1.00 18.51 ? 51  DT  C "O4'" 1 
ATOM   231  C  "C3'" . DT  B 2 1  ? 3.653   2.886   -17.553 1.00 18.88 ? 51  DT  C "C3'" 1 
ATOM   232  O  "O3'" . DT  B 2 1  ? 3.990   1.512   -17.682 1.00 16.66 ? 51  DT  C "O3'" 1 
ATOM   233  C  "C2'" . DT  B 2 1  ? 4.700   3.636   -16.753 1.00 18.42 ? 51  DT  C "C2'" 1 
ATOM   234  C  "C1'" . DT  B 2 1  ? 5.506   4.425   -17.769 1.00 16.65 ? 51  DT  C "C1'" 1 
ATOM   235  N  N1    . DT  B 2 1  ? 5.735   5.786   -17.250 1.00 14.57 ? 51  DT  C N1    1 
ATOM   236  C  C2    . DT  B 2 1  ? 7.000   6.137   -16.836 1.00 13.41 ? 51  DT  C C2    1 
ATOM   237  O  O2    . DT  B 2 1  ? 7.968   5.403   -16.943 1.00 14.00 ? 51  DT  C O2    1 
ATOM   238  N  N3    . DT  B 2 1  ? 7.094   7.393   -16.288 1.00 12.78 ? 51  DT  C N3    1 
ATOM   239  C  C4    . DT  B 2 1  ? 6.073   8.308   -16.120 1.00 12.58 ? 51  DT  C C4    1 
ATOM   240  O  O4    . DT  B 2 1  ? 6.307   9.388   -15.583 1.00 12.15 ? 51  DT  C O4    1 
ATOM   241  C  C5    . DT  B 2 1  ? 4.778   7.889   -16.605 1.00 12.66 ? 51  DT  C C5    1 
ATOM   242  C  C7    . DT  B 2 1  ? 3.616   8.820   -16.479 1.00 11.40 ? 51  DT  C C7    1 
ATOM   243  C  C6    . DT  B 2 1  ? 4.677   6.666   -17.144 1.00 12.60 ? 51  DT  C C6    1 
ATOM   244  P  P     . DG  B 2 2  ? 3.661   0.519   -16.462 1.00 16.54 ? 52  DG  C P     1 
ATOM   245  O  OP1   . DG  B 2 2  ? 3.314   -0.832  -16.988 1.00 16.77 ? 52  DG  C OP1   1 
ATOM   246  O  OP2   . DG  B 2 2  ? 2.718   1.221   -15.556 1.00 16.00 ? 52  DG  C OP2   1 
ATOM   247  O  "O5'" . DG  B 2 2  ? 5.055   0.415   -15.696 1.00 15.47 ? 52  DG  C "O5'" 1 
ATOM   248  C  "C5'" . DG  B 2 2  ? 6.231   -0.041  -16.378 1.00 13.37 ? 52  DG  C "C5'" 1 
ATOM   249  C  "C4'" . DG  B 2 2  ? 7.416   -0.001  -15.445 1.00 11.62 ? 52  DG  C "C4'" 1 
ATOM   250  O  "O4'" . DG  B 2 2  ? 7.710   1.373   -15.101 1.00 10.51 ? 52  DG  C "O4'" 1 
ATOM   251  C  "C3'" . DG  B 2 2  ? 7.204   -0.730  -14.122 1.00 10.67 ? 52  DG  C "C3'" 1 
ATOM   252  O  "O3'" . DG  B 2 2  ? 8.429   -1.363  -13.763 1.00 10.96 ? 52  DG  C "O3'" 1 
ATOM   253  C  "C2'" . DG  B 2 2  ? 6.815   0.381   -13.161 1.00 10.11 ? 52  DG  C "C2'" 1 
ATOM   254  C  "C1'" . DG  B 2 2  ? 7.582   1.578   -13.701 1.00 11.29 ? 52  DG  C "C1'" 1 
ATOM   255  N  N9    . DG  B 2 2  ? 6.938   2.874   -13.511 1.00 10.25 ? 52  DG  C N9    1 
ATOM   256  C  C8    . DG  B 2 2  ? 5.659   3.230   -13.868 1.00 11.27 ? 52  DG  C C8    1 
ATOM   257  N  N7    . DG  B 2 2  ? 5.387   4.486   -13.622 1.00 9.74  ? 52  DG  C N7    1 
ATOM   258  C  C5    . DG  B 2 2  ? 6.553   4.980   -13.057 1.00 9.27  ? 52  DG  C C5    1 
ATOM   259  C  C6    . DG  B 2 2  ? 6.865   6.283   -12.593 1.00 10.44 ? 52  DG  C C6    1 
ATOM   260  O  O6    . DG  B 2 2  ? 6.154   7.299   -12.604 1.00 11.74 ? 52  DG  C O6    1 
ATOM   261  N  N1    . DG  B 2 2  ? 8.158   6.347   -12.081 1.00 10.73 ? 52  DG  C N1    1 
ATOM   262  C  C2    . DG  B 2 2  ? 9.039   5.293   -12.031 1.00 11.16 ? 52  DG  C C2    1 
ATOM   263  N  N2    . DG  B 2 2  ? 10.237  5.546   -11.493 1.00 11.63 ? 52  DG  C N2    1 
ATOM   264  N  N3    . DG  B 2 2  ? 8.764   4.079   -12.473 1.00 9.97  ? 52  DG  C N3    1 
ATOM   265  C  C4    . DG  B 2 2  ? 7.513   3.997   -12.967 1.00 9.79  ? 52  DG  C C4    1 
ATOM   266  P  P     . DT  B 2 3  ? 8.501   -2.302  -12.471 1.00 11.81 ? 53  DT  C P     1 
ATOM   267  O  OP1   . DT  B 2 3  ? 9.598   -3.273  -12.699 1.00 12.58 ? 53  DT  C OP1   1 
ATOM   268  O  OP2   . DT  B 2 3  ? 7.137   -2.794  -12.135 1.00 11.90 ? 53  DT  C OP2   1 
ATOM   269  O  "O5'" . DT  B 2 3  ? 8.965   -1.296  -11.335 1.00 11.55 ? 53  DT  C "O5'" 1 
ATOM   270  C  "C5'" . DT  B 2 3  ? 10.193  -0.577  -11.478 1.00 11.35 ? 53  DT  C "C5'" 1 
ATOM   271  C  "C4'" . DT  B 2 3  ? 10.470  0.227   -10.233 1.00 11.15 ? 53  DT  C "C4'" 1 
ATOM   272  O  "O4'" . DT  B 2 3  ? 9.782   1.499   -10.272 1.00 10.94 ? 53  DT  C "O4'" 1 
ATOM   273  C  "C3'" . DT  B 2 3  ? 10.053  -0.454  -8.931  1.00 11.73 ? 53  DT  C "C3'" 1 
ATOM   274  O  "O3'" . DT  B 2 3  ? 11.148  -0.421  -8.021  1.00 13.03 ? 53  DT  C "O3'" 1 
ATOM   275  C  "C2'" . DT  B 2 3  ? 8.880   0.382   -8.438  1.00 10.21 ? 53  DT  C "C2'" 1 
ATOM   276  C  "C1'" . DT  B 2 3  ? 9.203   1.753   -9.006  1.00 10.38 ? 53  DT  C "C1'" 1 
ATOM   277  N  N1    . DT  B 2 3  ? 8.065   2.676   -9.211  1.00 9.92  ? 53  DT  C N1    1 
ATOM   278  C  C2    . DT  B 2 3  ? 8.267   4.009   -8.922  1.00 9.80  ? 53  DT  C C2    1 
ATOM   279  O  O2    . DT  B 2 3  ? 9.317   4.446   -8.479  1.00 10.25 ? 53  DT  C O2    1 
ATOM   280  N  N3    . DT  B 2 3  ? 7.191   4.821   -9.175  1.00 9.45  ? 53  DT  C N3    1 
ATOM   281  C  C4    . DT  B 2 3  ? 5.953   4.443   -9.656  1.00 8.14  ? 53  DT  C C4    1 
ATOM   282  O  O4    . DT  B 2 3  ? 5.088   5.294   -9.844  1.00 7.18  ? 53  DT  C O4    1 
ATOM   283  C  C5    . DT  B 2 3  ? 5.797   3.025   -9.909  1.00 7.95  ? 53  DT  C C5    1 
ATOM   284  C  C7    . DT  B 2 3  ? 4.480   2.518   -10.405 1.00 8.47  ? 53  DT  C C7    1 
ATOM   285  C  C6    . DT  B 2 3  ? 6.846   2.223   -9.675  1.00 9.09  ? 53  DT  C C6    1 
ATOM   286  P  P     . DG  B 2 4  ? 11.081  -1.262  -6.658  1.00 12.09 ? 54  DG  C P     1 
ATOM   287  O  OP1   . DG  B 2 4  ? 12.446  -1.758  -6.353  1.00 12.48 ? 54  DG  C OP1   1 
ATOM   288  O  OP2   . DG  B 2 4  ? 9.952   -2.224  -6.742  1.00 11.01 ? 54  DG  C OP2   1 
ATOM   289  O  "O5'" . DG  B 2 4  ? 10.705  -0.141  -5.597  1.00 10.65 ? 54  DG  C "O5'" 1 
ATOM   290  C  "C5'" . DG  B 2 4  ? 11.410  1.106   -5.588  1.00 10.25 ? 54  DG  C "C5'" 1 
ATOM   291  C  "C4'" . DG  B 2 4  ? 10.680  2.105   -4.726  1.00 10.95 ? 54  DG  C "C4'" 1 
ATOM   292  O  "O4'" . DG  B 2 4  ? 9.591   2.744   -5.442  1.00 10.36 ? 54  DG  C "O4'" 1 
ATOM   293  C  "C3'" . DG  B 2 4  ? 10.063  1.494   -3.467  1.00 12.36 ? 54  DG  C "C3'" 1 
ATOM   294  O  "O3'" . DG  B 2 4  ? 10.311  2.353   -2.369  1.00 13.71 ? 54  DG  C "O3'" 1 
ATOM   295  C  "C2'" . DG  B 2 4  ? 8.573   1.525   -3.756  1.00 11.54 ? 54  DG  C "C2'" 1 
ATOM   296  C  "C1'" . DG  B 2 4  ? 8.492   2.805   -4.554  1.00 10.43 ? 54  DG  C "C1'" 1 
ATOM   297  N  N9    . DG  B 2 4  ? 7.268   2.991   -5.326  1.00 9.46  ? 54  DG  C N9    1 
ATOM   298  C  C8    . DG  B 2 4  ? 6.501   2.025   -5.935  1.00 10.12 ? 54  DG  C C8    1 
ATOM   299  N  N7    . DG  B 2 4  ? 5.417   2.506   -6.482  1.00 8.85  ? 54  DG  C N7    1 
ATOM   300  C  C5    . DG  B 2 4  ? 5.481   3.872   -6.233  1.00 9.51  ? 54  DG  C C5    1 
ATOM   301  C  C6    . DG  B 2 4  ? 4.578   4.914   -6.569  1.00 8.76  ? 54  DG  C C6    1 
ATOM   302  O  O6    . DG  B 2 4  ? 3.495   4.837   -7.159  1.00 10.31 ? 54  DG  C O6    1 
ATOM   303  N  N1    . DG  B 2 4  ? 5.039   6.152   -6.131  1.00 9.76  ? 54  DG  C N1    1 
ATOM   304  C  C2    . DG  B 2 4  ? 6.212   6.359   -5.447  1.00 9.48  ? 54  DG  C C2    1 
ATOM   305  N  N2    . DG  B 2 4  ? 6.483   7.629   -5.108  1.00 10.76 ? 54  DG  C N2    1 
ATOM   306  N  N3    . DG  B 2 4  ? 7.055   5.396   -5.120  1.00 8.83  ? 54  DG  C N3    1 
ATOM   307  C  C4    . DG  B 2 4  ? 6.631   4.185   -5.540  1.00 9.41  ? 54  DG  C C4    1 
ATOM   308  P  P     . DC  B 2 5  ? 11.345  1.904   -1.237  1.00 14.22 ? 55  DC  C P     1 
ATOM   309  O  OP1   . DC  B 2 5  ? 12.714  1.899   -1.815  1.00 15.04 ? 55  DC  C OP1   1 
ATOM   310  O  OP2   . DC  B 2 5  ? 10.813  0.683   -0.586  1.00 13.44 ? 55  DC  C OP2   1 
ATOM   311  O  "O5'" . DC  B 2 5  ? 11.227  3.090   -0.198  1.00 14.79 ? 55  DC  C "O5'" 1 
ATOM   312  C  "C5'" . DC  B 2 5  ? 9.958   3.413   0.355   1.00 14.23 ? 55  DC  C "C5'" 1 
ATOM   313  C  "C4'" . DC  B 2 5  ? 9.745   4.903   0.320   1.00 13.39 ? 55  DC  C "C4'" 1 
ATOM   314  O  "O4'" . DC  B 2 5  ? 9.139   5.264   -0.952  1.00 12.93 ? 55  DC  C "O4'" 1 
ATOM   315  C  "C3'" . DC  B 2 5  ? 8.758   5.316   1.403   1.00 13.11 ? 55  DC  C "C3'" 1 
ATOM   316  O  "O3'" . DC  B 2 5  ? 9.329   6.171   2.366   1.00 12.53 ? 55  DC  C "O3'" 1 
ATOM   317  C  "C2'" . DC  B 2 5  ? 7.614   6.000   0.685   1.00 15.26 ? 55  DC  C "C2'" 1 
ATOM   318  C  "C1'" . DC  B 2 5  ? 8.035   6.143   -0.758  1.00 12.97 ? 55  DC  C "C1'" 1 
ATOM   319  N  N1    . DC  B 2 5  ? 6.901   5.648   -1.551  1.00 10.45 ? 55  DC  C N1    1 
ATOM   320  C  C2    . DC  B 2 5  ? 5.947   6.569   -2.000  1.00 10.07 ? 55  DC  C C2    1 
ATOM   321  O  O2    . DC  B 2 5  ? 6.148   7.777   -1.816  1.00 9.77  ? 55  DC  C O2    1 
ATOM   322  N  N3    . DC  B 2 5  ? 4.832   6.117   -2.616  1.00 9.47  ? 55  DC  C N3    1 
ATOM   323  C  C4    . DC  B 2 5  ? 4.653   4.811   -2.800  1.00 8.80  ? 55  DC  C C4    1 
ATOM   324  N  N4    . DC  B 2 5  ? 3.511   4.407   -3.360  1.00 6.17  ? 55  DC  C N4    1 
ATOM   325  C  C5    . DC  B 2 5  ? 5.635   3.852   -2.404  1.00 8.69  ? 55  DC  C C5    1 
ATOM   326  C  C6    . DC  B 2 5  ? 6.739   4.311   -1.795  1.00 10.40 ? 55  DC  C C6    1 
ATOM   327  P  P     . DC  B 2 6  ? 8.659   6.239   3.814   1.00 13.49 ? 56  DC  C P     1 
ATOM   328  O  OP1   . DC  B 2 6  ? 9.709   6.599   4.801   1.00 13.67 ? 56  DC  C OP1   1 
ATOM   329  O  OP2   . DC  B 2 6  ? 7.861   4.999   4.004   1.00 10.46 ? 56  DC  C OP2   1 
ATOM   330  O  "O5'" . DC  B 2 6  ? 7.646   7.451   3.659   1.00 11.60 ? 56  DC  C "O5'" 1 
ATOM   331  C  "C5'" . DC  B 2 6  ? 8.105   8.704   3.143   1.00 11.96 ? 56  DC  C "C5'" 1 
ATOM   332  C  "C4'" . DC  B 2 6  ? 6.956   9.676   3.071   1.00 11.90 ? 56  DC  C "C4'" 1 
ATOM   333  O  "O4'" . DC  B 2 6  ? 6.035   9.264   2.032   1.00 10.49 ? 56  DC  C "O4'" 1 
ATOM   334  C  "C3'" . DC  B 2 6  ? 6.145   9.737   4.362   1.00 11.08 ? 56  DC  C "C3'" 1 
ATOM   335  O  "O3'" . DC  B 2 6  ? 5.784   11.090  4.619   1.00 12.83 ? 56  DC  C "O3'" 1 
ATOM   336  C  "C2'" . DC  B 2 6  ? 4.933   8.865   4.067   1.00 10.81 ? 56  DC  C "C2'" 1 
ATOM   337  C  "C1'" . DC  B 2 6  ? 4.740   9.038   2.567   1.00 9.56  ? 56  DC  C "C1'" 1 
ATOM   338  N  N1    . DC  B 2 6  ? 4.175   7.861   1.881   1.00 9.53  ? 56  DC  C N1    1 
ATOM   339  C  C2    . DC  B 2 6  ? 2.998   8.007   1.136   1.00 9.44  ? 56  DC  C C2    1 
ATOM   340  O  O2    . DC  B 2 6  ? 2.447   9.118   1.088   1.00 10.83 ? 56  DC  C O2    1 
ATOM   341  N  N3    . DC  B 2 6  ? 2.489   6.932   0.489   1.00 10.29 ? 56  DC  C N3    1 
ATOM   342  C  C4    . DC  B 2 6  ? 3.104   5.750   0.570   1.00 8.19  ? 56  DC  C C4    1 
ATOM   343  N  N4    . DC  B 2 6  ? 2.564   4.720   -0.086  1.00 7.81  ? 56  DC  C N4    1 
ATOM   344  C  C5    . DC  B 2 6  ? 4.298   5.572   1.329   1.00 8.10  ? 56  DC  C C5    1 
ATOM   345  C  C6    . DC  B 2 6  ? 4.794   6.644   1.962   1.00 8.19  ? 56  DC  C C6    1 
ATOM   346  P  P     . DC  B 2 7  ? 5.116   11.485  6.021   1.00 13.27 ? 57  DC  C P     1 
ATOM   347  O  OP1   . DC  B 2 7  ? 5.346   12.937  6.208   1.00 14.21 ? 57  DC  C OP1   1 
ATOM   348  O  OP2   . DC  B 2 7  ? 5.576   10.528  7.057   1.00 14.65 ? 57  DC  C OP2   1 
ATOM   349  O  "O5'" . DC  B 2 7  ? 3.569   11.259  5.748   1.00 12.46 ? 57  DC  C "O5'" 1 
ATOM   350  C  "C5'" . DC  B 2 7  ? 2.943   11.964  4.674   1.00 13.05 ? 57  DC  C "C5'" 1 
ATOM   351  C  "C4'" . DC  B 2 7  ? 1.500   11.549  4.528   1.00 14.00 ? 57  DC  C "C4'" 1 
ATOM   352  O  "O4'" . DC  B 2 7  ? 1.367   10.307  3.795   1.00 14.52 ? 57  DC  C "O4'" 1 
ATOM   353  C  "C3'" . DC  B 2 7  ? 0.719   11.381  5.830   1.00 14.52 ? 57  DC  C "C3'" 1 
ATOM   354  O  "O3'" . DC  B 2 7  ? -0.445  12.202  5.752   1.00 15.54 ? 57  DC  C "O3'" 1 
ATOM   355  C  "C2'" . DC  B 2 7  ? 0.365   9.898   5.853   1.00 15.23 ? 57  DC  C "C2'" 1 
ATOM   356  C  "C1'" . DC  B 2 7  ? 0.322   9.549   4.373   1.00 13.33 ? 57  DC  C "C1'" 1 
ATOM   357  N  N1    . DC  B 2 7  ? 0.531   8.131   4.012   1.00 12.20 ? 57  DC  C N1    1 
ATOM   358  C  C2    . DC  B 2 7  ? -0.392  7.516   3.153   1.00 9.41  ? 57  DC  C C2    1 
ATOM   359  O  O2    . DC  B 2 7  ? -1.355  8.171   2.737   1.00 11.22 ? 57  DC  C O2    1 
ATOM   360  N  N3    . DC  B 2 7  ? -0.208  6.225   2.800   1.00 8.35  ? 57  DC  C N3    1 
ATOM   361  C  C4    . DC  B 2 7  ? 0.835   5.543   3.273   1.00 8.05  ? 57  DC  C C4    1 
ATOM   362  N  N4    . DC  B 2 7  ? 0.965   4.268   2.902   1.00 6.88  ? 57  DC  C N4    1 
ATOM   363  C  C5    . DC  B 2 7  ? 1.790   6.140   4.153   1.00 9.14  ? 57  DC  C C5    1 
ATOM   364  C  C6    . DC  B 2 7  ? 1.600   7.425   4.492   1.00 10.53 ? 57  DC  C C6    1 
ATOM   365  P  P     . DA  B 2 8  ? -1.332  12.467  7.062   1.00 17.85 ? 58  DA  C P     1 
ATOM   366  O  OP1   . DA  B 2 8  ? -1.897  13.838  6.969   1.00 18.96 ? 58  DA  C OP1   1 
ATOM   367  O  OP2   . DA  B 2 8  ? -0.580  12.060  8.273   1.00 16.19 ? 58  DA  C OP2   1 
ATOM   368  O  "O5'" . DA  B 2 8  ? -2.522  11.444  6.843   1.00 14.63 ? 58  DA  C "O5'" 1 
ATOM   369  C  "C5'" . DA  B 2 8  ? -3.097  11.310  5.542   1.00 18.35 ? 58  DA  C "C5'" 1 
ATOM   370  C  "C4'" . DA  B 2 8  ? -4.146  10.232  5.554   1.00 18.49 ? 58  DA  C "C4'" 1 
ATOM   371  O  "O4'" . DA  B 2 8  ? -3.603  8.983   5.064   1.00 18.21 ? 58  DA  C "O4'" 1 
ATOM   372  C  "C3'" . DA  B 2 8  ? -4.709  9.960   6.949   1.00 19.35 ? 58  DA  C "C3'" 1 
ATOM   373  O  "O3'" . DA  B 2 8  ? -6.120  10.127  6.937   1.00 22.70 ? 58  DA  C "O3'" 1 
ATOM   374  C  "C2'" . DA  B 2 8  ? -4.309  8.520   7.233   1.00 18.95 ? 58  DA  C "C2'" 1 
ATOM   375  C  "C1'" . DA  B 2 8  ? -4.112  7.925   5.848   1.00 16.84 ? 58  DA  C "C1'" 1 
ATOM   376  N  N9    . DA  B 2 8  ? -3.144  6.828   5.818   1.00 14.32 ? 58  DA  C N9    1 
ATOM   377  C  C8    . DA  B 2 8  ? -1.997  6.715   6.564   1.00 13.38 ? 58  DA  C C8    1 
ATOM   378  N  N7    . DA  B 2 8  ? -1.360  5.584   6.387   1.00 12.64 ? 58  DA  C N7    1 
ATOM   379  C  C5    . DA  B 2 8  ? -2.128  4.911   5.448   1.00 11.40 ? 58  DA  C C5    1 
ATOM   380  C  C6    . DA  B 2 8  ? -1.992  3.647   4.846   1.00 10.72 ? 58  DA  C C6    1 
ATOM   381  N  N6    . DA  B 2 8  ? -1.007  2.789   5.139   1.00 9.30  ? 58  DA  C N6    1 
ATOM   382  N  N1    . DA  B 2 8  ? -2.922  3.282   3.937   1.00 9.01  ? 58  DA  C N1    1 
ATOM   383  C  C2    . DA  B 2 8  ? -3.920  4.134   3.663   1.00 9.13  ? 58  DA  C C2    1 
ATOM   384  N  N3    . DA  B 2 8  ? -4.161  5.342   4.170   1.00 10.49 ? 58  DA  C N3    1 
ATOM   385  C  C4    . DA  B 2 8  ? -3.217  5.676   5.068   1.00 12.33 ? 58  DA  C C4    1 
ATOM   386  P  P     . DC  B 2 9  ? -6.969  9.890   8.278   1.00 22.94 ? 59  DC  C P     1 
ATOM   387  O  OP1   . DC  B 2 9  ? -7.815  11.084  8.517   1.00 23.73 ? 59  DC  C OP1   1 
ATOM   388  O  OP2   . DC  B 2 9  ? -6.087  9.385   9.358   1.00 22.54 ? 59  DC  C OP2   1 
ATOM   389  O  "O5'" . DC  B 2 9  ? -7.919  8.710   7.809   1.00 22.96 ? 59  DC  C "O5'" 1 
ATOM   390  C  "C5'" . DC  B 2 9  ? -8.361  8.670   6.446   1.00 21.64 ? 59  DC  C "C5'" 1 
ATOM   391  C  "C4'" . DC  B 2 9  ? -8.905  7.303   6.116   1.00 21.72 ? 59  DC  C "C4'" 1 
ATOM   392  O  "O4'" . DC  B 2 9  ? -7.830  6.366   5.857   1.00 19.46 ? 59  DC  C "O4'" 1 
ATOM   393  C  "C3'" . DC  B 2 9  ? -9.745  6.708   7.243   1.00 23.46 ? 59  DC  C "C3'" 1 
ATOM   394  O  "O3'" . DC  B 2 9  ? -10.973 6.216   6.714   1.00 27.90 ? 59  DC  C "O3'" 1 
ATOM   395  C  "C2'" . DC  B 2 9  ? -8.875  5.586   7.790   1.00 20.83 ? 59  DC  C "C2'" 1 
ATOM   396  C  "C1'" . DC  B 2 9  ? -8.078  5.168   6.568   1.00 19.03 ? 59  DC  C "C1'" 1 
ATOM   397  N  N1    . DC  B 2 9  ? -6.781  4.527   6.858   1.00 16.97 ? 59  DC  C N1    1 
ATOM   398  C  C2    . DC  B 2 9  ? -6.448  3.340   6.187   1.00 15.82 ? 59  DC  C C2    1 
ATOM   399  O  O2    . DC  B 2 9  ? -7.235  2.886   5.341   1.00 16.09 ? 59  DC  C O2    1 
ATOM   400  N  N3    . DC  B 2 9  ? -5.279  2.722   6.474   1.00 13.14 ? 59  DC  C N3    1 
ATOM   401  C  C4    . DC  B 2 9  ? -4.453  3.249   7.379   1.00 12.34 ? 59  DC  C C4    1 
ATOM   402  N  N4    . DC  B 2 9  ? -3.316  2.596   7.641   1.00 11.40 ? 59  DC  C N4    1 
ATOM   403  C  C5    . DC  B 2 9  ? -4.754  4.466   8.060   1.00 14.13 ? 59  DC  C C5    1 
ATOM   404  C  C6    . DC  B 2 9  ? -5.919  5.066   7.772   1.00 14.74 ? 59  DC  C C6    1 
ATOM   405  P  P     . DG  B 2 10 ? -12.074 5.601   7.701   1.00 30.66 ? 60  DG  C P     1 
ATOM   406  O  OP1   . DG  B 2 10 ? -13.405 6.046   7.216   1.00 32.78 ? 60  DG  C OP1   1 
ATOM   407  O  OP2   . DG  B 2 10 ? -11.676 5.862   9.111   1.00 31.39 ? 60  DG  C OP2   1 
ATOM   408  O  "O5'" . DG  B 2 10 ? -11.927 4.044   7.437   1.00 28.40 ? 60  DG  C "O5'" 1 
ATOM   409  C  "C5'" . DG  B 2 10 ? -11.894 3.537   6.095   1.00 25.06 ? 60  DG  C "C5'" 1 
ATOM   410  C  "C4'" . DG  B 2 10 ? -11.779 2.037   6.119   1.00 22.60 ? 60  DG  C "C4'" 1 
ATOM   411  O  "O4'" . DG  B 2 10 ? -10.387 1.643   6.215   1.00 22.29 ? 60  DG  C "O4'" 1 
ATOM   412  C  "C3'" . DG  B 2 10 ? -12.488 1.436   7.330   1.00 22.32 ? 60  DG  C "C3'" 1 
ATOM   413  O  "O3'" . DG  B 2 10 ? -13.351 0.371   6.971   1.00 22.70 ? 60  DG  C "O3'" 1 
ATOM   414  C  "C2'" . DG  B 2 10 ? -11.365 0.940   8.220   1.00 22.26 ? 60  DG  C "C2'" 1 
ATOM   415  C  "C1'" . DG  B 2 10 ? -10.215 0.700   7.261   1.00 20.96 ? 60  DG  C "C1'" 1 
ATOM   416  N  N9    . DG  B 2 10 ? -8.935  0.974   7.904   1.00 18.12 ? 60  DG  C N9    1 
ATOM   417  C  C8    . DG  B 2 10 ? -8.606  2.107   8.604   1.00 16.68 ? 60  DG  C C8    1 
ATOM   418  N  N7    . DG  B 2 10 ? -7.414  2.058   9.130   1.00 16.13 ? 60  DG  C N7    1 
ATOM   419  C  C5    . DG  B 2 10 ? -6.920  0.822   8.743   1.00 14.56 ? 60  DG  C C5    1 
ATOM   420  C  C6    . DG  B 2 10 ? -5.678  0.208   9.030   1.00 14.18 ? 60  DG  C C6    1 
ATOM   421  O  O6    . DG  B 2 10 ? -4.748  0.645   9.712   1.00 12.70 ? 60  DG  C O6    1 
ATOM   422  N  N1    . DG  B 2 10 ? -5.577  -1.046  8.435   1.00 12.07 ? 60  DG  C N1    1 
ATOM   423  C  C2    . DG  B 2 10 ? -6.550  -1.634  7.668   1.00 13.59 ? 60  DG  C C2    1 
ATOM   424  N  N2    . DG  B 2 10 ? -6.257  -2.845  7.178   1.00 15.04 ? 60  DG  C N2    1 
ATOM   425  N  N3    . DG  B 2 10 ? -7.722  -1.076  7.402   1.00 14.66 ? 60  DG  C N3    1 
ATOM   426  C  C4    . DG  B 2 10 ? -7.837  0.146   7.970   1.00 16.04 ? 60  DG  C C4    1 
ATOM   427  P  P     . DC  B 2 11 ? -14.401 -0.179  8.049   1.00 24.08 ? 61  DC  C P     1 
ATOM   428  O  OP1   . DC  B 2 11 ? -15.729 -0.283  7.390   1.00 25.80 ? 61  DC  C OP1   1 
ATOM   429  O  OP2   . DC  B 2 11 ? -14.256 0.627   9.290   1.00 24.88 ? 61  DC  C OP2   1 
ATOM   430  O  "O5'" . DC  B 2 11 ? -13.855 -1.640  8.350   1.00 22.76 ? 61  DC  C "O5'" 1 
ATOM   431  C  "C5'" . DC  B 2 11 ? -13.555 -2.534  7.267   1.00 19.27 ? 61  DC  C "C5'" 1 
ATOM   432  C  "C4'" . DC  B 2 11 ? -12.773 -3.723  7.771   1.00 16.88 ? 61  DC  C "C4'" 1 
ATOM   433  O  "O4'" . DC  B 2 11 ? -11.420 -3.320  8.103   1.00 15.36 ? 61  DC  C "O4'" 1 
ATOM   434  C  "C3'" . DC  B 2 11 ? -13.351 -4.362  9.034   1.00 16.30 ? 61  DC  C "C3'" 1 
ATOM   435  O  "O3'" . DC  B 2 11 ? -13.176 -5.774  8.968   1.00 18.66 ? 61  DC  C "O3'" 1 
ATOM   436  C  "C2'" . DC  B 2 11 ? -12.451 -3.826  10.133  1.00 15.15 ? 61  DC  C "C2'" 1 
ATOM   437  C  "C1'" . DC  B 2 11 ? -11.119 -3.763  9.411   1.00 13.97 ? 61  DC  C "C1'" 1 
ATOM   438  N  N1    . DC  B 2 11 ? -10.121 -2.850  9.994   1.00 13.87 ? 61  DC  C N1    1 
ATOM   439  C  C2    . DC  B 2 11 ? -8.793  -3.281  10.081  1.00 12.61 ? 61  DC  C C2    1 
ATOM   440  O  O2    . DC  B 2 11 ? -8.491  -4.386  9.608   1.00 12.12 ? 61  DC  C O2    1 
ATOM   441  N  N3    . DC  B 2 11 ? -7.875  -2.486  10.672  1.00 13.64 ? 61  DC  C N3    1 
ATOM   442  C  C4    . DC  B 2 11 ? -8.237  -1.294  11.155  1.00 13.10 ? 61  DC  C C4    1 
ATOM   443  N  N4    . DC  B 2 11 ? -7.301  -0.558  11.763  1.00 12.30 ? 61  DC  C N4    1 
ATOM   444  C  C5    . DC  B 2 11 ? -9.573  -0.809  11.043  1.00 12.04 ? 61  DC  C C5    1 
ATOM   445  C  C6    . DC  B 2 11 ? -10.476 -1.615  10.461  1.00 13.25 ? 61  DC  C C6    1 
ATOM   446  N  N     . ARG C 3 3  ? -8.046  19.399  -11.895 1.00 25.84 ? 103 ARG A N     1 
ATOM   447  C  CA    . ARG C 3 3  ? -8.079  17.960  -12.131 1.00 25.23 ? 103 ARG A CA    1 
ATOM   448  C  C     . ARG C 3 3  ? -8.792  17.657  -13.444 1.00 23.47 ? 103 ARG A C     1 
ATOM   449  O  O     . ARG C 3 3  ? -9.997  17.420  -13.478 1.00 24.47 ? 103 ARG A O     1 
ATOM   450  C  CB    . ARG C 3 3  ? -8.739  17.250  -10.951 1.00 24.62 ? 103 ARG A CB    1 
ATOM   451  C  CG    . ARG C 3 3  ? -7.989  17.492  -9.655  1.00 25.06 ? 103 ARG A CG    1 
ATOM   452  C  CD    . ARG C 3 3  ? -8.465  16.604  -8.536  1.00 25.18 ? 103 ARG A CD    1 
ATOM   453  N  NE    . ARG C 3 3  ? -7.630  16.776  -7.351  1.00 25.70 ? 103 ARG A NE    1 
ATOM   454  C  CZ    . ARG C 3 3  ? -7.384  15.824  -6.454  1.00 25.27 ? 103 ARG A CZ    1 
ATOM   455  N  NH1   . ARG C 3 3  ? -7.902  14.610  -6.594  1.00 22.01 ? 103 ARG A NH1   1 
ATOM   456  N  NH2   . ARG C 3 3  ? -6.637  16.104  -5.395  1.00 25.62 ? 103 ARG A NH2   1 
ATOM   457  N  N     . PRO C 3 4  ? -8.027  17.611  -14.542 1.00 22.41 ? 104 PRO A N     1 
ATOM   458  C  CA    . PRO C 3 4  ? -8.543  17.347  -15.885 1.00 21.37 ? 104 PRO A CA    1 
ATOM   459  C  C     . PRO C 3 4  ? -8.961  15.915  -16.185 1.00 19.95 ? 104 PRO A C     1 
ATOM   460  O  O     . PRO C 3 4  ? -9.713  15.689  -17.131 1.00 19.22 ? 104 PRO A O     1 
ATOM   461  C  CB    . PRO C 3 4  ? -7.368  17.733  -16.798 1.00 21.56 ? 104 PRO A CB    1 
ATOM   462  C  CG    . PRO C 3 4  ? -6.333  18.348  -15.893 1.00 22.00 ? 104 PRO A CG    1 
ATOM   463  C  CD    . PRO C 3 4  ? -6.563  17.723  -14.565 1.00 21.99 ? 104 PRO A CD    1 
ATOM   464  N  N     . TYR C 3 5  ? -8.493  14.957  -15.387 1.00 18.11 ? 105 TYR A N     1 
ATOM   465  C  CA    . TYR C 3 5  ? -8.791  13.557  -15.662 1.00 16.60 ? 105 TYR A CA    1 
ATOM   466  C  C     . TYR C 3 5  ? -9.794  12.864  -14.765 1.00 16.67 ? 105 TYR A C     1 
ATOM   467  O  O     . TYR C 3 5  ? -9.456  12.407  -13.678 1.00 15.82 ? 105 TYR A O     1 
ATOM   468  C  CB    . TYR C 3 5  ? -7.495  12.771  -15.719 1.00 15.82 ? 105 TYR A CB    1 
ATOM   469  C  CG    . TYR C 3 5  ? -6.479  13.437  -16.601 1.00 16.32 ? 105 TYR A CG    1 
ATOM   470  C  CD1   . TYR C 3 5  ? -6.535  13.300  -17.986 1.00 15.54 ? 105 TYR A CD1   1 
ATOM   471  C  CD2   . TYR C 3 5  ? -5.460  14.219  -16.053 1.00 15.84 ? 105 TYR A CD2   1 
ATOM   472  C  CE1   . TYR C 3 5  ? -5.602  13.922  -18.802 1.00 17.95 ? 105 TYR A CE1   1 
ATOM   473  C  CE2   . TYR C 3 5  ? -4.526  14.841  -16.860 1.00 16.56 ? 105 TYR A CE2   1 
ATOM   474  C  CZ    . TYR C 3 5  ? -4.602  14.689  -18.230 1.00 17.07 ? 105 TYR A CZ    1 
ATOM   475  O  OH    . TYR C 3 5  ? -3.677  15.305  -19.036 1.00 20.16 ? 105 TYR A OH    1 
ATOM   476  N  N     . ALA C 3 6  ? -11.007 12.705  -15.287 1.00 16.01 ? 106 ALA A N     1 
ATOM   477  C  CA    . ALA C 3 6  ? -12.099 12.080  -14.556 1.00 15.47 ? 106 ALA A CA    1 
ATOM   478  C  C     . ALA C 3 6  ? -12.208 10.585  -14.815 1.00 15.27 ? 106 ALA A C     1 
ATOM   479  O  O     . ALA C 3 6  ? -12.018 10.130  -15.939 1.00 15.08 ? 106 ALA A O     1 
ATOM   480  C  CB    . ALA C 3 6  ? -13.414 12.765  -14.921 1.00 15.93 ? 106 ALA A CB    1 
ATOM   481  N  N     . CYS C 3 7  ? -12.517 9.817   -13.770 1.00 15.21 ? 107 CYS A N     1 
ATOM   482  C  CA    . CYS C 3 7  ? -12.686 8.372   -13.926 1.00 15.54 ? 107 CYS A CA    1 
ATOM   483  C  C     . CYS C 3 7  ? -13.927 8.188   -14.787 1.00 16.04 ? 107 CYS A C     1 
ATOM   484  O  O     . CYS C 3 7  ? -14.976 8.746   -14.487 1.00 15.81 ? 107 CYS A O     1 
ATOM   485  C  CB    . CYS C 3 7  ? -12.902 7.687   -12.584 1.00 13.97 ? 107 CYS A CB    1 
ATOM   486  S  SG    . CYS C 3 7  ? -13.188 5.932   -12.808 1.00 13.89 ? 107 CYS A SG    1 
ATOM   487  N  N     . PRO C 3 8  ? -13.810 7.437   -15.885 1.00 16.26 ? 108 PRO A N     1 
ATOM   488  C  CA    . PRO C 3 8  ? -14.953 7.218   -16.781 1.00 16.85 ? 108 PRO A CA    1 
ATOM   489  C  C     . PRO C 3 8  ? -16.039 6.243   -16.322 1.00 16.69 ? 108 PRO A C     1 
ATOM   490  O  O     . PRO C 3 8  ? -17.097 6.159   -16.946 1.00 17.52 ? 108 PRO A O     1 
ATOM   491  C  CB    . PRO C 3 8  ? -14.279 6.784   -18.086 1.00 17.07 ? 108 PRO A CB    1 
ATOM   492  C  CG    . PRO C 3 8  ? -13.067 6.043   -17.604 1.00 17.10 ? 108 PRO A CG    1 
ATOM   493  C  CD    . PRO C 3 8  ? -12.561 6.910   -16.468 1.00 16.92 ? 108 PRO A CD    1 
ATOM   494  N  N     . VAL C 3 9  ? -15.787 5.516   -15.241 1.00 15.78 ? 109 VAL A N     1 
ATOM   495  C  CA    . VAL C 3 9  ? -16.769 4.574   -14.734 1.00 17.75 ? 109 VAL A CA    1 
ATOM   496  C  C     . VAL C 3 9  ? -17.957 5.344   -14.156 1.00 19.53 ? 109 VAL A C     1 
ATOM   497  O  O     . VAL C 3 9  ? -17.802 6.199   -13.290 1.00 18.96 ? 109 VAL A O     1 
ATOM   498  C  CB    . VAL C 3 9  ? -16.153 3.627   -13.687 1.00 17.56 ? 109 VAL A CB    1 
ATOM   499  C  CG1   . VAL C 3 9  ? -17.224 2.715   -13.104 1.00 17.80 ? 109 VAL A CG1   1 
ATOM   500  C  CG2   . VAL C 3 9  ? -15.050 2.806   -14.330 1.00 17.07 ? 109 VAL A CG2   1 
ATOM   501  N  N     . GLU C 3 10 ? -19.141 5.030   -14.660 1.00 21.50 ? 110 GLU A N     1 
ATOM   502  C  CA    . GLU C 3 10 ? -20.377 5.691   -14.256 1.00 23.95 ? 110 GLU A CA    1 
ATOM   503  C  C     . GLU C 3 10 ? -20.612 5.964   -12.758 1.00 23.74 ? 110 GLU A C     1 
ATOM   504  O  O     . GLU C 3 10 ? -20.935 7.093   -12.377 1.00 23.39 ? 110 GLU A O     1 
ATOM   505  C  CB    . GLU C 3 10 ? -21.572 4.927   -14.843 1.00 26.68 ? 110 GLU A CB    1 
ATOM   506  C  CG    . GLU C 3 10 ? -22.919 5.589   -14.596 1.00 28.54 ? 110 GLU A CG    1 
ATOM   507  C  CD    . GLU C 3 10 ? -22.960 7.015   -15.091 1.00 29.65 ? 110 GLU A CD    1 
ATOM   508  O  OE1   . GLU C 3 10 ? -22.538 7.259   -16.243 1.00 31.71 ? 110 GLU A OE1   1 
ATOM   509  O  OE2   . GLU C 3 10 ? -23.401 7.892   -14.321 1.00 30.97 ? 110 GLU A OE2   1 
ATOM   510  N  N     . SER C 3 11 ? -20.465 4.940   -11.922 1.00 23.75 ? 111 SER A N     1 
ATOM   511  C  CA    . SER C 3 11 ? -20.695 5.083   -10.483 1.00 24.15 ? 111 SER A CA    1 
ATOM   512  C  C     . SER C 3 11 ? -19.587 5.820   -9.721  1.00 23.75 ? 111 SER A C     1 
ATOM   513  O  O     . SER C 3 11 ? -19.764 6.191   -8.564  1.00 24.06 ? 111 SER A O     1 
ATOM   514  C  CB    . SER C 3 11 ? -20.913 3.703   -9.861  1.00 25.08 ? 111 SER A CB    1 
ATOM   515  O  OG    . SER C 3 11 ? -19.797 2.863   -10.108 1.00 27.89 ? 111 SER A OG    1 
ATOM   516  N  N     . CYS C 3 12 ? -18.471 6.080   -10.394 1.00 23.25 ? 112 CYS A N     1 
ATOM   517  C  CA    . CYS C 3 12 ? -17.329 6.731   -9.766  1.00 21.77 ? 112 CYS A CA    1 
ATOM   518  C  C     . CYS C 3 12 ? -17.143 8.209   -10.100 1.00 22.11 ? 112 CYS A C     1 
ATOM   519  O  O     . CYS C 3 12 ? -17.174 8.602   -11.263 1.00 21.79 ? 112 CYS A O     1 
ATOM   520  C  CB    . CYS C 3 12 ? -16.065 5.958   -10.130 1.00 21.02 ? 112 CYS A CB    1 
ATOM   521  S  SG    . CYS C 3 12 ? -14.585 6.546   -9.293  1.00 18.26 ? 112 CYS A SG    1 
ATOM   522  N  N     . ASP C 3 13 ? -16.883 9.022   -9.078  1.00 21.95 ? 113 ASP A N     1 
ATOM   523  C  CA    . ASP C 3 13 ? -16.689 10.456  -9.292  1.00 22.29 ? 113 ASP A CA    1 
ATOM   524  C  C     . ASP C 3 13 ? -15.285 10.978  -8.982  1.00 21.56 ? 113 ASP A C     1 
ATOM   525  O  O     . ASP C 3 13 ? -15.104 12.178  -8.787  1.00 20.87 ? 113 ASP A O     1 
ATOM   526  C  CB    . ASP C 3 13 ? -17.742 11.269  -8.524  1.00 23.33 ? 113 ASP A CB    1 
ATOM   527  C  CG    . ASP C 3 13 ? -19.162 11.022  -9.033  1.00 24.97 ? 113 ASP A CG    1 
ATOM   528  O  OD1   . ASP C 3 13 ? -19.361 11.001  -10.272 1.00 26.57 ? 113 ASP A OD1   1 
ATOM   529  O  OD2   . ASP C 3 13 ? -20.077 10.833  -8.200  1.00 25.27 ? 113 ASP A OD2   1 
ATOM   530  N  N     . ARG C 3 14 ? -14.288 10.092  -8.978  1.00 20.92 ? 114 ARG A N     1 
ATOM   531  C  CA    . ARG C 3 14 ? -12.905 10.512  -8.714  1.00 21.31 ? 114 ARG A CA    1 
ATOM   532  C  C     . ARG C 3 14 ? -12.314 11.250  -9.917  1.00 19.21 ? 114 ARG A C     1 
ATOM   533  O  O     . ARG C 3 14 ? -12.583 10.895  -11.072 1.00 18.05 ? 114 ARG A O     1 
ATOM   534  C  CB    . ARG C 3 14 ? -12.002 9.308   -8.397  1.00 23.79 ? 114 ARG A CB    1 
ATOM   535  C  CG    . ARG C 3 14 ? -12.447 8.453   -7.227  1.00 28.70 ? 114 ARG A CG    1 
ATOM   536  C  CD    . ARG C 3 14 ? -12.421 9.221   -5.925  1.00 32.82 ? 114 ARG A CD    1 
ATOM   537  N  NE    . ARG C 3 14 ? -11.063 9.532   -5.489  1.00 37.21 ? 114 ARG A NE    1 
ATOM   538  C  CZ    . ARG C 3 14 ? -10.741 9.937   -4.261  1.00 39.42 ? 114 ARG A CZ    1 
ATOM   539  N  NH1   . ARG C 3 14 ? -11.682 10.081  -3.331  1.00 40.01 ? 114 ARG A NH1   1 
ATOM   540  N  NH2   . ARG C 3 14 ? -9.475  10.214  -3.963  1.00 40.01 ? 114 ARG A NH2   1 
ATOM   541  N  N     . ARG C 3 15 ? -11.525 12.283  -9.629  1.00 17.85 ? 115 ARG A N     1 
ATOM   542  C  CA    . ARG C 3 15 ? -10.843 13.087  -10.648 1.00 16.96 ? 115 ARG A CA    1 
ATOM   543  C  C     . ARG C 3 15 ? -9.369  13.189  -10.265 1.00 15.89 ? 115 ARG A C     1 
ATOM   544  O  O     . ARG C 3 15 ? -9.035  13.310  -9.085  1.00 14.84 ? 115 ARG A O     1 
ATOM   545  C  CB    . ARG C 3 15 ? -11.439 14.492  -10.747 1.00 17.44 ? 115 ARG A CB    1 
ATOM   546  C  CG    . ARG C 3 15 ? -12.905 14.540  -11.135 1.00 19.48 ? 115 ARG A CG    1 
ATOM   547  C  CD    . ARG C 3 15 ? -13.327 15.976  -11.439 1.00 20.17 ? 115 ARG A CD    1 
ATOM   548  N  NE    . ARG C 3 15 ? -12.680 16.469  -12.655 1.00 21.97 ? 115 ARG A NE    1 
ATOM   549  C  CZ    . ARG C 3 15 ? -13.230 16.428  -13.866 1.00 22.77 ? 115 ARG A CZ    1 
ATOM   550  N  NH1   . ARG C 3 15 ? -14.446 15.934  -14.030 1.00 23.79 ? 115 ARG A NH1   1 
ATOM   551  N  NH2   . ARG C 3 15 ? -12.532 16.806  -14.926 1.00 22.66 ? 115 ARG A NH2   1 
ATOM   552  N  N     . PHE C 3 16 ? -8.498  13.165  -11.270 1.00 15.76 ? 116 PHE A N     1 
ATOM   553  C  CA    . PHE C 3 16 ? -7.057  13.216  -11.053 1.00 15.71 ? 116 PHE A CA    1 
ATOM   554  C  C     . PHE C 3 16 ? -6.325  14.339  -11.795 1.00 15.85 ? 116 PHE A C     1 
ATOM   555  O  O     . PHE C 3 16 ? -6.706  14.739  -12.904 1.00 15.82 ? 116 PHE A O     1 
ATOM   556  C  CB    . PHE C 3 16 ? -6.421  11.868  -11.433 1.00 13.19 ? 116 PHE A CB    1 
ATOM   557  C  CG    . PHE C 3 16 ? -6.857  10.723  -10.564 1.00 13.48 ? 116 PHE A CG    1 
ATOM   558  C  CD1   . PHE C 3 16 ? -8.015  9.999   -10.867 1.00 13.50 ? 116 PHE A CD1   1 
ATOM   559  C  CD2   . PHE C 3 16 ? -6.116  10.366  -9.428  1.00 12.68 ? 116 PHE A CD2   1 
ATOM   560  C  CE1   . PHE C 3 16 ? -8.433  8.937   -10.054 1.00 11.47 ? 116 PHE A CE1   1 
ATOM   561  C  CE2   . PHE C 3 16 ? -6.525  9.307   -8.610  1.00 11.52 ? 116 PHE A CE2   1 
ATOM   562  C  CZ    . PHE C 3 16 ? -7.687  8.593   -8.926  1.00 11.57 ? 116 PHE A CZ    1 
ATOM   563  N  N     . SER C 3 17 ? -5.260  14.825  -11.162 1.00 15.51 ? 117 SER A N     1 
ATOM   564  C  CA    . SER C 3 17 ? -4.405  15.865  -11.722 1.00 15.62 ? 117 SER A CA    1 
ATOM   565  C  C     . SER C 3 17 ? -3.549  15.280  -12.848 1.00 16.10 ? 117 SER A C     1 
ATOM   566  O  O     . SER C 3 17 ? -3.254  15.958  -13.832 1.00 17.11 ? 117 SER A O     1 
ATOM   567  C  CB    . SER C 3 17 ? -3.464  16.401  -10.637 1.00 15.52 ? 117 SER A CB    1 
ATOM   568  O  OG    . SER C 3 17 ? -4.185  17.050  -9.612  1.00 18.19 ? 117 SER A OG    1 
ATOM   569  N  N     . ARG C 3 18 ? -3.135  14.023  -12.679 1.00 15.53 ? 118 ARG A N     1 
ATOM   570  C  CA    . ARG C 3 18 ? -2.285  13.329  -13.645 1.00 14.37 ? 118 ARG A CA    1 
ATOM   571  C  C     . ARG C 3 18 ? -2.971  12.086  -14.188 1.00 14.04 ? 118 ARG A C     1 
ATOM   572  O  O     . ARG C 3 18 ? -3.545  11.306  -13.423 1.00 13.74 ? 118 ARG A O     1 
ATOM   573  C  CB    . ARG C 3 18 ? -0.967  12.935  -12.972 1.00 14.49 ? 118 ARG A CB    1 
ATOM   574  C  CG    . ARG C 3 18 ? -0.086  14.123  -12.610 1.00 16.03 ? 118 ARG A CG    1 
ATOM   575  C  CD    . ARG C 3 18 ? 1.061   13.707  -11.713 1.00 16.59 ? 118 ARG A CD    1 
ATOM   576  N  NE    . ARG C 3 18 ? 0.558   13.194  -10.443 1.00 17.40 ? 118 ARG A NE    1 
ATOM   577  C  CZ    . ARG C 3 18 ? 0.268   13.958  -9.396  1.00 16.40 ? 118 ARG A CZ    1 
ATOM   578  N  NH1   . ARG C 3 18 ? 0.451   15.265  -9.459  1.00 16.36 ? 118 ARG A NH1   1 
ATOM   579  N  NH2   . ARG C 3 18 ? -0.273  13.426  -8.315  1.00 17.57 ? 118 ARG A NH2   1 
ATOM   580  N  N     . SER C 3 19 ? -2.891  11.886  -15.502 1.00 13.06 ? 119 SER A N     1 
ATOM   581  C  CA    . SER C 3 19 ? -3.520  10.727  -16.125 1.00 12.86 ? 119 SER A CA    1 
ATOM   582  C  C     . SER C 3 19 ? -2.938  9.389   -15.671 1.00 12.12 ? 119 SER A C     1 
ATOM   583  O  O     . SER C 3 19 ? -3.658  8.393   -15.608 1.00 11.39 ? 119 SER A O     1 
ATOM   584  C  CB    . SER C 3 19 ? -3.476  10.839  -17.649 1.00 14.30 ? 119 SER A CB    1 
ATOM   585  O  OG    . SER C 3 19 ? -2.199  11.255  -18.078 1.00 17.91 ? 119 SER A OG    1 
ATOM   586  N  N     . ALA C 3 20 ? -1.645  9.362   -15.355 1.00 11.71 ? 120 ALA A N     1 
ATOM   587  C  CA    . ALA C 3 20 ? -1.013  8.126   -14.895 1.00 11.92 ? 120 ALA A CA    1 
ATOM   588  C  C     . ALA C 3 20 ? -1.658  7.643   -13.591 1.00 11.61 ? 120 ALA A C     1 
ATOM   589  O  O     . ALA C 3 20 ? -1.754  6.441   -13.345 1.00 10.38 ? 120 ALA A O     1 
ATOM   590  C  CB    . ALA C 3 20 ? 0.499   8.327   -14.716 1.00 12.72 ? 120 ALA A CB    1 
ATOM   591  N  N     . ASP C 3 21 ? -2.124  8.585   -12.772 1.00 11.26 ? 121 ASP A N     1 
ATOM   592  C  CA    . ASP C 3 21 ? -2.771  8.233   -11.512 1.00 11.26 ? 121 ASP A CA    1 
ATOM   593  C  C     . ASP C 3 21 ? -4.165  7.667   -11.780 1.00 10.94 ? 121 ASP A C     1 
ATOM   594  O  O     . ASP C 3 21 ? -4.636  6.801   -11.050 1.00 10.17 ? 121 ASP A O     1 
ATOM   595  C  CB    . ASP C 3 21 ? -2.824  9.435   -10.570 1.00 11.51 ? 121 ASP A CB    1 
ATOM   596  C  CG    . ASP C 3 21 ? -1.439  9.863   -10.083 1.00 13.05 ? 121 ASP A CG    1 
ATOM   597  O  OD1   . ASP C 3 21 ? -0.430  9.203   -10.419 1.00 12.87 ? 121 ASP A OD1   1 
ATOM   598  O  OD2   . ASP C 3 21 ? -1.364  10.867  -9.346  1.00 13.57 ? 121 ASP A OD2   1 
ATOM   599  N  N     . LEU C 3 22 ? -4.820  8.157   -12.833 1.00 11.07 ? 122 LEU A N     1 
ATOM   600  C  CA    . LEU C 3 22 ? -6.133  7.640   -13.207 1.00 10.24 ? 122 LEU A CA    1 
ATOM   601  C  C     . LEU C 3 22 ? -5.947  6.216   -13.738 1.00 10.59 ? 122 LEU A C     1 
ATOM   602  O  O     . LEU C 3 22 ? -6.772  5.338   -13.485 1.00 11.91 ? 122 LEU A O     1 
ATOM   603  C  CB    . LEU C 3 22 ? -6.796  8.530   -14.265 1.00 10.98 ? 122 LEU A CB    1 
ATOM   604  C  CG    . LEU C 3 22 ? -8.077  7.938   -14.862 1.00 10.58 ? 122 LEU A CG    1 
ATOM   605  C  CD1   . LEU C 3 22 ? -9.098  7.698   -13.770 1.00 10.32 ? 122 LEU A CD1   1 
ATOM   606  C  CD2   . LEU C 3 22 ? -8.625  8.875   -15.919 1.00 11.66 ? 122 LEU A CD2   1 
ATOM   607  N  N     . THR C 3 23 ? -4.854  5.985   -14.461 1.00 9.85  ? 123 THR A N     1 
ATOM   608  C  CA    . THR C 3 23 ? -4.554  4.655   -14.987 1.00 10.68 ? 123 THR A CA    1 
ATOM   609  C  C     . THR C 3 23 ? -4.378  3.642   -13.842 1.00 10.64 ? 123 THR A C     1 
ATOM   610  O  O     . THR C 3 23 ? -4.820  2.490   -13.944 1.00 11.12 ? 123 THR A O     1 
ATOM   611  C  CB    . THR C 3 23 ? -3.292  4.690   -15.874 1.00 10.74 ? 123 THR A CB    1 
ATOM   612  O  OG1   . THR C 3 23 ? -3.554  5.509   -17.019 1.00 10.17 ? 123 THR A OG1   1 
ATOM   613  C  CG2   . THR C 3 23 ? -2.897  3.281   -16.335 1.00 11.05 ? 123 THR A CG2   1 
ATOM   614  N  N     . ARG C 3 24 ? -3.737  4.072   -12.755 1.00 9.39  ? 124 ARG A N     1 
ATOM   615  C  CA    . ARG C 3 24 ? -3.547  3.185   -11.607 1.00 9.20  ? 124 ARG A CA    1 
ATOM   616  C  C     . ARG C 3 24 ? -4.899  2.943   -10.946 1.00 9.35  ? 124 ARG A C     1 
ATOM   617  O  O     . ARG C 3 24 ? -5.249  1.802   -10.613 1.00 10.06 ? 124 ARG A O     1 
ATOM   618  C  CB    . ARG C 3 24 ? -2.580  3.795   -10.588 1.00 8.16  ? 124 ARG A CB    1 
ATOM   619  C  CG    . ARG C 3 24 ? -2.343  2.881   -9.403  1.00 8.94  ? 124 ARG A CG    1 
ATOM   620  C  CD    . ARG C 3 24 ? -1.392  3.473   -8.375  1.00 9.36  ? 124 ARG A CD    1 
ATOM   621  N  NE    . ARG C 3 24 ? -1.885  4.730   -7.828  1.00 8.65  ? 124 ARG A NE    1 
ATOM   622  C  CZ    . ARG C 3 24 ? -1.244  5.454   -6.919  1.00 9.57  ? 124 ARG A CZ    1 
ATOM   623  N  NH1   . ARG C 3 24 ? -0.075  5.044   -6.421  1.00 8.72  ? 124 ARG A NH1   1 
ATOM   624  N  NH2   . ARG C 3 24 ? -1.735  6.626   -6.563  1.00 9.39  ? 124 ARG A NH2   1 
ATOM   625  N  N     . HIS C 3 25 ? -5.661  4.024   -10.785 1.00 9.73  ? 125 HIS A N     1 
ATOM   626  C  CA    . HIS C 3 25 ? -6.990  3.989   -10.175 1.00 10.14 ? 125 HIS A CA    1 
ATOM   627  C  C     . HIS C 3 25 ? -7.961  3.031   -10.858 1.00 10.26 ? 125 HIS A C     1 
ATOM   628  O  O     . HIS C 3 25 ? -8.676  2.309   -10.173 1.00 10.60 ? 125 HIS A O     1 
ATOM   629  C  CB    . HIS C 3 25 ? -7.599  5.397   -10.166 1.00 11.54 ? 125 HIS A CB    1 
ATOM   630  C  CG    . HIS C 3 25 ? -9.070  5.427   -9.865  1.00 12.44 ? 125 HIS A CG    1 
ATOM   631  N  ND1   . HIS C 3 25 ? -9.571  5.394   -8.580  1.00 12.84 ? 125 HIS A ND1   1 
ATOM   632  C  CD2   . HIS C 3 25 ? -10.146 5.475   -10.686 1.00 12.76 ? 125 HIS A CD2   1 
ATOM   633  C  CE1   . HIS C 3 25 ? -10.893 5.417   -8.623  1.00 12.93 ? 125 HIS A CE1   1 
ATOM   634  N  NE2   . HIS C 3 25 ? -11.266 5.467   -9.889  1.00 13.76 ? 125 HIS A NE2   1 
ATOM   635  N  N     . ILE C 3 26 ? -7.971  3.024   -12.197 1.00 11.48 ? 126 ILE A N     1 
ATOM   636  C  CA    . ILE C 3 26 ? -8.886  2.173   -12.984 1.00 11.24 ? 126 ILE A CA    1 
ATOM   637  C  C     . ILE C 3 26 ? -8.794  0.682   -12.659 1.00 11.61 ? 126 ILE A C     1 
ATOM   638  O  O     . ILE C 3 26 ? -9.745  -0.062  -12.889 1.00 12.24 ? 126 ILE A O     1 
ATOM   639  C  CB    . ILE C 3 26 ? -8.730  2.416   -14.525 0.50 9.31  ? 126 ILE A CB    1 
ATOM   640  C  CG1   . ILE C 3 26 ? -9.990  1.960   -15.261 0.50 8.96  ? 126 ILE A CG1   1 
ATOM   641  C  CG2   . ILE C 3 26 ? -7.540  1.668   -15.082 0.50 8.51  ? 126 ILE A CG2   1 
ATOM   642  C  CD1   . ILE C 3 26 ? -11.196 2.785   -14.946 0.50 7.04  ? 126 ILE A CD1   1 
ATOM   643  N  N     . ARG C 3 27 ? -7.672  0.258   -12.077 1.00 12.53 ? 127 ARG A N     1 
ATOM   644  C  CA    . ARG C 3 27 ? -7.482  -1.146  -11.701 1.00 12.99 ? 127 ARG A CA    1 
ATOM   645  C  C     . ARG C 3 27 ? -8.557  -1.598  -10.709 1.00 13.65 ? 127 ARG A C     1 
ATOM   646  O  O     . ARG C 3 27 ? -8.888  -2.785  -10.638 1.00 14.03 ? 127 ARG A O     1 
ATOM   647  C  CB    . ARG C 3 27 ? -6.093  -1.377  -11.080 1.00 13.65 ? 127 ARG A CB    1 
ATOM   648  C  CG    . ARG C 3 27 ? -4.916  -1.128  -12.013 1.00 12.91 ? 127 ARG A CG    1 
ATOM   649  C  CD    . ARG C 3 27 ? -3.596  -1.556  -11.381 1.00 11.47 ? 127 ARG A CD    1 
ATOM   650  N  NE    . ARG C 3 27 ? -2.482  -1.058  -12.179 1.00 12.42 ? 127 ARG A NE    1 
ATOM   651  C  CZ    . ARG C 3 27 ? -1.343  -0.591  -11.679 1.00 11.74 ? 127 ARG A CZ    1 
ATOM   652  N  NH1   . ARG C 3 27 ? -1.140  -0.577  -10.368 1.00 11.53 ? 127 ARG A NH1   1 
ATOM   653  N  NH2   . ARG C 3 27 ? -0.464  -0.014  -12.485 1.00 11.49 ? 127 ARG A NH2   1 
ATOM   654  N  N     . ILE C 3 28 ? -9.086  -0.644  -9.943  1.00 14.07 ? 128 ILE A N     1 
ATOM   655  C  CA    . ILE C 3 28 ? -10.129 -0.920  -8.950  1.00 15.31 ? 128 ILE A CA    1 
ATOM   656  C  C     . ILE C 3 28 ? -11.380 -1.468  -9.644  1.00 14.33 ? 128 ILE A C     1 
ATOM   657  O  O     . ILE C 3 28 ? -11.988 -2.443  -9.189  1.00 13.80 ? 128 ILE A O     1 
ATOM   658  C  CB    . ILE C 3 28 ? -10.522 0.382   -8.166  1.00 15.90 ? 128 ILE A CB    1 
ATOM   659  C  CG1   . ILE C 3 28 ? -9.329  0.914   -7.360  1.00 14.89 ? 128 ILE A CG1   1 
ATOM   660  C  CG2   . ILE C 3 28 ? -11.696 0.111   -7.229  1.00 16.58 ? 128 ILE A CG2   1 
ATOM   661  C  CD1   . ILE C 3 28 ? -9.553  2.291   -6.771  1.00 14.08 ? 128 ILE A CD1   1 
ATOM   662  N  N     . HIS C 3 29 ? -11.726 -0.839  -10.764 1.00 14.48 ? 129 HIS A N     1 
ATOM   663  C  CA    . HIS C 3 29 ? -12.910 -1.193  -11.546 1.00 14.18 ? 129 HIS A CA    1 
ATOM   664  C  C     . HIS C 3 29 ? -12.722 -2.392  -12.469 1.00 14.46 ? 129 HIS A C     1 
ATOM   665  O  O     . HIS C 3 29 ? -13.674 -3.116  -12.741 1.00 15.30 ? 129 HIS A O     1 
ATOM   666  C  CB    . HIS C 3 29 ? -13.372 0.020   -12.372 1.00 13.69 ? 129 HIS A CB    1 
ATOM   667  C  CG    . HIS C 3 29 ? -13.557 1.269   -11.566 1.00 14.67 ? 129 HIS A CG    1 
ATOM   668  N  ND1   . HIS C 3 29 ? -14.390 1.336   -10.468 1.00 16.06 ? 129 HIS A ND1   1 
ATOM   669  C  CD2   . HIS C 3 29 ? -13.029 2.509   -11.708 1.00 15.00 ? 129 HIS A CD2   1 
ATOM   670  C  CE1   . HIS C 3 29 ? -14.372 2.561   -9.974  1.00 14.18 ? 129 HIS A CE1   1 
ATOM   671  N  NE2   . HIS C 3 29 ? -13.554 3.293   -10.710 1.00 14.83 ? 129 HIS A NE2   1 
ATOM   672  N  N     . THR C 3 30 ? -11.515 -2.566  -12.992 1.00 13.31 ? 130 THR A N     1 
ATOM   673  C  CA    . THR C 3 30 ? -11.235 -3.684  -13.884 1.00 13.91 ? 130 THR A CA    1 
ATOM   674  C  C     . THR C 3 30 ? -10.885 -4.942  -13.100 1.00 14.49 ? 130 THR A C     1 
ATOM   675  O  O     . THR C 3 30 ? -10.887 -6.038  -13.649 1.00 14.63 ? 130 THR A O     1 
ATOM   676  C  CB    . THR C 3 30 ? -10.077 -3.366  -14.860 1.00 13.51 ? 130 THR A CB    1 
ATOM   677  O  OG1   . THR C 3 30 ? -8.856  -3.217  -14.126 1.00 14.29 ? 130 THR A OG1   1 
ATOM   678  C  CG2   . THR C 3 30 ? -10.360 -2.083  -15.617 1.00 11.60 ? 130 THR A CG2   1 
ATOM   679  N  N     . GLY C 3 31 ? -10.580 -4.769  -11.817 1.00 15.45 ? 131 GLY A N     1 
ATOM   680  C  CA    . GLY C 3 31 ? -10.215 -5.891  -10.971 1.00 16.44 ? 131 GLY A CA    1 
ATOM   681  C  C     . GLY C 3 31 ? -8.822  -6.428  -11.268 1.00 16.69 ? 131 GLY A C     1 
ATOM   682  O  O     . GLY C 3 31 ? -8.472  -7.525  -10.832 1.00 18.07 ? 131 GLY A O     1 
ATOM   683  N  N     . GLN C 3 32 ? -8.017  -5.655  -11.987 1.00 16.43 ? 132 GLN A N     1 
ATOM   684  C  CA    . GLN C 3 32 ? -6.666  -6.083  -12.334 1.00 16.78 ? 132 GLN A CA    1 
ATOM   685  C  C     . GLN C 3 32 ? -5.685  -6.016  -11.145 1.00 15.53 ? 132 GLN A C     1 
ATOM   686  O  O     . GLN C 3 32 ? -5.536  -4.979  -10.489 1.00 14.67 ? 132 GLN A O     1 
ATOM   687  C  CB    . GLN C 3 32 ? -6.143  -5.261  -13.519 1.00 19.43 ? 132 GLN A CB    1 
ATOM   688  C  CG    . GLN C 3 32 ? -4.787  -5.723  -14.044 1.00 24.41 ? 132 GLN A CG    1 
ATOM   689  C  CD    . GLN C 3 32 ? -4.203  -4.779  -15.076 1.00 26.92 ? 132 GLN A CD    1 
ATOM   690  O  OE1   . GLN C 3 32 ? -4.771  -3.727  -15.360 1.00 30.41 ? 132 GLN A OE1   1 
ATOM   691  N  NE2   . GLN C 3 32 ? -3.065  -5.155  -15.652 1.00 28.33 ? 132 GLN A NE2   1 
ATOM   692  N  N     . LYS C 3 33 ? -5.035  -7.148  -10.877 1.00 13.96 ? 133 LYS A N     1 
ATOM   693  C  CA    . LYS C 3 33 ? -4.056  -7.285  -9.800  1.00 14.38 ? 133 LYS A CA    1 
ATOM   694  C  C     . LYS C 3 33 ? -2.866  -8.002  -10.430 1.00 13.58 ? 133 LYS A C     1 
ATOM   695  O  O     . LYS C 3 33 ? -2.676  -9.200  -10.235 1.00 14.59 ? 133 LYS A O     1 
ATOM   696  C  CB    . LYS C 3 33 ? -4.648  -8.123  -8.664  1.00 15.35 ? 133 LYS A CB    1 
ATOM   697  C  CG    . LYS C 3 33 ? -5.727  -7.405  -7.884  1.00 16.32 ? 133 LYS A CG    1 
ATOM   698  C  CD    . LYS C 3 33 ? -6.362  -8.324  -6.876  1.00 19.91 ? 133 LYS A CD    1 
ATOM   699  C  CE    . LYS C 3 33 ? -7.249  -7.556  -5.912  1.00 23.86 ? 133 LYS A CE    1 
ATOM   700  N  NZ    . LYS C 3 33 ? -7.957  -8.481  -4.973  1.00 28.47 ? 133 LYS A NZ    1 
ATOM   701  N  N     . PRO C 3 34 ? -2.014  -7.255  -11.145 1.00 13.36 ? 134 PRO A N     1 
ATOM   702  C  CA    . PRO C 3 34 ? -0.829  -7.758  -11.847 1.00 12.82 ? 134 PRO A CA    1 
ATOM   703  C  C     . PRO C 3 34 ? 0.359   -8.292  -11.067 1.00 12.99 ? 134 PRO A C     1 
ATOM   704  O  O     . PRO C 3 34 ? 1.256   -8.873  -11.671 1.00 14.67 ? 134 PRO A O     1 
ATOM   705  C  CB    . PRO C 3 34 ? -0.374  -6.549  -12.674 1.00 13.87 ? 134 PRO A CB    1 
ATOM   706  C  CG    . PRO C 3 34 ? -1.522  -5.562  -12.603 1.00 14.28 ? 134 PRO A CG    1 
ATOM   707  C  CD    . PRO C 3 34 ? -2.076  -5.788  -11.239 1.00 13.69 ? 134 PRO A CD    1 
ATOM   708  N  N     . PHE C 3 35 ? 0.391   -8.104  -9.751  1.00 11.21 ? 135 PHE A N     1 
ATOM   709  C  CA    . PHE C 3 35 ? 1.551   -8.531  -8.976  1.00 11.54 ? 135 PHE A CA    1 
ATOM   710  C  C     . PHE C 3 35 ? 1.258   -9.652  -8.004  1.00 11.75 ? 135 PHE A C     1 
ATOM   711  O  O     . PHE C 3 35 ? 0.572   -9.458  -7.010  1.00 12.74 ? 135 PHE A O     1 
ATOM   712  C  CB    . PHE C 3 35 ? 2.127   -7.313  -8.268  1.00 11.00 ? 135 PHE A CB    1 
ATOM   713  C  CG    . PHE C 3 35 ? 2.248   -6.112  -9.173  1.00 11.51 ? 135 PHE A CG    1 
ATOM   714  C  CD1   . PHE C 3 35 ? 3.358   -5.951  -9.991  1.00 12.08 ? 135 PHE A CD1   1 
ATOM   715  C  CD2   . PHE C 3 35 ? 1.222   -5.179  -9.248  1.00 10.00 ? 135 PHE A CD2   1 
ATOM   716  C  CE1   . PHE C 3 35 ? 3.434   -4.882  -10.868 1.00 12.13 ? 135 PHE A CE1   1 
ATOM   717  C  CE2   . PHE C 3 35 ? 1.292   -4.112  -10.118 1.00 10.02 ? 135 PHE A CE2   1 
ATOM   718  C  CZ    . PHE C 3 35 ? 2.395   -3.962  -10.930 1.00 10.41 ? 135 PHE A CZ    1 
ATOM   719  N  N     . GLN C 3 36 ? 1.841   -10.814 -8.260  1.00 11.39 ? 136 GLN A N     1 
ATOM   720  C  CA    . GLN C 3 36 ? 1.602   -11.985 -7.425  1.00 11.08 ? 136 GLN A CA    1 
ATOM   721  C  C     . GLN C 3 36 ? 2.694   -12.322 -6.430  1.00 11.44 ? 136 GLN A C     1 
ATOM   722  O  O     . GLN C 3 36 ? 3.882   -12.180 -6.719  1.00 12.04 ? 136 GLN A O     1 
ATOM   723  C  CB    . GLN C 3 36 ? 1.371   -13.205 -8.312  1.00 10.78 ? 136 GLN A CB    1 
ATOM   724  C  CG    . GLN C 3 36 ? 0.926   -14.434 -7.545  1.00 12.17 ? 136 GLN A CG    1 
ATOM   725  C  CD    . GLN C 3 36 ? 0.661   -15.610 -8.448  1.00 12.90 ? 136 GLN A CD    1 
ATOM   726  O  OE1   . GLN C 3 36 ? 1.518   -16.001 -9.235  1.00 13.76 ? 136 GLN A OE1   1 
ATOM   727  N  NE2   . GLN C 3 36 ? -0.530  -16.180 -8.348  1.00 12.16 ? 136 GLN A NE2   1 
ATOM   728  N  N     . CYS C 3 37 ? 2.276   -12.767 -5.249  1.00 10.15 ? 137 CYS A N     1 
ATOM   729  C  CA    . CYS C 3 37 ? 3.199   -13.204 -4.214  1.00 9.69  ? 137 CYS A CA    1 
ATOM   730  C  C     . CYS C 3 37 ? 3.569   -14.660 -4.533  1.00 9.62  ? 137 CYS A C     1 
ATOM   731  O  O     . CYS C 3 37 ? 2.699   -15.537 -4.559  1.00 10.54 ? 137 CYS A O     1 
ATOM   732  C  CB    . CYS C 3 37 ? 2.525   -13.148 -2.844  1.00 9.82  ? 137 CYS A CB    1 
ATOM   733  S  SG    . CYS C 3 37 ? 3.559   -13.814 -1.530  1.00 10.27 ? 137 CYS A SG    1 
ATOM   734  N  N     . ARG C 3 38 ? 4.850   -14.931 -4.749  1.00 10.42 ? 138 ARG A N     1 
ATOM   735  C  CA    . ARG C 3 38 ? 5.261   -16.294 -5.074  1.00 11.36 ? 138 ARG A CA    1 
ATOM   736  C  C     . ARG C 3 38 ? 5.176   -17.248 -3.884  1.00 11.75 ? 138 ARG A C     1 
ATOM   737  O  O     . ARG C 3 38 ? 5.265   -18.464 -4.054  1.00 12.54 ? 138 ARG A O     1 
ATOM   738  C  CB    . ARG C 3 38 ? 6.683   -16.311 -5.635  1.00 11.86 ? 138 ARG A CB    1 
ATOM   739  C  CG    . ARG C 3 38 ? 7.747   -16.096 -4.574  1.00 15.48 ? 138 ARG A CG    1 
ATOM   740  C  CD    . ARG C 3 38 ? 9.128   -16.447 -5.086  1.00 16.72 ? 138 ARG A CD    1 
ATOM   741  N  NE    . ARG C 3 38 ? 9.536   -15.582 -6.185  1.00 16.66 ? 138 ARG A NE    1 
ATOM   742  C  CZ    . ARG C 3 38 ? 10.645  -15.747 -6.895  1.00 16.88 ? 138 ARG A CZ    1 
ATOM   743  N  NH1   . ARG C 3 38 ? 11.467  -16.752 -6.627  1.00 15.44 ? 138 ARG A NH1   1 
ATOM   744  N  NH2   . ARG C 3 38 ? 10.940  -14.890 -7.866  1.00 18.19 ? 138 ARG A NH2   1 
ATOM   745  N  N     . ILE C 3 39 ? 5.007   -16.706 -2.681  1.00 11.21 ? 139 ILE A N     1 
ATOM   746  C  CA    . ILE C 3 39 ? 4.932   -17.553 -1.496  1.00 10.16 ? 139 ILE A CA    1 
ATOM   747  C  C     . ILE C 3 39 ? 3.520   -18.105 -1.249  1.00 11.53 ? 139 ILE A C     1 
ATOM   748  O  O     . ILE C 3 39 ? 3.353   -19.310 -1.037  1.00 12.54 ? 139 ILE A O     1 
ATOM   749  C  CB    A ILE C 3 39 ? 5.402   -16.789 -0.237  0.50 8.65  ? 139 ILE A CB    1 
ATOM   750  C  CB    B ILE C 3 39 ? 5.443   -16.823 -0.226  0.50 11.06 ? 139 ILE A CB    1 
ATOM   751  C  CG1   A ILE C 3 39 ? 6.753   -16.106 -0.493  0.50 7.78  ? 139 ILE A CG1   1 
ATOM   752  C  CG1   B ILE C 3 39 ? 6.914   -16.424 -0.385  0.50 12.00 ? 139 ILE A CG1   1 
ATOM   753  C  CG2   A ILE C 3 39 ? 5.503   -17.733 0.952   0.50 8.71  ? 139 ILE A CG2   1 
ATOM   754  C  CG2   B ILE C 3 39 ? 5.299   -17.716 0.997   0.50 10.82 ? 139 ILE A CG2   1 
ATOM   755  C  CD1   A ILE C 3 39 ? 7.867   -17.038 -0.884  0.50 4.15  ? 139 ILE A CD1   1 
ATOM   756  C  CD1   B ILE C 3 39 ? 7.124   -15.097 -1.066  0.50 15.06 ? 139 ILE A CD1   1 
ATOM   757  N  N     . CYS C 3 40 ? 2.506   -17.242 -1.275  1.00 11.73 ? 140 CYS A N     1 
ATOM   758  C  CA    . CYS C 3 40 ? 1.131   -17.684 -1.034  1.00 11.58 ? 140 CYS A CA    1 
ATOM   759  C  C     . CYS C 3 40 ? 0.223   -17.588 -2.267  1.00 12.80 ? 140 CYS A C     1 
ATOM   760  O  O     . CYS C 3 40 ? -0.947  -17.997 -2.216  1.00 13.69 ? 140 CYS A O     1 
ATOM   761  C  CB    . CYS C 3 40 ? 0.517   -16.905 0.128   1.00 11.34 ? 140 CYS A CB    1 
ATOM   762  S  SG    . CYS C 3 40 ? 0.101   -15.191 -0.300  1.00 10.95 ? 140 CYS A SG    1 
ATOM   763  N  N     . MET C 3 41 ? 0.776   -17.074 -3.366  1.00 13.23 ? 141 MET A N     1 
ATOM   764  C  CA    . MET C 3 41 ? 0.088   -16.917 -4.653  1.00 14.92 ? 141 MET A CA    1 
ATOM   765  C  C     . MET C 3 41 ? -1.005  -15.835 -4.720  1.00 14.11 ? 141 MET A C     1 
ATOM   766  O  O     . MET C 3 41 ? -1.707  -15.715 -5.731  1.00 13.19 ? 141 MET A O     1 
ATOM   767  C  CB    . MET C 3 41 ? -0.443  -18.265 -5.181  1.00 19.37 ? 141 MET A CB    1 
ATOM   768  C  CG    . MET C 3 41 ? 0.621   -19.372 -5.358  1.00 25.99 ? 141 MET A CG    1 
ATOM   769  S  SD    . MET C 3 41 ? 1.315   -20.114 -3.809  1.00 37.52 ? 141 MET A SD    1 
ATOM   770  C  CE    . MET C 3 41 ? 0.345   -21.631 -3.642  1.00 32.88 ? 141 MET A CE    1 
ATOM   771  N  N     . ARG C 3 42 ? -1.144  -15.038 -3.661  1.00 12.41 ? 142 ARG A N     1 
ATOM   772  C  CA    . ARG C 3 42 ? -2.146  -13.971 -3.655  1.00 11.14 ? 142 ARG A CA    1 
ATOM   773  C  C     . ARG C 3 42 ? -1.723  -12.891 -4.650  1.00 11.41 ? 142 ARG A C     1 
ATOM   774  O  O     . ARG C 3 42 ? -0.532  -12.663 -4.852  1.00 12.34 ? 142 ARG A O     1 
ATOM   775  C  CB    . ARG C 3 42 ? -2.297  -13.372 -2.249  1.00 11.53 ? 142 ARG A CB    1 
ATOM   776  C  CG    . ARG C 3 42 ? -3.331  -12.246 -2.145  1.00 10.69 ? 142 ARG A CG    1 
ATOM   777  C  CD    . ARG C 3 42 ? -3.585  -11.844 -0.695  1.00 11.72 ? 142 ARG A CD    1 
ATOM   778  N  NE    . ARG C 3 42 ? -4.611  -10.805 -0.612  1.00 12.51 ? 142 ARG A NE    1 
ATOM   779  C  CZ    . ARG C 3 42 ? -5.245  -10.437 0.498   1.00 12.00 ? 142 ARG A CZ    1 
ATOM   780  N  NH1   . ARG C 3 42 ? -4.978  -11.010 1.664   1.00 11.27 ? 142 ARG A NH1   1 
ATOM   781  N  NH2   . ARG C 3 42 ? -6.169  -9.493  0.429   1.00 13.64 ? 142 ARG A NH2   1 
ATOM   782  N  N     . ASN C 3 43 ? -2.702  -12.232 -5.266  1.00 10.82 ? 143 ASN A N     1 
ATOM   783  C  CA    . ASN C 3 43 ? -2.441  -11.174 -6.246  1.00 11.06 ? 143 ASN A CA    1 
ATOM   784  C  C     . ASN C 3 43 ? -2.761  -9.795  -5.669  1.00 10.61 ? 143 ASN A C     1 
ATOM   785  O  O     . ASN C 3 43 ? -3.688  -9.645  -4.867  1.00 10.65 ? 143 ASN A O     1 
ATOM   786  C  CB    . ASN C 3 43 ? -3.254  -11.434 -7.522  1.00 11.97 ? 143 ASN A CB    1 
ATOM   787  C  CG    . ASN C 3 43 ? -3.012  -12.829 -8.079  1.00 13.44 ? 143 ASN A CG    1 
ATOM   788  O  OD1   . ASN C 3 43 ? -1.924  -13.124 -8.568  1.00 14.38 ? 143 ASN A OD1   1 
ATOM   789  N  ND2   . ASN C 3 43 ? -4.007  -13.711 -7.952  1.00 15.78 ? 143 ASN A ND2   1 
ATOM   790  N  N     . PHE C 3 44 ? -1.988  -8.797  -6.090  1.00 8.49  ? 144 PHE A N     1 
ATOM   791  C  CA    . PHE C 3 44 ? -2.140  -7.427  -5.615  1.00 9.24  ? 144 PHE A CA    1 
ATOM   792  C  C     . PHE C 3 44 ? -2.190  -6.420  -6.767  1.00 9.21  ? 144 PHE A C     1 
ATOM   793  O  O     . PHE C 3 44 ? -1.585  -6.621  -7.835  1.00 8.91  ? 144 PHE A O     1 
ATOM   794  C  CB    . PHE C 3 44 ? -0.978  -7.077  -4.666  1.00 10.08 ? 144 PHE A CB    1 
ATOM   795  C  CG    . PHE C 3 44 ? -0.888  -7.982  -3.462  1.00 9.52  ? 144 PHE A CG    1 
ATOM   796  C  CD1   . PHE C 3 44 ? -0.274  -9.234  -3.558  1.00 9.40  ? 144 PHE A CD1   1 
ATOM   797  C  CD2   . PHE C 3 44 ? -1.491  -7.619  -2.255  1.00 10.04 ? 144 PHE A CD2   1 
ATOM   798  C  CE1   . PHE C 3 44 ? -0.274  -10.112 -2.464  1.00 10.55 ? 144 PHE A CE1   1 
ATOM   799  C  CE2   . PHE C 3 44 ? -1.497  -8.486  -1.161  1.00 9.27  ? 144 PHE A CE2   1 
ATOM   800  C  CZ    . PHE C 3 44 ? -0.892  -9.731  -1.267  1.00 10.08 ? 144 PHE A CZ    1 
ATOM   801  N  N     . SER C 3 45 ? -2.891  -5.319  -6.527  1.00 9.40  ? 145 SER A N     1 
ATOM   802  C  CA    . SER C 3 45 ? -3.037  -4.261  -7.520  1.00 9.70  ? 145 SER A CA    1 
ATOM   803  C  C     . SER C 3 45 ? -1.755  -3.464  -7.752  1.00 10.82 ? 145 SER A C     1 
ATOM   804  O  O     . SER C 3 45 ? -1.559  -2.925  -8.847  1.00 12.28 ? 145 SER A O     1 
ATOM   805  C  CB    . SER C 3 45 ? -4.146  -3.290  -7.099  1.00 10.40 ? 145 SER A CB    1 
ATOM   806  O  OG    . SER C 3 45 ? -3.844  -2.663  -5.858  1.00 9.80  ? 145 SER A OG    1 
ATOM   807  N  N     . ARG C 3 46 ? -0.891  -3.385  -6.736  1.00 9.15  ? 146 ARG A N     1 
ATOM   808  C  CA    . ARG C 3 46 ? 0.342   -2.597  -6.833  1.00 9.52  ? 146 ARG A CA    1 
ATOM   809  C  C     . ARG C 3 46 ? 1.620   -3.307  -6.372  1.00 9.25  ? 146 ARG A C     1 
ATOM   810  O  O     . ARG C 3 46 ? 1.590   -4.142  -5.466  1.00 8.52  ? 146 ARG A O     1 
ATOM   811  C  CB    . ARG C 3 46 ? 0.163   -1.298  -6.040  1.00 9.86  ? 146 ARG A CB    1 
ATOM   812  C  CG    . ARG C 3 46 ? -0.891  -0.359  -6.624  1.00 9.00  ? 146 ARG A CG    1 
ATOM   813  C  CD    . ARG C 3 46 ? -1.513  0.537   -5.570  1.00 9.22  ? 146 ARG A CD    1 
ATOM   814  N  NE    . ARG C 3 46 ? -0.520  1.254   -4.768  1.00 9.00  ? 146 ARG A NE    1 
ATOM   815  C  CZ    . ARG C 3 46 ? -0.745  2.420   -4.172  1.00 8.32  ? 146 ARG A CZ    1 
ATOM   816  N  NH1   . ARG C 3 46 ? -1.922  3.024   -4.288  1.00 7.71  ? 146 ARG A NH1   1 
ATOM   817  N  NH2   . ARG C 3 46 ? 0.188   2.957   -3.411  1.00 8.63  ? 146 ARG A NH2   1 
ATOM   818  N  N     . SER C 3 47 ? 2.751   -2.942  -6.980  1.00 8.59  ? 147 SER A N     1 
ATOM   819  C  CA    . SER C 3 47 ? 4.023   -3.554  -6.633  1.00 9.47  ? 147 SER A CA    1 
ATOM   820  C  C     . SER C 3 47 ? 4.501   -3.134  -5.248  1.00 9.32  ? 147 SER A C     1 
ATOM   821  O  O     . SER C 3 47 ? 5.125   -3.928  -4.536  1.00 8.66  ? 147 SER A O     1 
ATOM   822  C  CB    . SER C 3 47 ? 5.100   -3.242  -7.682  1.00 9.56  ? 147 SER A CB    1 
ATOM   823  O  OG    . SER C 3 47 ? 5.381   -1.860  -7.731  1.00 9.84  ? 147 SER A OG    1 
ATOM   824  N  N     . ASP C 3 48 ? 4.194   -1.904  -4.856  1.00 8.87  ? 148 ASP A N     1 
ATOM   825  C  CA    . ASP C 3 48 ? 4.622   -1.447  -3.547  1.00 8.87  ? 148 ASP A CA    1 
ATOM   826  C  C     . ASP C 3 48 ? 3.951   -2.251  -2.430  1.00 8.89  ? 148 ASP A C     1 
ATOM   827  O  O     . ASP C 3 48 ? 4.619   -2.687  -1.491  1.00 8.72  ? 148 ASP A O     1 
ATOM   828  C  CB    . ASP C 3 48 ? 4.452   0.084   -3.383  1.00 9.73  ? 148 ASP A CB    1 
ATOM   829  C  CG    . ASP C 3 48 ? 2.998   0.548   -3.338  1.00 10.10 ? 148 ASP A CG    1 
ATOM   830  O  OD1   . ASP C 3 48 ? 2.100   -0.128  -3.866  1.00 10.85 ? 148 ASP A OD1   1 
ATOM   831  O  OD2   . ASP C 3 48 ? 2.760   1.636   -2.780  1.00 8.72  ? 148 ASP A OD2   1 
ATOM   832  N  N     . HIS C 3 49 ? 2.658   -2.534  -2.594  1.00 9.29  ? 149 HIS A N     1 
ATOM   833  C  CA    . HIS C 3 49 ? 1.898   -3.294  -1.600  1.00 8.41  ? 149 HIS A CA    1 
ATOM   834  C  C     . HIS C 3 49 ? 2.283   -4.770  -1.574  1.00 9.09  ? 149 HIS A C     1 
ATOM   835  O  O     . HIS C 3 49 ? 2.149   -5.426  -0.538  1.00 9.27  ? 149 HIS A O     1 
ATOM   836  C  CB    . HIS C 3 49 ? 0.409   -3.113  -1.827  1.00 8.79  ? 149 HIS A CB    1 
ATOM   837  C  CG    . HIS C 3 49 ? -0.061  -1.715  -1.585  1.00 8.59  ? 149 HIS A CG    1 
ATOM   838  N  ND1   . HIS C 3 49 ? 0.581   -0.860  -0.714  1.00 9.68  ? 149 HIS A ND1   1 
ATOM   839  C  CD2   . HIS C 3 49 ? -1.110  -1.024  -2.087  1.00 8.91  ? 149 HIS A CD2   1 
ATOM   840  C  CE1   . HIS C 3 49 ? -0.054  0.299   -0.688  1.00 11.33 ? 149 HIS A CE1   1 
ATOM   841  N  NE2   . HIS C 3 49 ? -1.084  0.225   -1.516  1.00 9.07  ? 149 HIS A NE2   1 
ATOM   842  N  N     . LEU C 3 50 ? 2.741   -5.297  -2.713  1.00 7.86  ? 150 LEU A N     1 
ATOM   843  C  CA    . LEU C 3 50 ? 3.197   -6.686  -2.759  1.00 7.62  ? 150 LEU A CA    1 
ATOM   844  C  C     . LEU C 3 50 ? 4.470   -6.811  -1.894  1.00 7.77  ? 150 LEU A C     1 
ATOM   845  O  O     . LEU C 3 50 ? 4.604   -7.753  -1.112  1.00 7.36  ? 150 LEU A O     1 
ATOM   846  C  CB    . LEU C 3 50 ? 3.485   -7.135  -4.201  1.00 8.05  ? 150 LEU A CB    1 
ATOM   847  C  CG    . LEU C 3 50 ? 4.260   -8.459  -4.369  1.00 9.25  ? 150 LEU A CG    1 
ATOM   848  C  CD1   . LEU C 3 50 ? 3.486   -9.601  -3.731  1.00 8.21  ? 150 LEU A CD1   1 
ATOM   849  C  CD2   . LEU C 3 50 ? 4.541   -8.759  -5.828  1.00 9.41  ? 150 LEU A CD2   1 
ATOM   850  N  N     . THR C 3 51 ? 5.396   -5.860  -2.028  1.00 7.55  ? 151 THR A N     1 
ATOM   851  C  CA    . THR C 3 51 ? 6.634   -5.884  -1.247  1.00 7.85  ? 151 THR A CA    1 
ATOM   852  C  C     . THR C 3 51 ? 6.371   -5.914  0.265   1.00 8.06  ? 151 THR A C     1 
ATOM   853  O  O     . THR C 3 51 ? 6.911   -6.762  0.970   1.00 8.53  ? 151 THR A O     1 
ATOM   854  C  CB    . THR C 3 51 ? 7.541   -4.679  -1.590  1.00 8.63  ? 151 THR A CB    1 
ATOM   855  O  OG1   . THR C 3 51 ? 7.904   -4.751  -2.971  1.00 9.39  ? 151 THR A OG1   1 
ATOM   856  C  CG2   . THR C 3 51 ? 8.814   -4.683  -0.741  1.00 9.00  ? 151 THR A CG2   1 
ATOM   857  N  N     . THR C 3 52 ? 5.527   -5.015  0.771   1.00 8.24  ? 152 THR A N     1 
ATOM   858  C  CA    . THR C 3 52 ? 5.260   -5.019  2.208   1.00 8.12  ? 152 THR A CA    1 
ATOM   859  C  C     . THR C 3 52 ? 4.511   -6.278  2.650   1.00 8.60  ? 152 THR A C     1 
ATOM   860  O  O     . THR C 3 52 ? 4.735   -6.780  3.755   1.00 8.53  ? 152 THR A O     1 
ATOM   861  C  CB    . THR C 3 52 ? 4.551   -3.729  2.683   1.00 8.68  ? 152 THR A CB    1 
ATOM   862  O  OG1   . THR C 3 52 ? 3.357   -3.517  1.931   1.00 9.42  ? 152 THR A OG1   1 
ATOM   863  C  CG2   . THR C 3 52 ? 5.485   -2.519  2.515   1.00 9.28  ? 152 THR A CG2   1 
ATOM   864  N  N     . HIS C 3 53 ? 3.648   -6.804  1.778   1.00 8.48  ? 153 HIS A N     1 
ATOM   865  C  CA    . HIS C 3 53 ? 2.915   -8.032  2.066   1.00 8.04  ? 153 HIS A CA    1 
ATOM   866  C  C     . HIS C 3 53 ? 3.898   -9.187  2.244   1.00 9.09  ? 153 HIS A C     1 
ATOM   867  O  O     . HIS C 3 53 ? 3.718   -10.027 3.130   1.00 8.74  ? 153 HIS A O     1 
ATOM   868  C  CB    . HIS C 3 53 ? 1.958   -8.388  0.927   1.00 8.37  ? 153 HIS A CB    1 
ATOM   869  C  CG    . HIS C 3 53 ? 1.525   -9.827  0.935   1.00 8.50  ? 153 HIS A CG    1 
ATOM   870  N  ND1   . HIS C 3 53 ? 0.585   -10.318 1.813   1.00 8.21  ? 153 HIS A ND1   1 
ATOM   871  C  CD2   . HIS C 3 53 ? 1.950   -10.891 0.208   1.00 9.15  ? 153 HIS A CD2   1 
ATOM   872  C  CE1   . HIS C 3 53 ? 0.454   -11.622 1.636   1.00 9.21  ? 153 HIS A CE1   1 
ATOM   873  N  NE2   . HIS C 3 53 ? 1.271   -11.995 0.668   1.00 9.25  ? 153 HIS A NE2   1 
ATOM   874  N  N     . ILE C 3 54 ? 4.921   -9.242  1.387   1.00 8.86  ? 154 ILE A N     1 
ATOM   875  C  CA    . ILE C 3 54 ? 5.907   -10.322 1.456   1.00 9.14  ? 154 ILE A CA    1 
ATOM   876  C  C     . ILE C 3 54 ? 6.618   -10.389 2.807   1.00 9.36  ? 154 ILE A C     1 
ATOM   877  O  O     . ILE C 3 54 ? 6.990   -11.474 3.256   1.00 9.17  ? 154 ILE A O     1 
ATOM   878  C  CB    . ILE C 3 54 ? 6.903   -10.261 0.261   1.00 9.93  ? 154 ILE A CB    1 
ATOM   879  C  CG1   . ILE C 3 54 ? 6.150   -10.599 -1.036  1.00 9.80  ? 154 ILE A CG1   1 
ATOM   880  C  CG2   . ILE C 3 54 ? 8.068   -11.251 0.462   1.00 10.02 ? 154 ILE A CG2   1 
ATOM   881  C  CD1   . ILE C 3 54 ? 6.940   -10.333 -2.309  1.00 11.62 ? 154 ILE A CD1   1 
ATOM   882  N  N     . ARG C 3 55 ? 6.738   -9.242  3.483   1.00 9.99  ? 155 ARG A N     1 
ATOM   883  C  CA    . ARG C 3 55 ? 7.383   -9.188  4.803   1.00 10.80 ? 155 ARG A CA    1 
ATOM   884  C  C     . ARG C 3 55 ? 6.575   -9.933  5.862   1.00 9.91  ? 155 ARG A C     1 
ATOM   885  O  O     . ARG C 3 55 ? 7.104   -10.283 6.915   1.00 11.67 ? 155 ARG A O     1 
ATOM   886  C  CB    . ARG C 3 55 ? 7.625   -7.739  5.244   1.00 10.77 ? 155 ARG A CB    1 
ATOM   887  C  CG    . ARG C 3 55 ? 8.541   -6.970  4.314   1.00 11.05 ? 155 ARG A CG    1 
ATOM   888  C  CD    . ARG C 3 55 ? 8.995   -5.629  4.892   1.00 11.95 ? 155 ARG A CD    1 
ATOM   889  N  NE    . ARG C 3 55 ? 9.812   -4.946  3.905   1.00 12.79 ? 155 ARG A NE    1 
ATOM   890  C  CZ    . ARG C 3 55 ? 9.788   -3.637  3.653   1.00 13.83 ? 155 ARG A CZ    1 
ATOM   891  N  NH1   . ARG C 3 55 ? 8.995   -2.818  4.340   1.00 11.80 ? 155 ARG A NH1   1 
ATOM   892  N  NH2   . ARG C 3 55 ? 10.471  -3.169  2.613   1.00 12.83 ? 155 ARG A NH2   1 
ATOM   893  N  N     . THR C 3 56 ? 5.292   -10.162 5.600   1.00 10.15 ? 156 THR A N     1 
ATOM   894  C  CA    . THR C 3 56 ? 4.464   -10.895 6.551   1.00 11.04 ? 156 THR A CA    1 
ATOM   895  C  C     . THR C 3 56 ? 4.900   -12.366 6.545   1.00 12.05 ? 156 THR A C     1 
ATOM   896  O  O     . THR C 3 56 ? 4.672   -13.084 7.511   1.00 13.34 ? 156 THR A O     1 
ATOM   897  C  CB    . THR C 3 56 ? 2.946   -10.793 6.247   1.00 10.83 ? 156 THR A CB    1 
ATOM   898  O  OG1   . THR C 3 56 ? 2.620   -11.536 5.070   1.00 13.27 ? 156 THR A OG1   1 
ATOM   899  C  CG2   . THR C 3 56 ? 2.534   -9.339  6.068   1.00 11.93 ? 156 THR A CG2   1 
ATOM   900  N  N     . HIS C 3 57 ? 5.512   -12.799 5.443   1.00 10.81 ? 157 HIS A N     1 
ATOM   901  C  CA    . HIS C 3 57 ? 5.998   -14.171 5.296   1.00 11.48 ? 157 HIS A CA    1 
ATOM   902  C  C     . HIS C 3 57 ? 7.439   -14.320 5.808   1.00 11.01 ? 157 HIS A C     1 
ATOM   903  O  O     . HIS C 3 57 ? 7.787   -15.323 6.433   1.00 12.23 ? 157 HIS A O     1 
ATOM   904  C  CB    . HIS C 3 57 ? 5.996   -14.588 3.822   1.00 11.35 ? 157 HIS A CB    1 
ATOM   905  C  CG    . HIS C 3 57 ? 4.645   -14.627 3.191   1.00 11.87 ? 157 HIS A CG    1 
ATOM   906  N  ND1   . HIS C 3 57 ? 3.578   -15.302 3.745   1.00 10.47 ? 157 HIS A ND1   1 
ATOM   907  C  CD2   . HIS C 3 57 ? 4.199   -14.117 2.019   1.00 10.86 ? 157 HIS A CD2   1 
ATOM   908  C  CE1   . HIS C 3 57 ? 2.535   -15.208 2.941   1.00 11.03 ? 157 HIS A CE1   1 
ATOM   909  N  NE2   . HIS C 3 57 ? 2.885   -14.496 1.885   1.00 10.97 ? 157 HIS A NE2   1 
ATOM   910  N  N     . THR C 3 58 ? 8.287   -13.346 5.491   1.00 11.38 ? 158 THR A N     1 
ATOM   911  C  CA    . THR C 3 58 ? 9.687   -13.404 5.887   1.00 11.39 ? 158 THR A CA    1 
ATOM   912  C  C     . THR C 3 58 ? 9.973   -12.916 7.307   1.00 11.26 ? 158 THR A C     1 
ATOM   913  O  O     . THR C 3 58 ? 10.950  -13.337 7.917   1.00 11.80 ? 158 THR A O     1 
ATOM   914  C  CB    . THR C 3 58 ? 10.573  -12.625 4.895   1.00 11.92 ? 158 THR A CB    1 
ATOM   915  O  OG1   . THR C 3 58 ? 10.176  -11.246 4.886   1.00 13.14 ? 158 THR A OG1   1 
ATOM   916  C  CG2   . THR C 3 58 ? 10.443  -13.207 3.475   1.00 11.58 ? 158 THR A CG2   1 
ATOM   917  N  N     . GLY C 3 59 ? 9.104   -12.066 7.843   1.00 11.05 ? 159 GLY A N     1 
ATOM   918  C  CA    . GLY C 3 59 ? 9.324   -11.533 9.173   1.00 10.96 ? 159 GLY A CA    1 
ATOM   919  C  C     . GLY C 3 59 ? 10.261  -10.334 9.160   1.00 11.24 ? 159 GLY A C     1 
ATOM   920  O  O     . GLY C 3 59 ? 10.709  -9.890  10.214  1.00 11.80 ? 159 GLY A O     1 
ATOM   921  N  N     . GLU C 3 60 ? 10.566  -9.811  7.974   1.00 10.81 ? 160 GLU A N     1 
ATOM   922  C  CA    . GLU C 3 60 ? 11.439  -8.641  7.839   1.00 11.22 ? 160 GLU A CA    1 
ATOM   923  C  C     . GLU C 3 60 ? 10.730  -7.410  8.418   1.00 11.14 ? 160 GLU A C     1 
ATOM   924  O  O     . GLU C 3 60 ? 9.611   -7.085  8.031   1.00 11.43 ? 160 GLU A O     1 
ATOM   925  C  CB    . GLU C 3 60 ? 11.782  -8.405  6.367   1.00 12.89 ? 160 GLU A CB    1 
ATOM   926  C  CG    . GLU C 3 60 ? 12.775  -7.277  6.131   1.00 17.00 ? 160 GLU A CG    1 
ATOM   927  C  CD    . GLU C 3 60 ? 12.886  -6.871  4.662   1.00 20.61 ? 160 GLU A CD    1 
ATOM   928  O  OE1   . GLU C 3 60 ? 12.127  -7.391  3.819   1.00 22.50 ? 160 GLU A OE1   1 
ATOM   929  O  OE2   . GLU C 3 60 ? 13.733  -6.006  4.349   1.00 24.61 ? 160 GLU A OE2   1 
ATOM   930  N  N     . LYS C 3 61 ? 11.382  -6.757  9.373   1.00 10.25 ? 161 LYS A N     1 
ATOM   931  C  CA    . LYS C 3 61 ? 10.828  -5.581  10.042  1.00 10.15 ? 161 LYS A CA    1 
ATOM   932  C  C     . LYS C 3 61 ? 11.937  -4.539  10.132  1.00 10.32 ? 161 LYS A C     1 
ATOM   933  O  O     . LYS C 3 61 ? 12.613  -4.422  11.152  1.00 9.82  ? 161 LYS A O     1 
ATOM   934  C  CB    . LYS C 3 61 ? 10.330  -5.975  11.433  1.00 10.40 ? 161 LYS A CB    1 
ATOM   935  C  CG    . LYS C 3 61 ? 9.168   -6.939  11.385  1.00 11.24 ? 161 LYS A CG    1 
ATOM   936  C  CD    . LYS C 3 61 ? 8.681   -7.269  12.754  1.00 12.51 ? 161 LYS A CD    1 
ATOM   937  C  CE    . LYS C 3 61 ? 7.529   -8.247  12.699  1.00 15.11 ? 161 LYS A CE    1 
ATOM   938  N  NZ    . LYS C 3 61 ? 7.109   -8.622  14.078  1.00 16.70 ? 161 LYS A NZ    1 
ATOM   939  N  N     . PRO C 3 62 ? 12.096  -3.729  9.069   1.00 9.85  ? 162 PRO A N     1 
ATOM   940  C  CA    . PRO C 3 62 ? 13.122  -2.684  8.960   1.00 9.61  ? 162 PRO A CA    1 
ATOM   941  C  C     . PRO C 3 62 ? 12.974  -1.424  9.796   1.00 9.89  ? 162 PRO A C     1 
ATOM   942  O  O     . PRO C 3 62 ? 13.923  -0.654  9.900   1.00 10.62 ? 162 PRO A O     1 
ATOM   943  C  CB    . PRO C 3 62 ? 13.064  -2.302  7.475   1.00 10.51 ? 162 PRO A CB    1 
ATOM   944  C  CG    . PRO C 3 62 ? 12.250  -3.425  6.806   1.00 8.85  ? 162 PRO A CG    1 
ATOM   945  C  CD    . PRO C 3 62 ? 11.256  -3.757  7.859   1.00 9.63  ? 162 PRO A CD    1 
ATOM   946  N  N     . PHE C 3 63 ? 11.811  -1.222  10.403  1.00 9.14  ? 163 PHE A N     1 
ATOM   947  C  CA    . PHE C 3 63 ? 11.554  0.014   11.138  1.00 8.84  ? 163 PHE A CA    1 
ATOM   948  C  C     . PHE C 3 63 ? 11.414  -0.117  12.652  1.00 8.38  ? 163 PHE A C     1 
ATOM   949  O  O     . PHE C 3 63 ? 10.376  -0.518  13.159  1.00 9.27  ? 163 PHE A O     1 
ATOM   950  C  CB    . PHE C 3 63 ? 10.339  0.706   10.508  1.00 9.30  ? 163 PHE A CB    1 
ATOM   951  C  CG    . PHE C 3 63 ? 10.424  0.806   9.005   1.00 10.07 ? 163 PHE A CG    1 
ATOM   952  C  CD1   . PHE C 3 63 ? 11.193  1.799   8.408   1.00 10.85 ? 163 PHE A CD1   1 
ATOM   953  C  CD2   . PHE C 3 63 ? 9.802   -0.139  8.191   1.00 10.04 ? 163 PHE A CD2   1 
ATOM   954  C  CE1   . PHE C 3 63 ? 11.349  1.847   7.018   1.00 12.60 ? 163 PHE A CE1   1 
ATOM   955  C  CE2   . PHE C 3 63 ? 9.951   -0.100  6.805   1.00 10.10 ? 163 PHE A CE2   1 
ATOM   956  C  CZ    . PHE C 3 63 ? 10.725  0.892   6.217   1.00 11.15 ? 163 PHE A CZ    1 
ATOM   957  N  N     . ALA C 3 64 ? 12.464  0.287   13.361  1.00 8.40  ? 164 ALA A N     1 
ATOM   958  C  CA    . ALA C 3 64 ? 12.519  0.196   14.816  1.00 8.00  ? 164 ALA A CA    1 
ATOM   959  C  C     . ALA C 3 64 ? 12.182  1.496   15.537  1.00 8.18  ? 164 ALA A C     1 
ATOM   960  O  O     . ALA C 3 64 ? 12.682  2.569   15.181  1.00 7.86  ? 164 ALA A O     1 
ATOM   961  C  CB    . ALA C 3 64 ? 13.903  -0.300  15.260  1.00 9.31  ? 164 ALA A CB    1 
ATOM   962  N  N     . CYS C 3 65 ? 11.368  1.378   16.579  1.00 7.53  ? 165 CYS A N     1 
ATOM   963  C  CA    . CYS C 3 65 ? 10.969  2.527   17.376  1.00 7.10  ? 165 CYS A CA    1 
ATOM   964  C  C     . CYS C 3 65 ? 12.191  3.141   18.048  1.00 7.51  ? 165 CYS A C     1 
ATOM   965  O  O     . CYS C 3 65 ? 13.025  2.433   18.610  1.00 7.14  ? 165 CYS A O     1 
ATOM   966  C  CB    . CYS C 3 65 ? 9.962   2.106   18.439  1.00 8.53  ? 165 CYS A CB    1 
ATOM   967  S  SG    . CYS C 3 65 ? 9.498   3.429   19.559  1.00 8.51  ? 165 CYS A SG    1 
ATOM   968  N  N     . ASP C 3 66 ? 12.325  4.457   17.932  1.00 7.13  ? 166 ASP A N     1 
ATOM   969  C  CA    . ASP C 3 66 ? 13.449  5.169   18.534  1.00 8.60  ? 166 ASP A CA    1 
ATOM   970  C  C     . ASP C 3 66 ? 13.442  5.103   20.066  1.00 8.89  ? 166 ASP A C     1 
ATOM   971  O  O     . ASP C 3 66 ? 14.486  5.214   20.701  1.00 10.47 ? 166 ASP A O     1 
ATOM   972  C  CB    . ASP C 3 66 ? 13.429  6.647   18.120  1.00 7.76  ? 166 ASP A CB    1 
ATOM   973  C  CG    . ASP C 3 66 ? 13.917  6.879   16.698  1.00 7.44  ? 166 ASP A CG    1 
ATOM   974  O  OD1   . ASP C 3 66 ? 14.648  6.040   16.144  1.00 7.95  ? 166 ASP A OD1   1 
ATOM   975  O  OD2   . ASP C 3 66 ? 13.586  7.937   16.138  1.00 7.82  ? 166 ASP A OD2   1 
ATOM   976  N  N     . ILE C 3 67 ? 12.261  4.935   20.653  1.00 8.90  ? 167 ILE A N     1 
ATOM   977  C  CA    . ILE C 3 67 ? 12.149  4.902   22.102  1.00 8.10  ? 167 ILE A CA    1 
ATOM   978  C  C     . ILE C 3 67 ? 12.386  3.545   22.713  1.00 8.36  ? 167 ILE A C     1 
ATOM   979  O  O     . ILE C 3 67 ? 13.195  3.419   23.627  1.00 9.00  ? 167 ILE A O     1 
ATOM   980  C  CB    . ILE C 3 67 ? 10.774  5.419   22.577  1.00 8.18  ? 167 ILE A CB    1 
ATOM   981  C  CG1   . ILE C 3 67 ? 10.522  6.841   22.050  1.00 9.31  ? 167 ILE A CG1   1 
ATOM   982  C  CG2   . ILE C 3 67 ? 10.682  5.375   24.109  1.00 7.83  ? 167 ILE A CG2   1 
ATOM   983  C  CD1   . ILE C 3 67 ? 11.468  7.900   22.608  1.00 9.64  ? 167 ILE A CD1   1 
ATOM   984  N  N     . CYS C 3 68 ? 11.692  2.528   22.201  1.00 8.87  ? 168 CYS A N     1 
ATOM   985  C  CA    . CYS C 3 68 ? 11.792  1.178   22.770  1.00 8.80  ? 168 CYS A CA    1 
ATOM   986  C  C     . CYS C 3 68 ? 12.431  0.089   21.910  1.00 9.20  ? 168 CYS A C     1 
ATOM   987  O  O     . CYS C 3 68 ? 12.582  -1.045  22.376  1.00 9.66  ? 168 CYS A O     1 
ATOM   988  C  CB    . CYS C 3 68 ? 10.408  0.695   23.215  1.00 8.22  ? 168 CYS A CB    1 
ATOM   989  S  SG    . CYS C 3 68 ? 9.329   0.199   21.847  1.00 9.66  ? 168 CYS A SG    1 
ATOM   990  N  N     . GLY C 3 69 ? 12.731  0.400   20.651  1.00 8.68  ? 169 GLY A N     1 
ATOM   991  C  CA    . GLY C 3 69 ? 13.345  -0.575  19.769  1.00 8.36  ? 169 GLY A CA    1 
ATOM   992  C  C     . GLY C 3 69 ? 12.402  -1.549  19.086  1.00 8.05  ? 169 GLY A C     1 
ATOM   993  O  O     . GLY C 3 69 ? 12.852  -2.349  18.268  1.00 9.71  ? 169 GLY A O     1 
ATOM   994  N  N     . ARG C 3 70 ? 11.108  -1.501  19.392  1.00 7.91  ? 170 ARG A N     1 
ATOM   995  C  CA    . ARG C 3 70 ? 10.158  -2.426  18.762  1.00 9.02  ? 170 ARG A CA    1 
ATOM   996  C  C     . ARG C 3 70 ? 10.182  -2.249  17.249  1.00 9.46  ? 170 ARG A C     1 
ATOM   997  O  O     . ARG C 3 70 ? 10.110  -1.120  16.758  1.00 10.08 ? 170 ARG A O     1 
ATOM   998  C  CB    . ARG C 3 70 ? 8.745   -2.212  19.293  1.00 7.77  ? 170 ARG A CB    1 
ATOM   999  C  CG    . ARG C 3 70 ? 7.796   -3.250  18.775  1.00 10.72 ? 170 ARG A CG    1 
ATOM   1000 C  CD    . ARG C 3 70 ? 6.503   -3.252  19.532  1.00 12.85 ? 170 ARG A CD    1 
ATOM   1001 N  NE    . ARG C 3 70 ? 5.624   -4.283  19.007  1.00 15.30 ? 170 ARG A NE    1 
ATOM   1002 C  CZ    . ARG C 3 70 ? 4.411   -4.541  19.473  1.00 17.47 ? 170 ARG A CZ    1 
ATOM   1003 N  NH1   . ARG C 3 70 ? 3.922   -3.835  20.483  1.00 18.29 ? 170 ARG A NH1   1 
ATOM   1004 N  NH2   . ARG C 3 70 ? 3.695   -5.524  18.941  1.00 18.64 ? 170 ARG A NH2   1 
ATOM   1005 N  N     . LYS C 3 71 ? 10.274  -3.365  16.523  1.00 9.24  ? 171 LYS A N     1 
ATOM   1006 C  CA    . LYS C 3 71 ? 10.356  -3.341  15.059  1.00 9.38  ? 171 LYS A CA    1 
ATOM   1007 C  C     . LYS C 3 71 ? 9.047   -3.592  14.333  1.00 8.32  ? 171 LYS A C     1 
ATOM   1008 O  O     . LYS C 3 71 ? 8.234   -4.400  14.769  1.00 9.01  ? 171 LYS A O     1 
ATOM   1009 C  CB    . LYS C 3 71 ? 11.391  -4.357  14.578  1.00 10.74 ? 171 LYS A CB    1 
ATOM   1010 C  CG    . LYS C 3 71 ? 12.824  -4.041  14.977  1.00 13.85 ? 171 LYS A CG    1 
ATOM   1011 C  CD    . LYS C 3 71 ? 13.753  -5.170  14.576  1.00 17.12 ? 171 LYS A CD    1 
ATOM   1012 C  CE    . LYS C 3 71 ? 15.177  -4.867  14.987  1.00 21.45 ? 171 LYS A CE    1 
ATOM   1013 N  NZ    . LYS C 3 71 ? 16.039  -6.080  14.936  1.00 25.10 ? 171 LYS A NZ    1 
ATOM   1014 N  N     . PHE C 3 72 ? 8.898   -2.957  13.171  1.00 8.22  ? 172 PHE A N     1 
ATOM   1015 C  CA    . PHE C 3 72 ? 7.702   -3.087  12.344  1.00 7.72  ? 172 PHE A CA    1 
ATOM   1016 C  C     . PHE C 3 72 ? 8.067   -3.274  10.873  1.00 8.44  ? 172 PHE A C     1 
ATOM   1017 O  O     . PHE C 3 72 ? 9.122   -2.829  10.416  1.00 7.82  ? 172 PHE A O     1 
ATOM   1018 C  CB    . PHE C 3 72 ? 6.810   -1.844  12.492  1.00 7.34  ? 172 PHE A CB    1 
ATOM   1019 C  CG    . PHE C 3 72 ? 6.359   -1.590  13.909  1.00 8.09  ? 172 PHE A CG    1 
ATOM   1020 C  CD1   . PHE C 3 72 ? 7.141   -0.827  14.783  1.00 8.26  ? 172 PHE A CD1   1 
ATOM   1021 C  CD2   . PHE C 3 72 ? 5.186   -2.159  14.388  1.00 7.78  ? 172 PHE A CD2   1 
ATOM   1022 C  CE1   . PHE C 3 72 ? 6.753   -0.650  16.106  1.00 7.05  ? 172 PHE A CE1   1 
ATOM   1023 C  CE2   . PHE C 3 72 ? 4.800   -1.982  15.713  1.00 6.68  ? 172 PHE A CE2   1 
ATOM   1024 C  CZ    . PHE C 3 72 ? 5.579   -1.235  16.561  1.00 7.51  ? 172 PHE A CZ    1 
ATOM   1025 N  N     . ALA C 3 73 ? 7.166   -3.914  10.133  1.00 8.17  ? 173 ALA A N     1 
ATOM   1026 C  CA    . ALA C 3 73 ? 7.378   -4.169  8.709   1.00 8.42  ? 173 ALA A CA    1 
ATOM   1027 C  C     . ALA C 3 73 ? 7.252   -2.909  7.870   1.00 9.37  ? 173 ALA A C     1 
ATOM   1028 O  O     . ALA C 3 73 ? 7.908   -2.788  6.832   1.00 10.01 ? 173 ALA A O     1 
ATOM   1029 C  CB    . ALA C 3 73 ? 6.388   -5.239  8.212   1.00 8.46  ? 173 ALA A CB    1 
ATOM   1030 N  N     . ARG C 3 74 ? 6.401   -1.974  8.306   1.00 9.36  ? 174 ARG A N     1 
ATOM   1031 C  CA    . ARG C 3 74 ? 6.182   -0.732  7.563   1.00 9.18  ? 174 ARG A CA    1 
ATOM   1032 C  C     . ARG C 3 74 ? 6.479   0.510   8.375   1.00 8.73  ? 174 ARG A C     1 
ATOM   1033 O  O     . ARG C 3 74 ? 6.287   0.526   9.596   1.00 8.56  ? 174 ARG A O     1 
ATOM   1034 C  CB    . ARG C 3 74 ? 4.744   -0.651  7.047   1.00 9.20  ? 174 ARG A CB    1 
ATOM   1035 C  CG    . ARG C 3 74 ? 4.284   -1.859  6.243   1.00 10.44 ? 174 ARG A CG    1 
ATOM   1036 C  CD    . ARG C 3 74 ? 3.141   -1.490  5.311   1.00 11.01 ? 174 ARG A CD    1 
ATOM   1037 N  NE    . ARG C 3 74 ? 2.060   -0.793  6.009   1.00 9.68  ? 174 ARG A NE    1 
ATOM   1038 C  CZ    . ARG C 3 74 ? 0.794   -1.196  6.041   1.00 10.37 ? 174 ARG A CZ    1 
ATOM   1039 N  NH1   . ARG C 3 74 ? 0.419   -2.312  5.426   1.00 9.88  ? 174 ARG A NH1   1 
ATOM   1040 N  NH2   . ARG C 3 74 ? -0.120  -0.431  6.625   1.00 10.22 ? 174 ARG A NH2   1 
ATOM   1041 N  N     . SER C 3 75 ? 6.915   1.564   7.687   1.00 8.28  ? 175 SER A N     1 
ATOM   1042 C  CA    . SER C 3 75 ? 7.247   2.833   8.348   1.00 9.30  ? 175 SER A CA    1 
ATOM   1043 C  C     . SER C 3 75 ? 6.015   3.465   9.011   1.00 8.96  ? 175 SER A C     1 
ATOM   1044 O  O     . SER C 3 75 ? 6.122   4.074   10.074  1.00 9.37  ? 175 SER A O     1 
ATOM   1045 C  CB    . SER C 3 75 ? 7.862   3.831   7.355   1.00 8.49  ? 175 SER A CB    1 
ATOM   1046 O  OG    . SER C 3 75 ? 6.915   4.196   6.366   1.00 9.90  ? 175 SER A OG    1 
ATOM   1047 N  N     . ASP C 3 76 ? 4.854   3.332   8.374   1.00 8.92  ? 176 ASP A N     1 
ATOM   1048 C  CA    . ASP C 3 76 ? 3.634   3.901   8.941   1.00 9.19  ? 176 ASP A CA    1 
ATOM   1049 C  C     . ASP C 3 76 ? 3.182   3.160   10.209  1.00 8.71  ? 176 ASP A C     1 
ATOM   1050 O  O     . ASP C 3 76 ? 2.525   3.755   11.064  1.00 8.79  ? 176 ASP A O     1 
ATOM   1051 C  CB    . ASP C 3 76 ? 2.513   3.995   7.899   1.00 9.15  ? 176 ASP A CB    1 
ATOM   1052 C  CG    . ASP C 3 76 ? 2.087   2.648   7.375   1.00 9.33  ? 176 ASP A CG    1 
ATOM   1053 O  OD1   . ASP C 3 76 ? 2.887   2.011   6.664   1.00 11.16 ? 176 ASP A OD1   1 
ATOM   1054 O  OD2   . ASP C 3 76 ? 0.955   2.222   7.673   1.00 10.76 ? 176 ASP A OD2   1 
ATOM   1055 N  N     . GLU C 3 77 ? 3.527   1.875   10.325  1.00 8.15  ? 177 GLU A N     1 
ATOM   1056 C  CA    . GLU C 3 77 ? 3.198   1.106   11.525  1.00 9.54  ? 177 GLU A CA    1 
ATOM   1057 C  C     . GLU C 3 77 ? 4.039   1.673   12.663  1.00 8.80  ? 177 GLU A C     1 
ATOM   1058 O  O     . GLU C 3 77 ? 3.531   1.922   13.752  1.00 8.78  ? 177 GLU A O     1 
ATOM   1059 C  CB    . GLU C 3 77 ? 3.568   -0.364  11.372  1.00 12.67 ? 177 GLU A CB    1 
ATOM   1060 C  CG    . GLU C 3 77 ? 2.663   -1.198  10.516  1.00 17.42 ? 177 GLU A CG    1 
ATOM   1061 C  CD    . GLU C 3 77 ? 3.190   -2.609  10.416  1.00 19.82 ? 177 GLU A CD    1 
ATOM   1062 O  OE1   . GLU C 3 77 ? 2.911   -3.428  11.318  1.00 22.46 ? 177 GLU A OE1   1 
ATOM   1063 O  OE2   . GLU C 3 77 ? 3.944   -2.884  9.470   1.00 21.38 ? 177 GLU A OE2   1 
ATOM   1064 N  N     . ARG C 3 78 ? 5.337   1.853   12.411  1.00 8.97  ? 178 ARG A N     1 
ATOM   1065 C  CA    . ARG C 3 78 ? 6.218   2.412   13.432  1.00 8.63  ? 178 ARG A CA    1 
ATOM   1066 C  C     . ARG C 3 78 ? 5.712   3.796   13.821  1.00 8.14  ? 178 ARG A C     1 
ATOM   1067 O  O     . ARG C 3 78 ? 5.655   4.123   14.997  1.00 8.97  ? 178 ARG A O     1 
ATOM   1068 C  CB    . ARG C 3 78 ? 7.658   2.513   12.942  1.00 8.73  ? 178 ARG A CB    1 
ATOM   1069 C  CG    . ARG C 3 78 ? 8.629   2.950   14.044  1.00 11.51 ? 178 ARG A CG    1 
ATOM   1070 C  CD    . ARG C 3 78 ? 9.852   3.614   13.444  1.00 14.44 ? 178 ARG A CD    1 
ATOM   1071 N  NE    . ARG C 3 78 ? 9.411   4.751   12.651  1.00 19.65 ? 178 ARG A NE    1 
ATOM   1072 C  CZ    . ARG C 3 78 ? 9.902   5.114   11.472  1.00 21.69 ? 178 ARG A CZ    1 
ATOM   1073 N  NH1   . ARG C 3 78 ? 10.911  4.443   10.918  1.00 20.75 ? 178 ARG A NH1   1 
ATOM   1074 N  NH2   . ARG C 3 78 ? 9.270   6.065   10.783  1.00 21.50 ? 178 ARG A NH2   1 
ATOM   1075 N  N     . LYS C 3 79 ? 5.310   4.593   12.831  1.00 8.73  ? 179 LYS A N     1 
ATOM   1076 C  CA    . LYS C 3 79 ? 4.796   5.948   13.080  1.00 9.19  ? 179 LYS A CA    1 
ATOM   1077 C  C     . LYS C 3 79 ? 3.575   5.949   14.005  1.00 9.08  ? 179 LYS A C     1 
ATOM   1078 O  O     . LYS C 3 79 ? 3.480   6.778   14.909  1.00 9.03  ? 179 LYS A O     1 
ATOM   1079 C  CB    . LYS C 3 79 ? 4.445   6.631   11.760  1.00 8.89  ? 179 LYS A CB    1 
ATOM   1080 C  CG    . LYS C 3 79 ? 4.055   8.096   11.878  1.00 11.12 ? 179 LYS A CG    1 
ATOM   1081 C  CD    . LYS C 3 79 ? 4.000   8.678   10.485  1.00 14.11 ? 179 LYS A CD    1 
ATOM   1082 C  CE    . LYS C 3 79 ? 3.674   10.125  10.471  1.00 16.78 ? 179 LYS A CE    1 
ATOM   1083 N  NZ    . LYS C 3 79 ? 3.651   10.522  9.037   1.00 18.70 ? 179 LYS A NZ    1 
ATOM   1084 N  N     . ARG C 3 80 ? 2.657   5.008   13.784  1.00 8.46  ? 180 ARG A N     1 
ATOM   1085 C  CA    . ARG C 3 80 ? 1.455   4.898   14.615  1.00 8.58  ? 180 ARG A CA    1 
ATOM   1086 C  C     . ARG C 3 80 ? 1.835   4.453   16.034  1.00 8.47  ? 180 ARG A C     1 
ATOM   1087 O  O     . ARG C 3 80 ? 1.167   4.813   17.009  1.00 8.36  ? 180 ARG A O     1 
ATOM   1088 C  CB    . ARG C 3 80 ? 0.472   3.901   13.989  1.00 9.11  ? 180 ARG A CB    1 
ATOM   1089 C  CG    . ARG C 3 80 ? -0.865  3.783   14.705  1.00 8.76  ? 180 ARG A CG    1 
ATOM   1090 C  CD    . ARG C 3 80 ? -1.761  2.772   14.006  1.00 8.62  ? 180 ARG A CD    1 
ATOM   1091 N  NE    . ARG C 3 80 ? -1.203  1.416   14.014  1.00 9.28  ? 180 ARG A NE    1 
ATOM   1092 C  CZ    . ARG C 3 80 ? -1.835  0.335   13.553  1.00 8.81  ? 180 ARG A CZ    1 
ATOM   1093 N  NH1   . ARG C 3 80 ? -3.053  0.437   13.029  1.00 7.66  ? 180 ARG A NH1   1 
ATOM   1094 N  NH2   . ARG C 3 80 ? -1.273  -0.860  13.669  1.00 8.95  ? 180 ARG A NH2   1 
ATOM   1095 N  N     . HIS C 3 81 ? 2.926   3.695   16.135  1.00 7.87  ? 181 HIS A N     1 
ATOM   1096 C  CA    . HIS C 3 81 ? 3.422   3.195   17.417  1.00 7.70  ? 181 HIS A CA    1 
ATOM   1097 C  C     . HIS C 3 81 ? 4.170   4.211   18.293  1.00 7.25  ? 181 HIS A C     1 
ATOM   1098 O  O     . HIS C 3 81 ? 3.915   4.298   19.494  1.00 7.49  ? 181 HIS A O     1 
ATOM   1099 C  CB    . HIS C 3 81 ? 4.328   1.967   17.194  1.00 7.48  ? 181 HIS A CB    1 
ATOM   1100 C  CG    . HIS C 3 81 ? 5.159   1.597   18.390  1.00 7.16  ? 181 HIS A CG    1 
ATOM   1101 N  ND1   . HIS C 3 81 ? 4.730   0.709   19.352  1.00 6.79  ? 181 HIS A ND1   1 
ATOM   1102 C  CD2   . HIS C 3 81 ? 6.379   2.024   18.796  1.00 7.86  ? 181 HIS A CD2   1 
ATOM   1103 C  CE1   . HIS C 3 81 ? 5.643   0.608   20.301  1.00 8.50  ? 181 HIS A CE1   1 
ATOM   1104 N  NE2   . HIS C 3 81 ? 6.654   1.397   19.987  1.00 8.49  ? 181 HIS A NE2   1 
ATOM   1105 N  N     . THR C 3 82 ? 5.120   4.936   17.709  1.00 7.87  ? 182 THR A N     1 
ATOM   1106 C  CA    . THR C 3 82 ? 5.928   5.890   18.473  1.00 8.27  ? 182 THR A CA    1 
ATOM   1107 C  C     . THR C 3 82 ? 5.135   6.820   19.392  1.00 9.63  ? 182 THR A C     1 
ATOM   1108 O  O     . THR C 3 82 ? 5.553   7.081   20.531  1.00 9.76  ? 182 THR A O     1 
ATOM   1109 C  CB    . THR C 3 82 ? 6.830   6.730   17.546  1.00 7.88  ? 182 THR A CB    1 
ATOM   1110 O  OG1   . THR C 3 82 ? 7.574   5.848   16.697  1.00 8.16  ? 182 THR A OG1   1 
ATOM   1111 C  CG2   . THR C 3 82 ? 7.821   7.569   18.363  1.00 7.79  ? 182 THR A CG2   1 
ATOM   1112 N  N     . LYS C 3 83 ? 3.989   7.303   18.908  1.00 9.38  ? 183 LYS A N     1 
ATOM   1113 C  CA    . LYS C 3 83 ? 3.160   8.209   19.698  1.00 9.82  ? 183 LYS A CA    1 
ATOM   1114 C  C     . LYS C 3 83 ? 2.604   7.622   21.000  1.00 9.75  ? 183 LYS A C     1 
ATOM   1115 O  O     . LYS C 3 83 ? 2.156   8.371   21.874  1.00 9.69  ? 183 LYS A O     1 
ATOM   1116 C  CB    . LYS C 3 83 ? 2.031   8.816   18.849  1.00 9.13  ? 183 LYS A CB    1 
ATOM   1117 C  CG    . LYS C 3 83 ? 1.075   7.825   18.206  1.00 10.79 ? 183 LYS A CG    1 
ATOM   1118 C  CD    . LYS C 3 83 ? -0.139  8.539   17.600  1.00 12.23 ? 183 LYS A CD    1 
ATOM   1119 C  CE    . LYS C 3 83 ? -1.007  7.600   16.762  1.00 14.56 ? 183 LYS A CE    1 
ATOM   1120 N  NZ    . LYS C 3 83 ? -1.414  6.375   17.524  1.00 14.20 ? 183 LYS A NZ    1 
ATOM   1121 N  N     . ILE C 3 84 ? 2.645   6.300   21.161  1.00 9.30  ? 184 ILE A N     1 
ATOM   1122 C  CA    . ILE C 3 84 ? 2.130   5.725   22.397  1.00 9.68  ? 184 ILE A CA    1 
ATOM   1123 C  C     . ILE C 3 84 ? 3.061   6.037   23.573  1.00 10.33 ? 184 ILE A C     1 
ATOM   1124 O  O     . ILE C 3 84 ? 2.664   5.925   24.736  1.00 10.70 ? 184 ILE A O     1 
ATOM   1125 C  CB    . ILE C 3 84 ? 1.871   4.190   22.298  1.00 10.63 ? 184 ILE A CB    1 
ATOM   1126 C  CG1   . ILE C 3 84 ? 3.186   3.396   22.325  1.00 9.51  ? 184 ILE A CG1   1 
ATOM   1127 C  CG2   . ILE C 3 84 ? 1.017   3.878   21.071  1.00 9.28  ? 184 ILE A CG2   1 
ATOM   1128 C  CD1   . ILE C 3 84 ? 2.973   1.899   22.376  1.00 10.21 ? 184 ILE A CD1   1 
ATOM   1129 N  N     . HIS C 3 85 ? 4.279   6.483   23.259  1.00 9.90  ? 185 HIS A N     1 
ATOM   1130 C  CA    . HIS C 3 85 ? 5.276   6.825   24.272  1.00 10.83 ? 185 HIS A CA    1 
ATOM   1131 C  C     . HIS C 3 85 ? 5.093   8.230   24.811  1.00 12.81 ? 185 HIS A C     1 
ATOM   1132 O  O     . HIS C 3 85 ? 5.847   8.688   25.685  1.00 14.18 ? 185 HIS A O     1 
ATOM   1133 C  CB    . HIS C 3 85 ? 6.691   6.659   23.721  1.00 10.59 ? 185 HIS A CB    1 
ATOM   1134 C  CG    . HIS C 3 85 ? 7.035   5.244   23.365  1.00 9.80  ? 185 HIS A CG    1 
ATOM   1135 N  ND1   . HIS C 3 85 ? 7.074   4.225   24.295  1.00 9.98  ? 185 HIS A ND1   1 
ATOM   1136 C  CD2   . HIS C 3 85 ? 7.370   4.678   22.181  1.00 8.86  ? 185 HIS A CD2   1 
ATOM   1137 C  CE1   . HIS C 3 85 ? 7.419   3.097   23.701  1.00 9.37  ? 185 HIS A CE1   1 
ATOM   1138 N  NE2   . HIS C 3 85 ? 7.606   3.345   22.416  1.00 7.87  ? 185 HIS A NE2   1 
ATOM   1139 N  N     . LEU C 3 86 ? 4.122   8.966   24.259  1.00 14.18 ? 186 LEU A N     1 
ATOM   1140 C  CA    . LEU C 3 86 ? 3.831   10.307  24.715  1.00 16.07 ? 186 LEU A CA    1 
ATOM   1141 C  C     . LEU C 3 86 ? 3.179   10.135  26.102  1.00 19.42 ? 186 LEU A C     1 
ATOM   1142 O  O     . LEU C 3 86 ? 2.726   9.051   26.460  1.00 19.82 ? 186 LEU A O     1 
ATOM   1143 C  CB    . LEU C 3 86 ? 2.920   11.067  23.731  1.00 13.72 ? 186 LEU A CB    1 
ATOM   1144 C  CG    . LEU C 3 86 ? 3.538   11.382  22.354  1.00 13.20 ? 186 LEU A CG    1 
ATOM   1145 C  CD1   . LEU C 3 86 ? 2.516   12.185  21.570  1.00 13.82 ? 186 LEU A CD1   1 
ATOM   1146 C  CD2   . LEU C 3 86 ? 4.861   12.159  22.474  1.00 13.14 ? 186 LEU A CD2   1 
ATOM   1147 N  N     . ARG C 3 87 ? 3.060   11.249  26.796  1.00 21.79 ? 187 ARG A N     1 
ATOM   1148 C  CA    . ARG C 3 87 ? 2.550   11.181  28.167  1.00 25.14 ? 187 ARG A CA    1 
ATOM   1149 C  C     . ARG C 3 87 ? 1.188   10.505  28.360  1.00 26.02 ? 187 ARG A C     1 
ATOM   1150 O  O     . ARG C 3 87 ? 0.120   11.027  28.003  1.00 28.87 ? 187 ARG A O     1 
ATOM   1151 C  CB    . ARG C 3 87 ? 2.650   12.534  28.905  1.00 27.37 ? 187 ARG A CB    1 
ATOM   1152 C  CG    . ARG C 3 87 ? 1.534   13.454  28.571  1.00 30.94 ? 187 ARG A CG    1 
ATOM   1153 C  CD    . ARG C 3 87 ? 1.740   14.769  29.315  1.00 34.54 ? 187 ARG A CD    1 
ATOM   1154 N  NE    . ARG C 3 87 ? 0.568   15.654  29.336  1.00 38.62 ? 187 ARG A NE    1 
ATOM   1155 C  CZ    . ARG C 3 87 ? -0.393  15.693  28.409  1.00 40.41 ? 187 ARG A CZ    1 
ATOM   1156 N  NH1   . ARG C 3 87 ? -0.355  14.895  27.351  1.00 41.67 ? 187 ARG A NH1   1 
ATOM   1157 N  NH2   . ARG C 3 87 ? -1.410  16.542  28.533  1.00 42.42 ? 187 ARG A NH2   1 
HETATM 1158 ZN ZN    . ZN  D 4 .  ? -13.213 5.307   -10.615 1.00 15.85 ? 201 ZN  A ZN    1 
HETATM 1159 ZN ZN    . ZN  E 4 .  ? 1.993   -13.946 0.134   1.00 12.18 ? 202 ZN  A ZN    1 
HETATM 1160 ZN ZN    . ZN  F 4 .  ? 8.255   2.137   21.031  1.00 10.68 ? 203 ZN  A ZN    1 
HETATM 1161 O  O     . HOH G 5 .  ? 16.853  9.683   -6.733  1.00 19.02 ? 301 HOH B O     1 
HETATM 1162 O  O     . HOH G 5 .  ? 16.998  11.444  -4.420  1.00 42.57 ? 302 HOH B O     1 
HETATM 1163 O  O     . HOH G 5 .  ? 16.254  14.790  -4.309  1.00 38.04 ? 303 HOH B O     1 
HETATM 1164 O  O     . HOH G 5 .  ? 11.216  10.843  -3.193  1.00 33.23 ? 304 HOH B O     1 
HETATM 1165 O  O     . HOH G 5 .  ? 11.069  9.067   -5.535  1.00 18.03 ? 305 HOH B O     1 
HETATM 1166 O  O     . HOH G 5 .  ? 6.541   11.409  -3.979  1.00 13.23 ? 308 HOH B O     1 
HETATM 1167 O  O     . HOH G 5 .  ? 5.404   13.141  -2.241  1.00 19.80 ? 309 HOH B O     1 
HETATM 1168 O  O     . HOH G 5 .  ? 2.586   12.608  -1.677  1.00 15.33 ? 310 HOH B O     1 
HETATM 1169 O  O     . HOH G 5 .  ? -3.304  10.734  -0.371  1.00 15.38 ? 313 HOH B O     1 
HETATM 1170 O  O     . HOH G 5 .  ? -5.678  8.926   0.167   1.00 27.62 ? 314 HOH B O     1 
HETATM 1171 O  O     . HOH G 5 .  ? -6.938  6.506   0.412   1.00 23.24 ? 315 HOH B O     1 
HETATM 1172 O  O     . HOH G 5 .  ? -5.144  -8.829  7.800   1.00 26.67 ? 329 HOH B O     1 
HETATM 1173 O  O     . HOH G 5 .  ? -4.978  -6.465  6.667   1.00 17.22 ? 330 HOH B O     1 
HETATM 1174 O  O     . HOH G 5 .  ? -4.056  -8.497  10.369  1.00 19.45 ? 331 HOH B O     1 
HETATM 1175 O  O     . HOH G 5 .  ? -2.865  -10.677 11.887  1.00 38.43 ? 332 HOH B O     1 
HETATM 1176 O  O     . HOH G 5 .  ? -1.188  -12.339 10.320  1.00 37.97 ? 333 HOH B O     1 
HETATM 1177 O  O     . HOH G 5 .  ? -4.145  -10.741 6.330   1.00 23.82 ? 334 HOH B O     1 
HETATM 1178 O  O     . HOH G 5 .  ? -1.679  -10.914 4.937   1.00 16.34 ? 335 HOH B O     1 
HETATM 1179 O  O     . HOH G 5 .  ? -5.012  -8.769  -2.688  1.00 13.45 ? 344 HOH B O     1 
HETATM 1180 O  O     . HOH G 5 .  ? -7.067  -4.188  -4.882  1.00 12.97 ? 346 HOH B O     1 
HETATM 1181 O  O     . HOH G 5 .  ? -8.756  -5.699  -3.388  1.00 14.68 ? 347 HOH B O     1 
HETATM 1182 O  O     . HOH G 5 .  ? -10.382 -3.489  -2.307  1.00 30.81 ? 348 HOH B O     1 
HETATM 1183 O  O     . HOH G 5 .  ? -10.071 -1.881  -4.719  1.00 19.04 ? 349 HOH B O     1 
HETATM 1184 O  O     . HOH G 5 .  ? -11.655 0.150   -3.656  1.00 19.16 ? 350 HOH B O     1 
HETATM 1185 O  O     . HOH G 5 .  ? -12.634 2.711   -4.226  1.00 34.38 ? 351 HOH B O     1 
HETATM 1186 O  O     . HOH G 5 .  ? -11.901 5.142   -5.565  1.00 23.40 ? 352 HOH B O     1 
HETATM 1187 O  O     . HOH G 5 .  ? -10.920 6.931   -2.365  1.00 31.67 ? 353 HOH B O     1 
HETATM 1188 O  O     . HOH G 5 .  ? -8.269  11.498  -6.872  1.00 12.62 ? 354 HOH B O     1 
HETATM 1189 O  O     . HOH G 5 .  ? 1.618   0.810   2.738   1.00 12.30 ? 407 HOH B O     1 
HETATM 1190 O  O     . HOH G 5 .  ? 4.122   11.527  -10.143 1.00 26.60 ? 440 HOH B O     1 
HETATM 1191 O  O     . HOH G 5 .  ? 6.307   12.599  -12.575 1.00 19.96 ? 441 HOH B O     1 
HETATM 1192 O  O     . HOH G 5 .  ? -3.578  16.202  -7.081  1.00 10.16 ? 452 HOH B O     1 
HETATM 1193 O  O     . HOH G 5 .  ? -4.810  13.905  -8.169  1.00 11.96 ? 453 HOH B O     1 
HETATM 1194 O  O     . HOH G 5 .  ? -5.490  4.970   -6.630  1.00 13.62 ? 457 HOH B O     1 
HETATM 1195 O  O     . HOH G 5 .  ? -6.839  -1.456  -7.597  1.00 12.28 ? 460 HOH B O     1 
HETATM 1196 O  O     . HOH G 5 .  ? -9.350  -6.611  0.857   1.00 19.50 ? 463 HOH B O     1 
HETATM 1197 O  O     . HOH G 5 .  ? -8.074  -3.020  3.509   1.00 26.52 ? 466 HOH B O     1 
HETATM 1198 O  O     . HOH G 5 .  ? -0.109  1.423   10.320  1.00 10.45 ? 470 HOH B O     1 
HETATM 1199 O  O     . HOH G 5 .  ? 1.265   -1.845  15.219  1.00 12.81 ? 472 HOH B O     1 
HETATM 1200 O  O     . HOH G 5 .  ? 5.389   -5.917  14.258  1.00 21.09 ? 474 HOH B O     1 
HETATM 1201 O  O     . HOH G 5 .  ? -3.699  2.621   17.135  1.00 14.23 ? 496 HOH B O     1 
HETATM 1202 O  O     . HOH G 5 .  ? -6.277  2.411   15.529  1.00 26.24 ? 498 HOH B O     1 
HETATM 1203 O  O     . HOH G 5 .  ? 4.904   -7.759  10.344  1.00 30.68 ? 501 HOH B O     1 
HETATM 1204 O  O     . HOH G 5 .  ? -2.588  -4.544  -1.119  1.00 6.43  ? 537 HOH B O     1 
HETATM 1205 O  O     . HOH G 5 .  ? -7.108  13.462  -2.046  1.00 33.74 ? 543 HOH B O     1 
HETATM 1206 O  O     . HOH G 5 .  ? 5.833   16.182  -2.510  1.00 32.20 ? 544 HOH B O     1 
HETATM 1207 O  O     . HOH G 5 .  ? 11.966  15.384  -9.423  1.00 18.91 ? 545 HOH B O     1 
HETATM 1208 O  O     . HOH G 5 .  ? 9.762   14.523  -10.672 1.00 24.76 ? 546 HOH B O     1 
HETATM 1209 O  O     . HOH G 5 .  ? 16.702  10.818  -11.232 1.00 7.86  ? 547 HOH B O     1 
HETATM 1210 O  O     . HOH G 5 .  ? 12.544  6.571   -8.659  1.00 19.78 ? 548 HOH B O     1 
HETATM 1211 O  O     . HOH G 5 .  ? -14.074 6.946   -4.814  1.00 39.93 ? 551 HOH B O     1 
HETATM 1212 O  O     . HOH H 5 .  ? 8.838   8.428   -3.650  1.00 24.25 ? 306 HOH C O     1 
HETATM 1213 O  O     . HOH H 5 .  ? 7.610   10.004  -1.896  1.00 21.13 ? 307 HOH C O     1 
HETATM 1214 O  O     . HOH H 5 .  ? 2.513   11.779  1.229   1.00 16.53 ? 311 HOH C O     1 
HETATM 1215 O  O     . HOH H 5 .  ? -2.817  10.401  2.449   1.00 14.46 ? 312 HOH C O     1 
HETATM 1216 O  O     . HOH H 5 .  ? -6.430  6.472   3.203   1.00 17.95 ? 316 HOH C O     1 
HETATM 1217 O  O     . HOH H 5 .  ? -8.432  12.562  6.591   1.00 37.76 ? 317 HOH C O     1 
HETATM 1218 O  O     . HOH H 5 .  ? -5.907  7.132   10.554  1.00 38.00 ? 318 HOH C O     1 
HETATM 1219 O  O     . HOH H 5 .  ? -7.217  3.833   11.179  1.00 24.18 ? 319 HOH C O     1 
HETATM 1220 O  O     . HOH H 5 .  ? -7.990  1.885   13.259  1.00 23.62 ? 320 HOH C O     1 
HETATM 1221 O  O     . HOH H 5 .  ? -10.660 2.117   13.583  1.00 26.34 ? 321 HOH C O     1 
HETATM 1222 O  O     . HOH H 5 .  ? -11.767 2.039   11.113  1.00 23.53 ? 322 HOH C O     1 
HETATM 1223 O  O     . HOH H 5 .  ? -13.363 -0.683  11.784  1.00 19.97 ? 323 HOH C O     1 
HETATM 1224 O  O     . HOH H 5 .  ? -15.591 -6.730  10.358  1.00 43.55 ? 324 HOH C O     1 
HETATM 1225 O  O     . HOH H 5 .  ? -15.023 -6.966  7.704   1.00 30.56 ? 325 HOH C O     1 
HETATM 1226 O  O     . HOH H 5 .  ? -18.253 -6.721  10.567  1.00 33.23 ? 326 HOH C O     1 
HETATM 1227 O  O     . HOH H 5 .  ? -8.877  -6.236  7.776   1.00 20.51 ? 327 HOH C O     1 
HETATM 1228 O  O     . HOH H 5 .  ? -7.788  -8.938  8.986   1.00 36.06 ? 328 HOH C O     1 
HETATM 1229 O  O     . HOH H 5 .  ? -0.761  6.092   -17.779 1.00 16.71 ? 366 HOH C O     1 
HETATM 1230 O  O     . HOH H 5 .  ? 0.429   2.594   -15.991 1.00 18.06 ? 367 HOH C O     1 
HETATM 1231 O  O     . HOH H 5 .  ? 1.782   2.672   -7.133  1.00 10.14 ? 371 HOH C O     1 
HETATM 1232 O  O     . HOH H 5 .  ? 3.492   0.430   -6.737  1.00 9.40  ? 372 HOH C O     1 
HETATM 1233 O  O     . HOH H 5 .  ? 3.728   -0.915  -11.820 1.00 13.87 ? 374 HOH C O     1 
HETATM 1234 O  O     . HOH H 5 .  ? 2.230   1.038   -12.868 1.00 11.26 ? 375 HOH C O     1 
HETATM 1235 O  O     . HOH H 5 .  ? 3.510   -2.494  -14.315 1.00 22.47 ? 376 HOH C O     1 
HETATM 1236 O  O     . HOH H 5 .  ? 5.778   -4.148  -13.889 1.00 20.19 ? 377 HOH C O     1 
HETATM 1237 O  O     . HOH H 5 .  ? 6.954   -4.233  -16.694 1.00 32.97 ? 378 HOH C O     1 
HETATM 1238 O  O     . HOH H 5 .  ? 11.321  -2.588  -15.055 1.00 30.73 ? 379 HOH C O     1 
HETATM 1239 O  O     . HOH H 5 .  ? 11.837  -3.850  -10.858 1.00 32.54 ? 380 HOH C O     1 
HETATM 1240 O  O     . HOH H 5 .  ? 9.977   -4.133  -8.771  1.00 26.48 ? 381 HOH C O     1 
HETATM 1241 O  O     . HOH H 5 .  ? 11.177  -6.272  -7.337  1.00 30.18 ? 382 HOH C O     1 
HETATM 1242 O  O     . HOH H 5 .  ? 9.705   -4.783  -5.548  1.00 19.01 ? 383 HOH C O     1 
HETATM 1243 O  O     . HOH H 5 .  ? 7.423   -4.817  -10.013 1.00 18.78 ? 386 HOH C O     1 
HETATM 1244 O  O     . HOH H 5 .  ? 9.062   -7.950  -8.149  1.00 35.63 ? 387 HOH C O     1 
HETATM 1245 O  O     . HOH H 5 .  ? 11.270  -1.869  0.195   1.00 38.91 ? 396 HOH C O     1 
HETATM 1246 O  O     . HOH H 5 .  ? 10.994  -2.341  -2.501  1.00 20.81 ? 397 HOH C O     1 
HETATM 1247 O  O     . HOH H 5 .  ? 8.427   0.385   0.475   1.00 13.34 ? 400 HOH C O     1 
HETATM 1248 O  O     . HOH H 5 .  ? 5.836   3.082   3.344   1.00 13.17 ? 403 HOH C O     1 
HETATM 1249 O  O     . HOH H 5 .  ? 6.424   2.455   0.698   1.00 11.54 ? 404 HOH C O     1 
HETATM 1250 O  O     . HOH H 5 .  ? 0.619   6.723   8.035   1.00 15.83 ? 411 HOH C O     1 
HETATM 1251 O  O     . HOH H 5 .  ? -1.175  9.038   9.343   1.00 36.10 ? 414 HOH C O     1 
HETATM 1252 O  O     . HOH H 5 .  ? 1.853   12.496  9.322   1.00 23.15 ? 415 HOH C O     1 
HETATM 1253 O  O     . HOH H 5 .  ? 3.467   14.752  7.323   1.00 34.06 ? 416 HOH C O     1 
HETATM 1254 O  O     . HOH H 5 .  ? 8.149   13.415  6.031   1.00 32.48 ? 417 HOH C O     1 
HETATM 1255 O  O     . HOH H 5 .  ? 9.683   11.240  5.366   1.00 24.59 ? 418 HOH C O     1 
HETATM 1256 O  O     . HOH H 5 .  ? 11.826  10.335  3.004   1.00 35.52 ? 419 HOH C O     1 
HETATM 1257 O  O     . HOH H 5 .  ? 11.917  7.657   3.516   1.00 19.62 ? 420 HOH C O     1 
HETATM 1258 O  O     . HOH H 5 .  ? 10.006  9.223   -0.350  1.00 36.64 ? 421 HOH C O     1 
HETATM 1259 O  O     . HOH H 5 .  ? 11.479  5.798   -2.848  1.00 19.32 ? 422 HOH C O     1 
HETATM 1260 O  O     . HOH H 5 .  ? 9.753   5.926   -4.915  1.00 25.76 ? 423 HOH C O     1 
HETATM 1261 O  O     . HOH H 5 .  ? 11.234  4.621   -6.971  1.00 21.72 ? 424 HOH C O     1 
HETATM 1262 O  O     . HOH H 5 .  ? 13.382  4.313   -5.469  1.00 30.24 ? 425 HOH C O     1 
HETATM 1263 O  O     . HOH H 5 .  ? 13.895  3.995   -2.688  1.00 35.13 ? 426 HOH C O     1 
HETATM 1264 O  O     . HOH H 5 .  ? 14.671  0.502   -3.094  1.00 27.44 ? 427 HOH C O     1 
HETATM 1265 O  O     . HOH H 5 .  ? 13.544  -1.994  -3.945  1.00 21.84 ? 428 HOH C O     1 
HETATM 1266 O  O     . HOH H 5 .  ? 14.248  0.003   -7.671  1.00 34.39 ? 429 HOH C O     1 
HETATM 1267 O  O     . HOH H 5 .  ? 12.447  2.691   -8.534  1.00 34.24 ? 430 HOH C O     1 
HETATM 1268 O  O     . HOH H 5 .  ? 12.321  3.292   -11.265 1.00 27.98 ? 431 HOH C O     1 
HETATM 1269 O  O     . HOH H 5 .  ? 10.867  2.372   -13.313 1.00 26.66 ? 432 HOH C O     1 
HETATM 1270 O  O     . HOH H 5 .  ? 11.248  3.951   -15.666 1.00 23.96 ? 433 HOH C O     1 
HETATM 1271 O  O     . HOH H 5 .  ? 8.996   3.077   -16.861 1.00 30.49 ? 434 HOH C O     1 
HETATM 1272 O  O     . HOH H 5 .  ? 2.813   5.515   -14.609 1.00 14.06 ? 435 HOH C O     1 
HETATM 1273 O  O     . HOH H 5 .  ? 3.446   7.542   -12.838 1.00 15.13 ? 436 HOH C O     1 
HETATM 1274 O  O     . HOH H 5 .  ? 2.532   5.577   -10.985 1.00 10.56 ? 437 HOH C O     1 
HETATM 1275 O  O     . HOH H 5 .  ? 5.014   11.458  -14.773 1.00 23.84 ? 442 HOH C O     1 
HETATM 1276 O  O     . HOH H 5 .  ? -9.375  -2.744  6.122   1.00 28.59 ? 467 HOH C O     1 
HETATM 1277 O  O     . HOH H 5 .  ? -4.393  2.637   11.739  1.00 14.05 ? 468 HOH C O     1 
HETATM 1278 O  O     . HOH H 5 .  ? -1.728  3.783   10.243  1.00 18.03 ? 469 HOH C O     1 
HETATM 1279 O  O     . HOH H 5 .  ? 11.434  0.871   2.318   1.00 37.22 ? 513 HOH C O     1 
HETATM 1280 O  O     . HOH H 5 .  ? 0.652   -1.662  -16.811 1.00 33.80 ? 517 HOH C O     1 
HETATM 1281 O  O     . HOH H 5 .  ? 7.187   8.953   8.042   1.00 13.65 ? 549 HOH C O     1 
HETATM 1282 O  O     . HOH H 5 .  ? 4.009   -1.770  -19.297 1.00 35.52 ? 552 HOH C O     1 
HETATM 1283 O  O     . HOH I 5 .  ? -2.776  -12.261 2.680   1.00 22.74 ? 336 HOH A O     1 
HETATM 1284 O  O     . HOH I 5 .  ? -1.860  -14.880 1.812   1.00 22.52 ? 337 HOH A O     1 
HETATM 1285 O  O     . HOH I 5 .  ? -0.716  -15.333 4.440   1.00 25.88 ? 338 HOH A O     1 
HETATM 1286 O  O     . HOH I 5 .  ? 2.514   -18.415 3.227   1.00 28.78 ? 339 HOH A O     1 
HETATM 1287 O  O     . HOH I 5 .  ? 2.762   -20.532 1.323   1.00 33.49 ? 340 HOH A O     1 
HETATM 1288 O  O     . HOH I 5 .  ? -1.584  -19.916 -0.303  1.00 36.83 ? 341 HOH A O     1 
HETATM 1289 O  O     . HOH I 5 .  ? -3.626  -17.147 -2.424  1.00 24.39 ? 342 HOH A O     1 
HETATM 1290 O  O     . HOH I 5 .  ? -5.517  -13.096 -5.139  1.00 15.68 ? 343 HOH A O     1 
HETATM 1291 O  O     . HOH I 5 .  ? -4.686  -5.454  -4.249  1.00 9.75  ? 345 HOH A O     1 
HETATM 1292 O  O     . HOH I 5 .  ? -11.621 13.385  -6.942  1.00 21.07 ? 355 HOH A O     1 
HETATM 1293 O  O     . HOH I 5 .  ? -15.271 11.374  -12.069 1.00 17.49 ? 356 HOH A O     1 
HETATM 1294 O  O     . HOH I 5 .  ? -16.969 10.930  -14.110 1.00 31.94 ? 357 HOH A O     1 
HETATM 1295 O  O     . HOH I 5 .  ? -17.293 8.446   -13.682 1.00 15.54 ? 358 HOH A O     1 
HETATM 1296 O  O     . HOH I 5 .  ? -19.638 9.250   -12.578 1.00 33.82 ? 359 HOH A O     1 
HETATM 1297 O  O     . HOH I 5 .  ? -16.044 14.138  -12.094 1.00 29.26 ? 360 HOH A O     1 
HETATM 1298 O  O     . HOH I 5 .  ? -11.381 13.467  -18.176 1.00 25.39 ? 361 HOH A O     1 
HETATM 1299 O  O     . HOH I 5 .  ? -11.433 10.446  -18.440 1.00 25.64 ? 362 HOH A O     1 
HETATM 1300 O  O     . HOH I 5 .  ? -5.203  7.688   -18.013 1.00 22.19 ? 363 HOH A O     1 
HETATM 1301 O  O     . HOH I 5 .  ? -2.659  8.350   -20.787 1.00 41.25 ? 364 HOH A O     1 
HETATM 1302 O  O     . HOH I 5 .  ? -0.954  8.708   -18.678 1.00 19.28 ? 365 HOH A O     1 
HETATM 1303 O  O     . HOH I 5 .  ? -0.135  4.335   -13.728 1.00 12.53 ? 368 HOH A O     1 
HETATM 1304 O  O     . HOH I 5 .  ? 1.149   3.211   -11.534 1.00 10.05 ? 369 HOH A O     1 
HETATM 1305 O  O     . HOH I 5 .  ? 1.039   1.374   -9.560  1.00 10.19 ? 370 HOH A O     1 
HETATM 1306 O  O     . HOH I 5 .  ? 2.631   -0.953  -9.205  1.00 7.76  ? 373 HOH A O     1 
HETATM 1307 O  O     . HOH I 5 .  ? 7.001   -5.688  -5.712  1.00 10.56 ? 384 HOH A O     1 
HETATM 1308 O  O     . HOH I 5 .  ? 6.152   -6.505  -8.210  1.00 19.69 ? 385 HOH A O     1 
HETATM 1309 O  O     . HOH I 5 .  ? 7.952   -10.248 -5.898  1.00 35.78 ? 388 HOH A O     1 
HETATM 1310 O  O     . HOH I 5 .  ? 8.023   -7.811  -4.252  1.00 17.77 ? 389 HOH A O     1 
HETATM 1311 O  O     . HOH I 5 .  ? 9.727   -8.039  -1.961  1.00 18.78 ? 390 HOH A O     1 
HETATM 1312 O  O     . HOH I 5 .  ? 9.396   -7.812  0.739   1.00 11.24 ? 391 HOH A O     1 
HETATM 1313 O  O     . HOH I 5 .  ? 11.432  -5.915  1.398   1.00 11.60 ? 392 HOH A O     1 
HETATM 1314 O  O     . HOH I 5 .  ? 10.830  -9.585  2.814   1.00 22.92 ? 393 HOH A O     1 
HETATM 1315 O  O     . HOH I 5 .  ? 13.949  -3.512  3.445   1.00 21.58 ? 394 HOH A O     1 
HETATM 1316 O  O     . HOH I 5 .  ? 13.912  -2.496  0.908   1.00 27.10 ? 395 HOH A O     1 
HETATM 1317 O  O     . HOH I 5 .  ? 8.408   -2.061  -3.408  1.00 10.75 ? 398 HOH A O     1 
HETATM 1318 O  O     . HOH I 5 .  ? 6.964   -1.038  -1.317  1.00 13.26 ? 399 HOH A O     1 
HETATM 1319 O  O     . HOH I 5 .  ? 8.919   -0.084  3.251   1.00 14.69 ? 401 HOH A O     1 
HETATM 1320 O  O     . HOH I 5 .  ? 6.944   0.930   4.923   1.00 11.94 ? 402 HOH A O     1 
HETATM 1321 O  O     . HOH I 5 .  ? 3.615   1.930   -0.272  1.00 10.46 ? 405 HOH A O     1 
HETATM 1322 O  O     . HOH I 5 .  ? 2.933   -0.859  0.919   1.00 7.91  ? 406 HOH A O     1 
HETATM 1323 O  O     . HOH I 5 .  ? 3.138   2.823   4.037   1.00 10.95 ? 408 HOH A O     1 
HETATM 1324 O  O     . HOH I 5 .  ? 5.407   6.419   7.484   1.00 16.17 ? 409 HOH A O     1 
HETATM 1325 O  O     . HOH I 5 .  ? 3.174   7.866   7.227   1.00 13.46 ? 410 HOH A O     1 
HETATM 1326 O  O     . HOH I 5 .  ? 0.756   5.620   10.679  1.00 14.98 ? 412 HOH A O     1 
HETATM 1327 O  O     . HOH I 5 .  ? -0.192  7.339   12.607  1.00 15.13 ? 413 HOH A O     1 
HETATM 1328 O  O     . HOH I 5 .  ? 0.055   6.485   -9.815  1.00 10.24 ? 438 HOH A O     1 
HETATM 1329 O  O     . HOH I 5 .  ? 2.055   10.013  -11.336 1.00 26.70 ? 439 HOH A O     1 
HETATM 1330 O  O     . HOH I 5 .  ? 2.183   11.479  -14.042 1.00 28.20 ? 443 HOH A O     1 
HETATM 1331 O  O     . HOH I 5 .  ? 0.441   11.291  -16.000 1.00 13.06 ? 444 HOH A O     1 
HETATM 1332 O  O     . HOH I 5 .  ? -1.023  13.824  -16.663 1.00 15.02 ? 445 HOH A O     1 
HETATM 1333 O  O     . HOH I 5 .  ? -0.255  14.049  -19.430 1.00 29.67 ? 446 HOH A O     1 
HETATM 1334 O  O     . HOH I 5 .  ? -2.826  12.597  -20.325 1.00 22.59 ? 447 HOH A O     1 
HETATM 1335 O  O     . HOH I 5 .  ? -5.143  10.999  -20.963 1.00 28.71 ? 448 HOH A O     1 
HETATM 1336 O  O     . HOH I 5 .  ? -4.515  14.696  -21.976 1.00 44.98 ? 449 HOH A O     1 
HETATM 1337 O  O     . HOH I 5 .  ? -3.314  18.718  -14.186 1.00 25.52 ? 450 HOH A O     1 
HETATM 1338 O  O     . HOH I 5 .  ? -5.250  19.651  -11.189 1.00 35.50 ? 451 HOH A O     1 
HETATM 1339 O  O     . HOH I 5 .  ? -3.150  12.839  -10.061 1.00 12.31 ? 454 HOH A O     1 
HETATM 1340 O  O     . HOH I 5 .  ? -2.928  10.769  -7.135  1.00 18.61 ? 455 HOH A O     1 
HETATM 1341 O  O     . HOH I 5 .  ? -4.027  6.575   -8.247  1.00 8.47  ? 456 HOH A O     1 
HETATM 1342 O  O     . HOH I 5 .  ? -4.415  2.300   -6.064  1.00 8.51  ? 458 HOH A O     1 
HETATM 1343 O  O     . HOH I 5 .  ? -4.726  0.359   -8.035  1.00 13.16 ? 459 HOH A O     1 
HETATM 1344 O  O     . HOH I 5 .  ? -7.375  -4.084  -8.653  1.00 16.30 ? 461 HOH A O     1 
HETATM 1345 O  O     . HOH I 5 .  ? -11.207 -3.618  -6.539  1.00 25.95 ? 462 HOH A O     1 
HETATM 1346 O  O     . HOH I 5 .  ? -8.304  -8.912  2.236   1.00 28.38 ? 464 HOH A O     1 
HETATM 1347 O  O     . HOH I 5 .  ? -6.191  -10.360 4.256   1.00 27.66 ? 465 HOH A O     1 
HETATM 1348 O  O     . HOH I 5 .  ? 1.576   0.905   15.026  1.00 13.14 ? 471 HOH A O     1 
HETATM 1349 O  O     . HOH I 5 .  ? 1.804   -4.057  13.719  1.00 16.56 ? 473 HOH A O     1 
HETATM 1350 O  O     . HOH I 5 .  ? 6.585   -5.473  16.677  1.00 29.61 ? 475 HOH A O     1 
HETATM 1351 O  O     . HOH I 5 .  ? 10.852  -5.953  17.790  1.00 18.63 ? 476 HOH A O     1 
HETATM 1352 O  O     . HOH I 5 .  ? 11.877  -3.896  21.686  1.00 34.06 ? 477 HOH A O     1 
HETATM 1353 O  O     . HOH I 5 .  ? 15.347  -2.986  17.708  1.00 13.32 ? 478 HOH A O     1 
HETATM 1354 O  O     . HOH I 5 .  ? 16.119  1.345   17.741  1.00 13.58 ? 479 HOH A O     1 
HETATM 1355 O  O     . HOH I 5 .  ? 15.108  3.336   15.971  1.00 9.52  ? 480 HOH A O     1 
HETATM 1356 O  O     . HOH I 5 .  ? 12.679  3.920   12.714  1.00 20.18 ? 481 HOH A O     1 
HETATM 1357 O  O     . HOH I 5 .  ? 11.311  6.889   13.919  0.5  22.35 ? 482 HOH A O     1 
HETATM 1358 O  O     . HOH I 5 .  ? 10.363  5.984   16.491  1.00 7.50  ? 483 HOH A O     1 
HETATM 1359 O  O     . HOH I 5 .  ? 15.586  7.698   21.601  1.00 15.38 ? 484 HOH A O     1 
HETATM 1360 O  O     . HOH I 5 .  ? 10.900  -11.071 -2.131  1.00 27.41 ? 485 HOH A O     1 
HETATM 1361 O  O     . HOH I 5 .  ? 12.040  -11.120 0.364   1.00 30.07 ? 486 HOH A O     1 
HETATM 1362 O  O     . HOH I 5 .  ? 14.329  -9.636  0.229   1.00 25.50 ? 487 HOH A O     1 
HETATM 1363 O  O     . HOH I 5 .  ? 6.022   4.343   26.919  1.00 14.67 ? 488 HOH A O     1 
HETATM 1364 O  O     . HOH I 5 .  ? 6.253   10.251  27.951  1.00 11.08 ? 489 HOH A O     1 
HETATM 1365 O  O     . HOH I 5 .  ? 0.186   8.035   25.876  1.00 28.98 ? 490 HOH A O     1 
HETATM 1366 O  O     . HOH I 5 .  ? -0.348  8.753   22.053  1.00 22.77 ? 491 HOH A O     1 
HETATM 1367 O  O     . HOH I 5 .  ? -1.116  11.230  22.878  1.00 21.65 ? 492 HOH A O     1 
HETATM 1368 O  O     . HOH I 5 .  ? -1.877  7.167   20.128  1.00 21.09 ? 493 HOH A O     1 
HETATM 1369 O  O     . HOH I 5 .  ? -1.265  3.399   18.422  1.00 12.23 ? 494 HOH A O     1 
HETATM 1370 O  O     . HOH I 5 .  ? 0.508   1.365   17.721  1.00 11.83 ? 495 HOH A O     1 
HETATM 1371 O  O     . HOH I 5 .  ? -3.866  5.409   16.413  1.00 19.09 ? 497 HOH A O     1 
HETATM 1372 O  O     . HOH I 5 .  ? 4.970   -1.874  22.272  1.00 23.27 ? 499 HOH A O     1 
HETATM 1373 O  O     . HOH I 5 .  ? 4.976   -5.315  11.517  1.00 12.02 ? 500 HOH A O     1 
HETATM 1374 O  O     . HOH I 5 .  ? 7.171   -8.757  9.145   1.00 15.52 ? 502 HOH A O     1 
HETATM 1375 O  O     . HOH I 5 .  ? 10.431  -10.714 12.542  1.00 25.76 ? 503 HOH A O     1 
HETATM 1376 O  O     . HOH I 5 .  ? 10.876  -13.527 11.777  1.00 35.14 ? 504 HOH A O     1 
HETATM 1377 O  O     . HOH I 5 .  ? 13.911  -7.653  10.585  1.00 21.46 ? 505 HOH A O     1 
HETATM 1378 O  O     . HOH I 5 .  ? 15.220  -3.713  11.978  1.00 27.00 ? 506 HOH A O     1 
HETATM 1379 O  O     . HOH I 5 .  ? 14.949  0.888   11.884  1.00 20.25 ? 507 HOH A O     1 
HETATM 1380 O  O     . HOH I 5 .  ? 16.907  2.732   12.028  1.00 22.19 ? 508 HOH A O     1 
HETATM 1381 O  O     . HOH I 5 .  ? 15.220  3.556   8.004   1.00 26.71 ? 509 HOH A O     1 
HETATM 1382 O  O     . HOH I 5 .  ? 14.790  0.895   7.871   1.00 16.62 ? 510 HOH A O     1 
HETATM 1383 O  O     . HOH I 5 .  ? 14.627  0.181   5.248   1.00 27.24 ? 511 HOH A O     1 
HETATM 1384 O  O     . HOH I 5 .  ? 12.391  -1.140  3.926   1.00 21.95 ? 512 HOH A O     1 
HETATM 1385 O  O     . HOH I 5 .  ? 10.978  -5.431  -3.129  1.00 32.57 ? 514 HOH A O     1 
HETATM 1386 O  O     . HOH I 5 .  ? 7.421   -1.186  -5.895  1.00 9.66  ? 515 HOH A O     1 
HETATM 1387 O  O     . HOH I 5 .  ? 5.972   -1.158  -10.226 1.00 10.49 ? 516 HOH A O     1 
HETATM 1388 O  O     . HOH I 5 .  ? -0.975  0.129   -15.458 1.00 20.44 ? 518 HOH A O     1 
HETATM 1389 O  O     . HOH I 5 .  ? -6.643  -2.102  -15.459 1.00 19.93 ? 519 HOH A O     1 
HETATM 1390 O  O     . HOH I 5 .  ? -5.723  -9.572  -12.412 1.00 24.07 ? 520 HOH A O     1 
HETATM 1391 O  O     . HOH I 5 .  ? -4.305  -11.332 -10.801 1.00 41.53 ? 521 HOH A O     1 
HETATM 1392 O  O     . HOH I 5 .  ? -0.994  -11.204 -10.409 1.00 23.84 ? 522 HOH A O     1 
HETATM 1393 O  O     . HOH I 5 .  ? 1.998   -14.913 -11.654 1.00 26.21 ? 523 HOH A O     1 
HETATM 1394 O  O     . HOH I 5 .  ? 4.110   -16.555 -8.104  1.00 27.09 ? 524 HOH A O     1 
HETATM 1395 O  O     . HOH I 5 .  ? 5.297   -14.075 -8.149  1.00 20.46 ? 525 HOH A O     1 
HETATM 1396 O  O     . HOH I 5 .  ? 8.188   -13.377 -7.882  1.00 26.37 ? 526 HOH A O     1 
HETATM 1397 O  O     . HOH I 5 .  ? 6.695   -12.738 -4.926  1.00 21.22 ? 527 HOH A O     1 
HETATM 1398 O  O     . HOH I 5 .  ? 9.198   -12.861 -3.204  1.00 24.80 ? 528 HOH A O     1 
HETATM 1399 O  O     . HOH I 5 .  ? 5.702   -10.990 -8.395  1.00 33.91 ? 529 HOH A O     1 
HETATM 1400 O  O     . HOH I 5 .  ? 7.374   -19.875 -4.748  1.00 17.34 ? 530 HOH A O     1 
HETATM 1401 O  O     . HOH I 5 .  ? 6.194   -17.546 6.924   1.00 13.87 ? 531 HOH A O     1 
HETATM 1402 O  O     . HOH I 5 .  ? 3.344   -16.414 6.475   1.00 20.62 ? 532 HOH A O     1 
HETATM 1403 O  O     . HOH I 5 .  ? 3.387   -5.318  5.767   1.00 11.11 ? 533 HOH A O     1 
HETATM 1404 O  O     . HOH I 5 .  ? 2.630   -5.291  8.403   1.00 9.87  ? 534 HOH A O     1 
HETATM 1405 O  O     . HOH I 5 .  ? 1.585   -4.367  3.870   1.00 9.06  ? 535 HOH A O     1 
HETATM 1406 O  O     . HOH I 5 .  ? -0.444  -5.469  0.540   1.00 8.79  ? 536 HOH A O     1 
HETATM 1407 O  O     . HOH I 5 .  ? -1.971  -3.534  -3.881  1.00 10.57 ? 538 HOH A O     1 
HETATM 1408 O  O     . HOH I 5 .  ? -15.623 4.599   -7.083  1.00 35.42 ? 539 HOH A O     1 
HETATM 1409 O  O     . HOH I 5 .  ? -17.855 3.344   -8.457  1.00 30.42 ? 540 HOH A O     1 
HETATM 1410 O  O     . HOH I 5 .  ? -19.934 0.488   -11.489 1.00 42.52 ? 541 HOH A O     1 
HETATM 1411 O  O     . HOH I 5 .  ? -20.746 2.326   -13.467 1.00 30.95 ? 542 HOH A O     1 
HETATM 1412 O  O     . HOH I 5 .  ? -13.855 12.352  -5.341  1.00 35.76 ? 550 HOH A O     1 
HETATM 1413 O  O     . HOH I 5 .  ? -3.472  -21.849 -0.847  1.00 36.17 ? 553 HOH A O     1 
HETATM 1414 O  O     . HOH I 5 .  ? 12.924  -5.491  -0.979  1.00 34.89 ? 554 HOH A O     1 
HETATM 1415 O  O     . HOH I 5 .  ? -6.940  -11.884 -9.432  1.00 29.15 ? 555 HOH A O     1 
# 
loop_
_pdbx_poly_seq_scheme.asym_id 
_pdbx_poly_seq_scheme.entity_id 
_pdbx_poly_seq_scheme.seq_id 
_pdbx_poly_seq_scheme.mon_id 
_pdbx_poly_seq_scheme.ndb_seq_num 
_pdbx_poly_seq_scheme.pdb_seq_num 
_pdbx_poly_seq_scheme.auth_seq_num 
_pdbx_poly_seq_scheme.pdb_mon_id 
_pdbx_poly_seq_scheme.auth_mon_id 
_pdbx_poly_seq_scheme.pdb_strand_id 
_pdbx_poly_seq_scheme.pdb_ins_code 
_pdbx_poly_seq_scheme.hetero 
A 1 1  DA  1  1   1   DA  A   B . n 
A 1 2  DG  2  2   2   DG  G   B . n 
A 1 3  DC  3  3   3   DC  C   B . n 
A 1 4  DG  4  4   4   DG  G   B . n 
A 1 5  DT  5  5   5   DT  T   B . n 
A 1 6  DG  6  6   6   DG  G   B . n 
A 1 7  DG  7  7   7   DG  G   B . n 
A 1 8  DG  8  8   8   DG  G   B . n 
A 1 9  DC  9  9   9   DC  C   B . n 
A 1 10 DA  10 10  10  DA  A   B . n 
A 1 11 DC  11 11  11  DC  C   B . n 
B 2 1  DT  1  51  51  DT  T   C . n 
B 2 2  DG  2  52  52  DG  G   C . n 
B 2 3  DT  3  53  53  DT  T   C . n 
B 2 4  DG  4  54  54  DG  G   C . n 
B 2 5  DC  5  55  55  DC  C   C . n 
B 2 6  DC  6  56  56  DC  C   C . n 
B 2 7  DC  7  57  57  DC  C   C . n 
B 2 8  DA  8  58  58  DA  A   C . n 
B 2 9  DC  9  59  59  DC  C   C . n 
B 2 10 DG  10 60  60  DG  G   C . n 
B 2 11 DC  11 61  61  DC  C   C . n 
C 3 1  MET 1  101 ?   ?   ?   A . n 
C 3 2  GLU 2  102 ?   ?   ?   A . n 
C 3 3  ARG 3  103 103 ARG ARG A . n 
C 3 4  PRO 4  104 104 PRO PRO A . n 
C 3 5  TYR 5  105 105 TYR TYR A . n 
C 3 6  ALA 6  106 106 ALA ALA A . n 
C 3 7  CYS 7  107 107 CYS CYS A . n 
C 3 8  PRO 8  108 108 PRO PRO A . n 
C 3 9  VAL 9  109 109 VAL VAL A . n 
C 3 10 GLU 10 110 110 GLU GLU A . n 
C 3 11 SER 11 111 111 SER SER A . n 
C 3 12 CYS 12 112 112 CYS CYS A . n 
C 3 13 ASP 13 113 113 ASP ASP A . n 
C 3 14 ARG 14 114 114 ARG ARG A . n 
C 3 15 ARG 15 115 115 ARG ARG A . n 
C 3 16 PHE 16 116 116 PHE PHE A . n 
C 3 17 SER 17 117 117 SER SER A . n 
C 3 18 ARG 18 118 118 ARG ARG A . n 
C 3 19 SER 19 119 119 SER SER A . n 
C 3 20 ALA 20 120 120 ALA ALA A . n 
C 3 21 ASP 21 121 121 ASP ASP A . n 
C 3 22 LEU 22 122 122 LEU LEU A . n 
C 3 23 THR 23 123 123 THR THR A . n 
C 3 24 ARG 24 124 124 ARG ARG A . n 
C 3 25 HIS 25 125 125 HIS HIS A . n 
C 3 26 ILE 26 126 126 ILE ILE A . n 
C 3 27 ARG 27 127 127 ARG ARG A . n 
C 3 28 ILE 28 128 128 ILE ILE A . n 
C 3 29 HIS 29 129 129 HIS HIS A . n 
C 3 30 THR 30 130 130 THR THR A . n 
C 3 31 GLY 31 131 131 GLY GLY A . n 
C 3 32 GLN 32 132 132 GLN GLN A . n 
C 3 33 LYS 33 133 133 LYS LYS A . n 
C 3 34 PRO 34 134 134 PRO PRO A . n 
C 3 35 PHE 35 135 135 PHE PHE A . n 
C 3 36 GLN 36 136 136 GLN GLN A . n 
C 3 37 CYS 37 137 137 CYS CYS A . n 
C 3 38 ARG 38 138 138 ARG ARG A . n 
C 3 39 ILE 39 139 139 ILE ILE A . n 
C 3 40 CYS 40 140 140 CYS CYS A . n 
C 3 41 MET 41 141 141 MET MET A . n 
C 3 42 ARG 42 142 142 ARG ARG A . n 
C 3 43 ASN 43 143 143 ASN ASN A . n 
C 3 44 PHE 44 144 144 PHE PHE A . n 
C 3 45 SER 45 145 145 SER SER A . n 
C 3 46 ARG 46 146 146 ARG ARG A . n 
C 3 47 SER 47 147 147 SER SER A . n 
C 3 48 ASP 48 148 148 ASP ASP A . n 
C 3 49 HIS 49 149 149 HIS HIS A . n 
C 3 50 LEU 50 150 150 LEU LEU A . n 
C 3 51 THR 51 151 151 THR THR A . n 
C 3 52 THR 52 152 152 THR THR A . n 
C 3 53 HIS 53 153 153 HIS HIS A . n 
C 3 54 ILE 54 154 154 ILE ILE A . n 
C 3 55 ARG 55 155 155 ARG ARG A . n 
C 3 56 THR 56 156 156 THR THR A . n 
C 3 57 HIS 57 157 157 HIS HIS A . n 
C 3 58 THR 58 158 158 THR THR A . n 
C 3 59 GLY 59 159 159 GLY GLY A . n 
C 3 60 GLU 60 160 160 GLU GLU A . n 
C 3 61 LYS 61 161 161 LYS LYS A . n 
C 3 62 PRO 62 162 162 PRO PRO A . n 
C 3 63 PHE 63 163 163 PHE PHE A . n 
C 3 64 ALA 64 164 164 ALA ALA A . n 
C 3 65 CYS 65 165 165 CYS CYS A . n 
C 3 66 ASP 66 166 166 ASP ASP A . n 
C 3 67 ILE 67 167 167 ILE ILE A . n 
C 3 68 CYS 68 168 168 CYS CYS A . n 
C 3 69 GLY 69 169 169 GLY GLY A . n 
C 3 70 ARG 70 170 170 ARG ARG A . n 
C 3 71 LYS 71 171 171 LYS LYS A . n 
C 3 72 PHE 72 172 172 PHE PHE A . n 
C 3 73 ALA 73 173 173 ALA ALA A . n 
C 3 74 ARG 74 174 174 ARG ARG A . n 
C 3 75 SER 75 175 175 SER SER A . n 
C 3 76 ASP 76 176 176 ASP ASP A . n 
C 3 77 GLU 77 177 177 GLU GLU A . n 
C 3 78 ARG 78 178 178 ARG ARG A . n 
C 3 79 LYS 79 179 179 LYS LYS A . n 
C 3 80 ARG 80 180 180 ARG ARG A . n 
C 3 81 HIS 81 181 181 HIS HIS A . n 
C 3 82 THR 82 182 182 THR THR A . n 
C 3 83 LYS 83 183 183 LYS LYS A . n 
C 3 84 ILE 84 184 184 ILE ILE A . n 
C 3 85 HIS 85 185 185 HIS HIS A . n 
C 3 86 LEU 86 186 186 LEU LEU A . n 
C 3 87 ARG 87 187 187 ARG ARG A . n 
C 3 88 GLN 88 188 ?   ?   ?   A . n 
C 3 89 LYS 89 189 ?   ?   ?   A . n 
C 3 90 ASP 90 190 ?   ?   ?   A . n 
# 
loop_
_pdbx_nonpoly_scheme.asym_id 
_pdbx_nonpoly_scheme.entity_id 
_pdbx_nonpoly_scheme.mon_id 
_pdbx_nonpoly_scheme.ndb_seq_num 
_pdbx_nonpoly_scheme.pdb_seq_num 
_pdbx_nonpoly_scheme.auth_seq_num 
_pdbx_nonpoly_scheme.pdb_mon_id 
_pdbx_nonpoly_scheme.auth_mon_id 
_pdbx_nonpoly_scheme.pdb_strand_id 
_pdbx_nonpoly_scheme.pdb_ins_code 
D 4 ZN  1   201 201 ZN  ZN  A . 
E 4 ZN  1   202 202 ZN  ZN  A . 
F 4 ZN  1   203 203 ZN  ZN  A . 
G 5 HOH 1   301 301 HOH HOH B . 
G 5 HOH 2   302 302 HOH HOH B . 
G 5 HOH 3   303 303 HOH HOH B . 
G 5 HOH 4   304 304 HOH HOH B . 
G 5 HOH 5   305 305 HOH HOH B . 
G 5 HOH 6   308 308 HOH HOH B . 
G 5 HOH 7   309 309 HOH HOH B . 
G 5 HOH 8   310 310 HOH HOH B . 
G 5 HOH 9   313 313 HOH HOH B . 
G 5 HOH 10  314 314 HOH HOH B . 
G 5 HOH 11  315 315 HOH HOH B . 
G 5 HOH 12  329 329 HOH HOH B . 
G 5 HOH 13  330 330 HOH HOH B . 
G 5 HOH 14  331 331 HOH HOH B . 
G 5 HOH 15  332 332 HOH HOH B . 
G 5 HOH 16  333 333 HOH HOH B . 
G 5 HOH 17  334 334 HOH HOH B . 
G 5 HOH 18  335 335 HOH HOH B . 
G 5 HOH 19  344 344 HOH HOH B . 
G 5 HOH 20  346 346 HOH HOH B . 
G 5 HOH 21  347 347 HOH HOH B . 
G 5 HOH 22  348 348 HOH HOH B . 
G 5 HOH 23  349 349 HOH HOH B . 
G 5 HOH 24  350 350 HOH HOH B . 
G 5 HOH 25  351 351 HOH HOH B . 
G 5 HOH 26  352 352 HOH HOH B . 
G 5 HOH 27  353 353 HOH HOH B . 
G 5 HOH 28  354 354 HOH HOH B . 
G 5 HOH 29  407 407 HOH HOH B . 
G 5 HOH 30  440 440 HOH HOH B . 
G 5 HOH 31  441 441 HOH HOH B . 
G 5 HOH 32  452 452 HOH HOH B . 
G 5 HOH 33  453 453 HOH HOH B . 
G 5 HOH 34  457 457 HOH HOH B . 
G 5 HOH 35  460 460 HOH HOH B . 
G 5 HOH 36  463 463 HOH HOH B . 
G 5 HOH 37  466 466 HOH HOH B . 
G 5 HOH 38  470 470 HOH HOH B . 
G 5 HOH 39  472 472 HOH HOH B . 
G 5 HOH 40  474 474 HOH HOH B . 
G 5 HOH 41  496 496 HOH HOH B . 
G 5 HOH 42  498 498 HOH HOH B . 
G 5 HOH 43  501 501 HOH HOH B . 
G 5 HOH 44  537 537 HOH HOH B . 
G 5 HOH 45  543 543 HOH HOH B . 
G 5 HOH 46  544 544 HOH HOH B . 
G 5 HOH 47  545 545 HOH HOH B . 
G 5 HOH 48  546 546 HOH HOH B . 
G 5 HOH 49  547 547 HOH HOH B . 
G 5 HOH 50  548 548 HOH HOH B . 
G 5 HOH 51  551 551 HOH HOH B . 
H 5 HOH 1   306 306 HOH HOH C . 
H 5 HOH 2   307 307 HOH HOH C . 
H 5 HOH 3   311 311 HOH HOH C . 
H 5 HOH 4   312 312 HOH HOH C . 
H 5 HOH 5   316 316 HOH HOH C . 
H 5 HOH 6   317 317 HOH HOH C . 
H 5 HOH 7   318 318 HOH HOH C . 
H 5 HOH 8   319 319 HOH HOH C . 
H 5 HOH 9   320 320 HOH HOH C . 
H 5 HOH 10  321 321 HOH HOH C . 
H 5 HOH 11  322 322 HOH HOH C . 
H 5 HOH 12  323 323 HOH HOH C . 
H 5 HOH 13  324 324 HOH HOH C . 
H 5 HOH 14  325 325 HOH HOH C . 
H 5 HOH 15  326 326 HOH HOH C . 
H 5 HOH 16  327 327 HOH HOH C . 
H 5 HOH 17  328 328 HOH HOH C . 
H 5 HOH 18  366 366 HOH HOH C . 
H 5 HOH 19  367 367 HOH HOH C . 
H 5 HOH 20  371 371 HOH HOH C . 
H 5 HOH 21  372 372 HOH HOH C . 
H 5 HOH 22  374 374 HOH HOH C . 
H 5 HOH 23  375 375 HOH HOH C . 
H 5 HOH 24  376 376 HOH HOH C . 
H 5 HOH 25  377 377 HOH HOH C . 
H 5 HOH 26  378 378 HOH HOH C . 
H 5 HOH 27  379 379 HOH HOH C . 
H 5 HOH 28  380 380 HOH HOH C . 
H 5 HOH 29  381 381 HOH HOH C . 
H 5 HOH 30  382 382 HOH HOH C . 
H 5 HOH 31  383 383 HOH HOH C . 
H 5 HOH 32  386 386 HOH HOH C . 
H 5 HOH 33  387 387 HOH HOH C . 
H 5 HOH 34  396 396 HOH HOH C . 
H 5 HOH 35  397 397 HOH HOH C . 
H 5 HOH 36  400 400 HOH HOH C . 
H 5 HOH 37  403 403 HOH HOH C . 
H 5 HOH 38  404 404 HOH HOH C . 
H 5 HOH 39  411 411 HOH HOH C . 
H 5 HOH 40  414 414 HOH HOH C . 
H 5 HOH 41  415 415 HOH HOH C . 
H 5 HOH 42  416 416 HOH HOH C . 
H 5 HOH 43  417 417 HOH HOH C . 
H 5 HOH 44  418 418 HOH HOH C . 
H 5 HOH 45  419 419 HOH HOH C . 
H 5 HOH 46  420 420 HOH HOH C . 
H 5 HOH 47  421 421 HOH HOH C . 
H 5 HOH 48  422 422 HOH HOH C . 
H 5 HOH 49  423 423 HOH HOH C . 
H 5 HOH 50  424 424 HOH HOH C . 
H 5 HOH 51  425 425 HOH HOH C . 
H 5 HOH 52  426 426 HOH HOH C . 
H 5 HOH 53  427 427 HOH HOH C . 
H 5 HOH 54  428 428 HOH HOH C . 
H 5 HOH 55  429 429 HOH HOH C . 
H 5 HOH 56  430 430 HOH HOH C . 
H 5 HOH 57  431 431 HOH HOH C . 
H 5 HOH 58  432 432 HOH HOH C . 
H 5 HOH 59  433 433 HOH HOH C . 
H 5 HOH 60  434 434 HOH HOH C . 
H 5 HOH 61  435 435 HOH HOH C . 
H 5 HOH 62  436 436 HOH HOH C . 
H 5 HOH 63  437 437 HOH HOH C . 
H 5 HOH 64  442 442 HOH HOH C . 
H 5 HOH 65  467 467 HOH HOH C . 
H 5 HOH 66  468 468 HOH HOH C . 
H 5 HOH 67  469 469 HOH HOH C . 
H 5 HOH 68  513 513 HOH HOH C . 
H 5 HOH 69  517 517 HOH HOH C . 
H 5 HOH 70  549 549 HOH HOH C . 
H 5 HOH 71  552 552 HOH HOH C . 
I 5 HOH 1   336 336 HOH HOH A . 
I 5 HOH 2   337 337 HOH HOH A . 
I 5 HOH 3   338 338 HOH HOH A . 
I 5 HOH 4   339 339 HOH HOH A . 
I 5 HOH 5   340 340 HOH HOH A . 
I 5 HOH 6   341 341 HOH HOH A . 
I 5 HOH 7   342 342 HOH HOH A . 
I 5 HOH 8   343 343 HOH HOH A . 
I 5 HOH 9   345 345 HOH HOH A . 
I 5 HOH 10  355 355 HOH HOH A . 
I 5 HOH 11  356 356 HOH HOH A . 
I 5 HOH 12  357 357 HOH HOH A . 
I 5 HOH 13  358 358 HOH HOH A . 
I 5 HOH 14  359 359 HOH HOH A . 
I 5 HOH 15  360 360 HOH HOH A . 
I 5 HOH 16  361 361 HOH HOH A . 
I 5 HOH 17  362 362 HOH HOH A . 
I 5 HOH 18  363 363 HOH HOH A . 
I 5 HOH 19  364 364 HOH HOH A . 
I 5 HOH 20  365 365 HOH HOH A . 
I 5 HOH 21  368 368 HOH HOH A . 
I 5 HOH 22  369 369 HOH HOH A . 
I 5 HOH 23  370 370 HOH HOH A . 
I 5 HOH 24  373 373 HOH HOH A . 
I 5 HOH 25  384 384 HOH HOH A . 
I 5 HOH 26  385 385 HOH HOH A . 
I 5 HOH 27  388 388 HOH HOH A . 
I 5 HOH 28  389 389 HOH HOH A . 
I 5 HOH 29  390 390 HOH HOH A . 
I 5 HOH 30  391 391 HOH HOH A . 
I 5 HOH 31  392 392 HOH HOH A . 
I 5 HOH 32  393 393 HOH HOH A . 
I 5 HOH 33  394 394 HOH HOH A . 
I 5 HOH 34  395 395 HOH HOH A . 
I 5 HOH 35  398 398 HOH HOH A . 
I 5 HOH 36  399 399 HOH HOH A . 
I 5 HOH 37  401 401 HOH HOH A . 
I 5 HOH 38  402 402 HOH HOH A . 
I 5 HOH 39  405 405 HOH HOH A . 
I 5 HOH 40  406 406 HOH HOH A . 
I 5 HOH 41  408 408 HOH HOH A . 
I 5 HOH 42  409 409 HOH HOH A . 
I 5 HOH 43  410 410 HOH HOH A . 
I 5 HOH 44  412 412 HOH HOH A . 
I 5 HOH 45  413 413 HOH HOH A . 
I 5 HOH 46  438 438 HOH HOH A . 
I 5 HOH 47  439 439 HOH HOH A . 
I 5 HOH 48  443 443 HOH HOH A . 
I 5 HOH 49  444 444 HOH HOH A . 
I 5 HOH 50  445 445 HOH HOH A . 
I 5 HOH 51  446 446 HOH HOH A . 
I 5 HOH 52  447 447 HOH HOH A . 
I 5 HOH 53  448 448 HOH HOH A . 
I 5 HOH 54  449 449 HOH HOH A . 
I 5 HOH 55  450 450 HOH HOH A . 
I 5 HOH 56  451 451 HOH HOH A . 
I 5 HOH 57  454 454 HOH HOH A . 
I 5 HOH 58  455 455 HOH HOH A . 
I 5 HOH 59  456 456 HOH HOH A . 
I 5 HOH 60  458 458 HOH HOH A . 
I 5 HOH 61  459 459 HOH HOH A . 
I 5 HOH 62  461 461 HOH HOH A . 
I 5 HOH 63  462 462 HOH HOH A . 
I 5 HOH 64  464 464 HOH HOH A . 
I 5 HOH 65  465 465 HOH HOH A . 
I 5 HOH 66  471 471 HOH HOH A . 
I 5 HOH 67  473 473 HOH HOH A . 
I 5 HOH 68  475 475 HOH HOH A . 
I 5 HOH 69  476 476 HOH HOH A . 
I 5 HOH 70  477 477 HOH HOH A . 
I 5 HOH 71  478 478 HOH HOH A . 
I 5 HOH 72  479 479 HOH HOH A . 
I 5 HOH 73  480 480 HOH HOH A . 
I 5 HOH 74  481 481 HOH HOH A . 
I 5 HOH 75  482 482 HOH HOH A . 
I 5 HOH 76  483 483 HOH HOH A . 
I 5 HOH 77  484 484 HOH HOH A . 
I 5 HOH 78  485 485 HOH HOH A . 
I 5 HOH 79  486 486 HOH HOH A . 
I 5 HOH 80  487 487 HOH HOH A . 
I 5 HOH 81  488 488 HOH HOH A . 
I 5 HOH 82  489 489 HOH HOH A . 
I 5 HOH 83  490 490 HOH HOH A . 
I 5 HOH 84  491 491 HOH HOH A . 
I 5 HOH 85  492 492 HOH HOH A . 
I 5 HOH 86  493 493 HOH HOH A . 
I 5 HOH 87  494 494 HOH HOH A . 
I 5 HOH 88  495 495 HOH HOH A . 
I 5 HOH 89  497 497 HOH HOH A . 
I 5 HOH 90  499 499 HOH HOH A . 
I 5 HOH 91  500 500 HOH HOH A . 
I 5 HOH 92  502 502 HOH HOH A . 
I 5 HOH 93  503 503 HOH HOH A . 
I 5 HOH 94  504 504 HOH HOH A . 
I 5 HOH 95  505 505 HOH HOH A . 
I 5 HOH 96  506 506 HOH HOH A . 
I 5 HOH 97  507 507 HOH HOH A . 
I 5 HOH 98  508 508 HOH HOH A . 
I 5 HOH 99  509 509 HOH HOH A . 
I 5 HOH 100 510 510 HOH HOH A . 
I 5 HOH 101 511 511 HOH HOH A . 
I 5 HOH 102 512 512 HOH HOH A . 
I 5 HOH 103 514 514 HOH HOH A . 
I 5 HOH 104 515 515 HOH HOH A . 
I 5 HOH 105 516 516 HOH HOH A . 
I 5 HOH 106 518 518 HOH HOH A . 
I 5 HOH 107 519 519 HOH HOH A . 
I 5 HOH 108 520 520 HOH HOH A . 
I 5 HOH 109 521 521 HOH HOH A . 
I 5 HOH 110 522 522 HOH HOH A . 
I 5 HOH 111 523 523 HOH HOH A . 
I 5 HOH 112 524 524 HOH HOH A . 
I 5 HOH 113 525 525 HOH HOH A . 
I 5 HOH 114 526 526 HOH HOH A . 
I 5 HOH 115 527 527 HOH HOH A . 
I 5 HOH 116 528 528 HOH HOH A . 
I 5 HOH 117 529 529 HOH HOH A . 
I 5 HOH 118 530 530 HOH HOH A . 
I 5 HOH 119 531 531 HOH HOH A . 
I 5 HOH 120 532 532 HOH HOH A . 
I 5 HOH 121 533 533 HOH HOH A . 
I 5 HOH 122 534 534 HOH HOH A . 
I 5 HOH 123 535 535 HOH HOH A . 
I 5 HOH 124 536 536 HOH HOH A . 
I 5 HOH 125 538 538 HOH HOH A . 
I 5 HOH 126 539 539 HOH HOH A . 
I 5 HOH 127 540 540 HOH HOH A . 
I 5 HOH 128 541 541 HOH HOH A . 
I 5 HOH 129 542 542 HOH HOH A . 
I 5 HOH 130 550 550 HOH HOH A . 
I 5 HOH 131 553 553 HOH HOH A . 
I 5 HOH 132 554 554 HOH HOH A . 
I 5 HOH 133 555 555 HOH HOH A . 
# 
_pdbx_struct_assembly.id                   1 
_pdbx_struct_assembly.details              author_defined_assembly 
_pdbx_struct_assembly.method_details       ? 
_pdbx_struct_assembly.oligomeric_details   trimeric 
_pdbx_struct_assembly.oligomeric_count     3 
# 
_pdbx_struct_assembly_gen.assembly_id       1 
_pdbx_struct_assembly_gen.oper_expression   1 
_pdbx_struct_assembly_gen.asym_id_list      A,B,C,D,E,F,G,H,I 
# 
_pdbx_struct_oper_list.id                   1 
_pdbx_struct_oper_list.type                 'identity operation' 
_pdbx_struct_oper_list.name                 1_555 
_pdbx_struct_oper_list.symmetry_operation   x,y,z 
_pdbx_struct_oper_list.matrix[1][1]         1.0000000000 
_pdbx_struct_oper_list.matrix[1][2]         0.0000000000 
_pdbx_struct_oper_list.matrix[1][3]         0.0000000000 
_pdbx_struct_oper_list.vector[1]            0.0000000000 
_pdbx_struct_oper_list.matrix[2][1]         0.0000000000 
_pdbx_struct_oper_list.matrix[2][2]         1.0000000000 
_pdbx_struct_oper_list.matrix[2][3]         0.0000000000 
_pdbx_struct_oper_list.vector[2]            0.0000000000 
_pdbx_struct_oper_list.matrix[3][1]         0.0000000000 
_pdbx_struct_oper_list.matrix[3][2]         0.0000000000 
_pdbx_struct_oper_list.matrix[3][3]         1.0000000000 
_pdbx_struct_oper_list.vector[3]            0.0000000000 
# 
_pdbx_struct_special_symmetry.id              1 
_pdbx_struct_special_symmetry.PDB_model_num   1 
_pdbx_struct_special_symmetry.auth_asym_id    A 
_pdbx_struct_special_symmetry.auth_comp_id    HOH 
_pdbx_struct_special_symmetry.auth_seq_id     482 
_pdbx_struct_special_symmetry.PDB_ins_code    ? 
_pdbx_struct_special_symmetry.label_asym_id   I 
_pdbx_struct_special_symmetry.label_comp_id   HOH 
_pdbx_struct_special_symmetry.label_seq_id    . 
# 
loop_
_pdbx_struct_conn_angle.id 
_pdbx_struct_conn_angle.ptnr1_label_atom_id 
_pdbx_struct_conn_angle.ptnr1_label_alt_id 
_pdbx_struct_conn_angle.ptnr1_label_asym_id 
_pdbx_struct_conn_angle.ptnr1_label_comp_id 
_pdbx_struct_conn_angle.ptnr1_label_seq_id 
_pdbx_struct_conn_angle.ptnr1_auth_atom_id 
_pdbx_struct_conn_angle.ptnr1_auth_asym_id 
_pdbx_struct_conn_angle.ptnr1_auth_comp_id 
_pdbx_struct_conn_angle.ptnr1_auth_seq_id 
_pdbx_struct_conn_angle.ptnr1_PDB_ins_code 
_pdbx_struct_conn_angle.ptnr1_symmetry 
_pdbx_struct_conn_angle.ptnr2_label_atom_id 
_pdbx_struct_conn_angle.ptnr2_label_alt_id 
_pdbx_struct_conn_angle.ptnr2_label_asym_id 
_pdbx_struct_conn_angle.ptnr2_label_comp_id 
_pdbx_struct_conn_angle.ptnr2_label_seq_id 
_pdbx_struct_conn_angle.ptnr2_auth_atom_id 
_pdbx_struct_conn_angle.ptnr2_auth_asym_id 
_pdbx_struct_conn_angle.ptnr2_auth_comp_id 
_pdbx_struct_conn_angle.ptnr2_auth_seq_id 
_pdbx_struct_conn_angle.ptnr2_PDB_ins_code 
_pdbx_struct_conn_angle.ptnr2_symmetry 
_pdbx_struct_conn_angle.ptnr3_label_atom_id 
_pdbx_struct_conn_angle.ptnr3_label_alt_id 
_pdbx_struct_conn_angle.ptnr3_label_asym_id 
_pdbx_struct_conn_angle.ptnr3_label_comp_id 
_pdbx_struct_conn_angle.ptnr3_label_seq_id 
_pdbx_struct_conn_angle.ptnr3_auth_atom_id 
_pdbx_struct_conn_angle.ptnr3_auth_asym_id 
_pdbx_struct_conn_angle.ptnr3_auth_comp_id 
_pdbx_struct_conn_angle.ptnr3_auth_seq_id 
_pdbx_struct_conn_angle.ptnr3_PDB_ins_code 
_pdbx_struct_conn_angle.ptnr3_symmetry 
_pdbx_struct_conn_angle.value 
_pdbx_struct_conn_angle.value_esd 
1  SG  ? C CYS 7  ? A CYS 107 ? 1_555 ZN ? D ZN . ? A ZN 201 ? 1_555 SG  ? C CYS 12 ? A CYS 112 ? 1_555 114.7 ? 
2  SG  ? C CYS 7  ? A CYS 107 ? 1_555 ZN ? D ZN . ? A ZN 201 ? 1_555 NE2 ? C HIS 25 ? A HIS 125 ? 1_555 107.7 ? 
3  SG  ? C CYS 12 ? A CYS 112 ? 1_555 ZN ? D ZN . ? A ZN 201 ? 1_555 NE2 ? C HIS 25 ? A HIS 125 ? 1_555 108.6 ? 
4  SG  ? C CYS 7  ? A CYS 107 ? 1_555 ZN ? D ZN . ? A ZN 201 ? 1_555 NE2 ? C HIS 29 ? A HIS 129 ? 1_555 103.1 ? 
5  SG  ? C CYS 12 ? A CYS 112 ? 1_555 ZN ? D ZN . ? A ZN 201 ? 1_555 NE2 ? C HIS 29 ? A HIS 129 ? 1_555 117.6 ? 
6  NE2 ? C HIS 25 ? A HIS 125 ? 1_555 ZN ? D ZN . ? A ZN 201 ? 1_555 NE2 ? C HIS 29 ? A HIS 129 ? 1_555 104.3 ? 
7  SG  ? C CYS 37 ? A CYS 137 ? 1_555 ZN ? E ZN . ? A ZN 202 ? 1_555 SG  ? C CYS 40 ? A CYS 140 ? 1_555 117.1 ? 
8  SG  ? C CYS 37 ? A CYS 137 ? 1_555 ZN ? E ZN . ? A ZN 202 ? 1_555 NE2 ? C HIS 53 ? A HIS 153 ? 1_555 111.0 ? 
9  SG  ? C CYS 40 ? A CYS 140 ? 1_555 ZN ? E ZN . ? A ZN 202 ? 1_555 NE2 ? C HIS 53 ? A HIS 153 ? 1_555 105.1 ? 
10 SG  ? C CYS 37 ? A CYS 137 ? 1_555 ZN ? E ZN . ? A ZN 202 ? 1_555 NE2 ? C HIS 57 ? A HIS 157 ? 1_555 109.9 ? 
11 SG  ? C CYS 40 ? A CYS 140 ? 1_555 ZN ? E ZN . ? A ZN 202 ? 1_555 NE2 ? C HIS 57 ? A HIS 157 ? 1_555 112.0 ? 
12 NE2 ? C HIS 53 ? A HIS 153 ? 1_555 ZN ? E ZN . ? A ZN 202 ? 1_555 NE2 ? C HIS 57 ? A HIS 157 ? 1_555 100.3 ? 
13 SG  ? C CYS 65 ? A CYS 165 ? 1_555 ZN ? F ZN . ? A ZN 203 ? 1_555 SG  ? C CYS 68 ? A CYS 168 ? 1_555 115.7 ? 
14 SG  ? C CYS 65 ? A CYS 165 ? 1_555 ZN ? F ZN . ? A ZN 203 ? 1_555 NE2 ? C HIS 81 ? A HIS 181 ? 1_555 107.3 ? 
15 SG  ? C CYS 68 ? A CYS 168 ? 1_555 ZN ? F ZN . ? A ZN 203 ? 1_555 NE2 ? C HIS 81 ? A HIS 181 ? 1_555 103.6 ? 
16 SG  ? C CYS 65 ? A CYS 165 ? 1_555 ZN ? F ZN . ? A ZN 203 ? 1_555 NE2 ? C HIS 85 ? A HIS 185 ? 1_555 106.5 ? 
17 SG  ? C CYS 68 ? A CYS 168 ? 1_555 ZN ? F ZN . ? A ZN 203 ? 1_555 NE2 ? C HIS 85 ? A HIS 185 ? 1_555 114.5 ? 
18 NE2 ? C HIS 81 ? A HIS 181 ? 1_555 ZN ? F ZN . ? A ZN 203 ? 1_555 NE2 ? C HIS 85 ? A HIS 185 ? 1_555 109.0 ? 
# 
loop_
_pdbx_audit_revision_history.ordinal 
_pdbx_audit_revision_history.data_content_type 
_pdbx_audit_revision_history.major_revision 
_pdbx_audit_revision_history.minor_revision 
_pdbx_audit_revision_history.revision_date 
1 'Structure model' 1 0 1998-06-17 
2 'Structure model' 1 1 2008-05-22 
3 'Structure model' 1 2 2011-07-13 
4 'Structure model' 1 3 2011-11-16 
5 'Structure model' 1 4 2023-08-02 
# 
_pdbx_audit_revision_details.ordinal             1 
_pdbx_audit_revision_details.revision_ordinal    1 
_pdbx_audit_revision_details.data_content_type   'Structure model' 
_pdbx_audit_revision_details.provider            repository 
_pdbx_audit_revision_details.type                'Initial release' 
_pdbx_audit_revision_details.description         ? 
_pdbx_audit_revision_details.details             ? 
# 
loop_
_pdbx_audit_revision_group.ordinal 
_pdbx_audit_revision_group.revision_ordinal 
_pdbx_audit_revision_group.data_content_type 
_pdbx_audit_revision_group.group 
1 2 'Structure model' 'Version format compliance' 
2 3 'Structure model' 'Version format compliance' 
3 4 'Structure model' 'Atomic model'              
4 5 'Structure model' 'Database references'       
5 5 'Structure model' 'Derived calculations'      
6 5 'Structure model' 'Refinement description'    
# 
loop_
_pdbx_audit_revision_category.ordinal 
_pdbx_audit_revision_category.revision_ordinal 
_pdbx_audit_revision_category.data_content_type 
_pdbx_audit_revision_category.category 
1 5 'Structure model' database_2                    
2 5 'Structure model' pdbx_initial_refinement_model 
3 5 'Structure model' struct_conn                   
4 5 'Structure model' struct_ref_seq_dif            
5 5 'Structure model' struct_site                   
# 
loop_
_pdbx_audit_revision_item.ordinal 
_pdbx_audit_revision_item.revision_ordinal 
_pdbx_audit_revision_item.data_content_type 
_pdbx_audit_revision_item.item 
1  5 'Structure model' '_database_2.pdbx_DOI'                
2  5 'Structure model' '_database_2.pdbx_database_accession' 
3  5 'Structure model' '_struct_conn.ptnr1_auth_comp_id'     
4  5 'Structure model' '_struct_conn.ptnr1_auth_seq_id'      
5  5 'Structure model' '_struct_conn.ptnr1_label_asym_id'    
6  5 'Structure model' '_struct_conn.ptnr1_label_atom_id'    
7  5 'Structure model' '_struct_conn.ptnr1_label_comp_id'    
8  5 'Structure model' '_struct_conn.ptnr1_label_seq_id'     
9  5 'Structure model' '_struct_conn.ptnr2_auth_comp_id'     
10 5 'Structure model' '_struct_conn.ptnr2_auth_seq_id'      
11 5 'Structure model' '_struct_conn.ptnr2_label_asym_id'    
12 5 'Structure model' '_struct_conn.ptnr2_label_atom_id'    
13 5 'Structure model' '_struct_conn.ptnr2_label_comp_id'    
14 5 'Structure model' '_struct_conn.ptnr2_label_seq_id'     
15 5 'Structure model' '_struct_ref_seq_dif.details'         
16 5 'Structure model' '_struct_site.pdbx_auth_asym_id'      
17 5 'Structure model' '_struct_site.pdbx_auth_comp_id'      
18 5 'Structure model' '_struct_site.pdbx_auth_seq_id'       
# 
loop_
_software.name 
_software.classification 
_software.version 
_software.citation_id 
_software.pdbx_ordinal 
X-PLOR    'model building' .     ? 1 
X-PLOR    refinement       3.843 ? 2 
DENZO     'data reduction' .     ? 3 
SCALEPACK 'data scaling'   .     ? 4 
X-PLOR    phasing          .     ? 5 
# 
_pdbx_validate_rmsd_angle.id                         1 
_pdbx_validate_rmsd_angle.PDB_model_num              1 
_pdbx_validate_rmsd_angle.auth_atom_id_1             "C3'" 
_pdbx_validate_rmsd_angle.auth_asym_id_1             B 
_pdbx_validate_rmsd_angle.auth_comp_id_1             DC 
_pdbx_validate_rmsd_angle.auth_seq_id_1              3 
_pdbx_validate_rmsd_angle.PDB_ins_code_1             ? 
_pdbx_validate_rmsd_angle.label_alt_id_1             ? 
_pdbx_validate_rmsd_angle.auth_atom_id_2             "C2'" 
_pdbx_validate_rmsd_angle.auth_asym_id_2             B 
_pdbx_validate_rmsd_angle.auth_comp_id_2             DC 
_pdbx_validate_rmsd_angle.auth_seq_id_2              3 
_pdbx_validate_rmsd_angle.PDB_ins_code_2             ? 
_pdbx_validate_rmsd_angle.label_alt_id_2             ? 
_pdbx_validate_rmsd_angle.auth_atom_id_3             "C1'" 
_pdbx_validate_rmsd_angle.auth_asym_id_3             B 
_pdbx_validate_rmsd_angle.auth_comp_id_3             DC 
_pdbx_validate_rmsd_angle.auth_seq_id_3              3 
_pdbx_validate_rmsd_angle.PDB_ins_code_3             ? 
_pdbx_validate_rmsd_angle.label_alt_id_3             ? 
_pdbx_validate_rmsd_angle.angle_value                97.56 
_pdbx_validate_rmsd_angle.angle_target_value         102.40 
_pdbx_validate_rmsd_angle.angle_deviation            -4.84 
_pdbx_validate_rmsd_angle.angle_standard_deviation   0.80 
_pdbx_validate_rmsd_angle.linker_flag                N 
# 
loop_
_pdbx_unobs_or_zero_occ_residues.id 
_pdbx_unobs_or_zero_occ_residues.PDB_model_num 
_pdbx_unobs_or_zero_occ_residues.polymer_flag 
_pdbx_unobs_or_zero_occ_residues.occupancy_flag 
_pdbx_unobs_or_zero_occ_residues.auth_asym_id 
_pdbx_unobs_or_zero_occ_residues.auth_comp_id 
_pdbx_unobs_or_zero_occ_residues.auth_seq_id 
_pdbx_unobs_or_zero_occ_residues.PDB_ins_code 
_pdbx_unobs_or_zero_occ_residues.label_asym_id 
_pdbx_unobs_or_zero_occ_residues.label_comp_id 
_pdbx_unobs_or_zero_occ_residues.label_seq_id 
1 1 Y 1 A MET 101 ? C MET 1  
2 1 Y 1 A GLU 102 ? C GLU 2  
3 1 Y 1 A GLN 188 ? C GLN 88 
4 1 Y 1 A LYS 189 ? C LYS 89 
5 1 Y 1 A ASP 190 ? C ASP 90 
# 
loop_
_ndb_struct_conf_na.entry_id 
_ndb_struct_conf_na.feature 
1A1I 'double helix'        
1A1I 'b-form double helix' 
# 
loop_
_ndb_struct_na_base_pair.model_number 
_ndb_struct_na_base_pair.i_label_asym_id 
_ndb_struct_na_base_pair.i_label_comp_id 
_ndb_struct_na_base_pair.i_label_seq_id 
_ndb_struct_na_base_pair.i_symmetry 
_ndb_struct_na_base_pair.j_label_asym_id 
_ndb_struct_na_base_pair.j_label_comp_id 
_ndb_struct_na_base_pair.j_label_seq_id 
_ndb_struct_na_base_pair.j_symmetry 
_ndb_struct_na_base_pair.shear 
_ndb_struct_na_base_pair.stretch 
_ndb_struct_na_base_pair.stagger 
_ndb_struct_na_base_pair.buckle 
_ndb_struct_na_base_pair.propeller 
_ndb_struct_na_base_pair.opening 
_ndb_struct_na_base_pair.pair_number 
_ndb_struct_na_base_pair.pair_name 
_ndb_struct_na_base_pair.i_auth_asym_id 
_ndb_struct_na_base_pair.i_auth_seq_id 
_ndb_struct_na_base_pair.i_PDB_ins_code 
_ndb_struct_na_base_pair.j_auth_asym_id 
_ndb_struct_na_base_pair.j_auth_seq_id 
_ndb_struct_na_base_pair.j_PDB_ins_code 
_ndb_struct_na_base_pair.hbond_type_28 
_ndb_struct_na_base_pair.hbond_type_12 
1 A DG 2  1_555 B DC 11 1_555 -0.371 -0.104 -0.247 -8.970 -2.378  1.366  1  B_DG2:DC61_C  B 2  ? C 61 ? 19 1 
1 A DC 3  1_555 B DG 10 1_555 0.371  -0.160 -0.576 14.851 -7.280  1.967  2  B_DC3:DG60_C  B 3  ? C 60 ? 19 1 
1 A DG 4  1_555 B DC 9  1_555 -0.213 -0.068 -0.230 -8.597 -3.729  -1.835 3  B_DG4:DC59_C  B 4  ? C 59 ? 19 1 
1 A DT 5  1_555 B DA 8  1_555 0.137  -0.003 -0.257 5.574  -3.138  2.680  4  B_DT5:DA58_C  B 5  ? C 58 ? 20 1 
1 A DG 6  1_555 B DC 7  1_555 -0.196 0.036  0.147  1.286  -7.725  0.869  5  B_DG6:DC57_C  B 6  ? C 57 ? 19 1 
1 A DG 7  1_555 B DC 6  1_555 -0.202 -0.099 -0.014 0.523  -6.063  -0.920 6  B_DG7:DC56_C  B 7  ? C 56 ? 19 1 
1 A DG 8  1_555 B DC 5  1_555 -0.212 -0.121 -0.110 -2.673 -9.761  -0.494 7  B_DG8:DC55_C  B 8  ? C 55 ? 19 1 
1 A DC 9  1_555 B DG 4  1_555 0.038  -0.043 -0.337 4.557  -0.142  0.049  8  B_DC9:DG54_C  B 9  ? C 54 ? 19 1 
1 A DA 10 1_555 B DT 3  1_555 0.098  -0.033 -0.006 -1.760 -13.410 0.554  9  B_DA10:DT53_C B 10 ? C 53 ? 20 1 
1 A DC 11 1_555 B DG 2  1_555 0.303  0.014  -0.133 7.498  -12.301 4.011  10 B_DC11:DG52_C B 11 ? C 52 ? 19 1 
# 
loop_
_ndb_struct_na_base_pair_step.model_number 
_ndb_struct_na_base_pair_step.i_label_asym_id_1 
_ndb_struct_na_base_pair_step.i_label_comp_id_1 
_ndb_struct_na_base_pair_step.i_label_seq_id_1 
_ndb_struct_na_base_pair_step.i_symmetry_1 
_ndb_struct_na_base_pair_step.j_label_asym_id_1 
_ndb_struct_na_base_pair_step.j_label_comp_id_1 
_ndb_struct_na_base_pair_step.j_label_seq_id_1 
_ndb_struct_na_base_pair_step.j_symmetry_1 
_ndb_struct_na_base_pair_step.i_label_asym_id_2 
_ndb_struct_na_base_pair_step.i_label_comp_id_2 
_ndb_struct_na_base_pair_step.i_label_seq_id_2 
_ndb_struct_na_base_pair_step.i_symmetry_2 
_ndb_struct_na_base_pair_step.j_label_asym_id_2 
_ndb_struct_na_base_pair_step.j_label_comp_id_2 
_ndb_struct_na_base_pair_step.j_label_seq_id_2 
_ndb_struct_na_base_pair_step.j_symmetry_2 
_ndb_struct_na_base_pair_step.shift 
_ndb_struct_na_base_pair_step.slide 
_ndb_struct_na_base_pair_step.rise 
_ndb_struct_na_base_pair_step.tilt 
_ndb_struct_na_base_pair_step.roll 
_ndb_struct_na_base_pair_step.twist 
_ndb_struct_na_base_pair_step.x_displacement 
_ndb_struct_na_base_pair_step.y_displacement 
_ndb_struct_na_base_pair_step.helical_rise 
_ndb_struct_na_base_pair_step.inclination 
_ndb_struct_na_base_pair_step.tip 
_ndb_struct_na_base_pair_step.helical_twist 
_ndb_struct_na_base_pair_step.step_number 
_ndb_struct_na_base_pair_step.step_name 
_ndb_struct_na_base_pair_step.i_auth_asym_id_1 
_ndb_struct_na_base_pair_step.i_auth_seq_id_1 
_ndb_struct_na_base_pair_step.i_PDB_ins_code_1 
_ndb_struct_na_base_pair_step.j_auth_asym_id_1 
_ndb_struct_na_base_pair_step.j_auth_seq_id_1 
_ndb_struct_na_base_pair_step.j_PDB_ins_code_1 
_ndb_struct_na_base_pair_step.i_auth_asym_id_2 
_ndb_struct_na_base_pair_step.i_auth_seq_id_2 
_ndb_struct_na_base_pair_step.i_PDB_ins_code_2 
_ndb_struct_na_base_pair_step.j_auth_asym_id_2 
_ndb_struct_na_base_pair_step.j_auth_seq_id_2 
_ndb_struct_na_base_pair_step.j_PDB_ins_code_2 
1 A DG 2  1_555 B DC 11 1_555 A DC 3  1_555 B DG 10 1_555 0.847  -0.131 2.735 3.403  3.781  25.524 -1.174 -1.088 2.774 8.451  
-7.607 26.018 1 BB_DG2DC3:DG60DC61_CC   B 2  ? C 61 ? B 3  ? C 60 ? 
1 A DC 3  1_555 B DG 10 1_555 A DG 4  1_555 B DC 9  1_555 -0.823 -0.399 3.710 -5.722 11.121 37.221 -2.109 0.447  3.537 16.850 
8.670  39.195 2 BB_DC3DG4:DC59DG60_CC   B 3  ? C 60 ? B 4  ? C 59 ? 
1 A DG 4  1_555 B DC 9  1_555 A DT 5  1_555 B DA 8  1_555 0.545  -0.528 3.045 1.418  5.168  27.326 -2.238 -0.821 2.921 10.807 
-2.964 27.836 3 BB_DG4DT5:DA58DC59_CC   B 4  ? C 59 ? B 5  ? C 58 ? 
1 A DT 5  1_555 B DA 8  1_555 A DG 6  1_555 B DC 7  1_555 -1.067 -0.250 3.458 -7.696 2.278  32.786 -0.836 0.474  3.584 3.963  
13.386 33.728 4 BB_DT5DG6:DC57DA58_CC   B 5  ? C 58 ? B 6  ? C 57 ? 
1 A DG 6  1_555 B DC 7  1_555 A DG 7  1_555 B DC 6  1_555 -0.659 -0.695 3.380 -0.219 4.407  32.586 -1.997 1.126  3.265 7.810  
0.389  32.875 5 BB_DG6DG7:DC56DC57_CC   B 6  ? C 57 ? B 7  ? C 56 ? 
1 A DG 7  1_555 B DC 6  1_555 A DG 8  1_555 B DC 5  1_555 0.054  -0.646 3.445 -2.970 7.772  36.540 -2.061 -0.488 3.231 12.202 
4.663  37.443 6 BB_DG7DG8:DC55DC56_CC   B 7  ? C 56 ? B 8  ? C 55 ? 
1 A DG 8  1_555 B DC 5  1_555 A DC 9  1_555 B DG 4  1_555 1.123  -0.587 3.064 3.979  1.519  28.762 -1.489 -1.403 3.153 3.037  
-7.954 29.069 7 BB_DG8DC9:DG54DC55_CC   B 8  ? C 55 ? B 9  ? C 54 ? 
1 A DC 9  1_555 B DG 4  1_555 A DA 10 1_555 B DT 3  1_555 -1.362 0.180  3.589 -3.754 4.413  34.030 -0.465 1.643  3.707 7.474  
6.356  34.506 8 BB_DC9DA10:DT53DG54_CC  B 9  ? C 54 ? B 10 ? C 53 ? 
1 A DA 10 1_555 B DT 3  1_555 A DC 11 1_555 B DG 2  1_555 0.391  -0.488 3.053 1.163  1.740  30.202 -1.262 -0.530 3.033 3.335  
-2.228 30.272 9 BB_DA10DC11:DG52DT53_CC B 10 ? C 53 ? B 11 ? C 52 ? 
# 
loop_
_pdbx_entity_nonpoly.entity_id 
_pdbx_entity_nonpoly.name 
_pdbx_entity_nonpoly.comp_id 
4 'ZINC ION' ZN  
5 water      HOH 
# 
_pdbx_initial_refinement_model.id               1 
_pdbx_initial_refinement_model.entity_id_list   ? 
_pdbx_initial_refinement_model.type             'experimental model' 
_pdbx_initial_refinement_model.source_name      PDB 
_pdbx_initial_refinement_model.accession_code   1AAY 
_pdbx_initial_refinement_model.details          'PDB ENTRY 1AAY, WITHOUT WATERS AND WITHOUT SIDE CHAINS FOR RESIDUES 18 - 24' 
# 
